data_8ILT
#
_entry.id   8ILT
#
_cell.length_a   149.964
_cell.length_b   59.988
_cell.length_c   166.039
_cell.angle_alpha   90.00
_cell.angle_beta   99.24
_cell.angle_gamma   90.00
#
_symmetry.space_group_name_H-M   'P 1 21 1'
#
loop_
_entity.id
_entity.type
_entity.pdbx_description
1 polymer Carboxylesterase
2 water water
#
_entity_poly.entity_id   1
_entity_poly.type   'polypeptide(L)'
_entity_poly.pdbx_seq_one_letter_code
;MMKIVPPKPFFFEAGERAVLLLHGFTGNSADVRMLGRFLESKGYTCHAPIYKGHGVPPEELVHTGPDDWWQDVMNGYEFL
KNKGYEKIAVAGLSLGGVFSLKLGYTVPIEGIVTMCAPMYIKSEETSYELVLEYAREYKKREGKSEEQIEQEMEKFKQTP
MKTLKALQELKADVRDHLDLIYAPTFVVQARHDEMINPDSANIIYNEIESPVKQIKWYEQSGHVITLDQEKDQLHEDIYA
FLESLDWLEHHHHHH
;
_entity_poly.pdbx_strand_id   A,B,C,D,E,F,G,H,I
#
# COMPACT_ATOMS: atom_id res chain seq x y z
N MET A 1 -5.83 1.74 32.26
CA MET A 1 -6.45 1.71 30.90
C MET A 1 -5.64 0.79 29.98
N MET A 2 -6.22 0.42 28.83
CA MET A 2 -5.79 -0.76 28.09
C MET A 2 -6.48 -0.70 26.71
N LYS A 3 -5.77 -0.96 25.61
CA LYS A 3 -6.41 -1.14 24.31
C LYS A 3 -7.22 -2.45 24.38
N ILE A 4 -8.39 -2.50 23.72
CA ILE A 4 -9.19 -3.72 23.57
C ILE A 4 -8.98 -4.29 22.16
N VAL A 5 -8.55 -5.56 22.10
CA VAL A 5 -8.24 -6.23 20.85
C VAL A 5 -9.53 -6.46 20.08
N PRO A 6 -9.67 -5.91 18.85
CA PRO A 6 -10.88 -6.13 18.05
C PRO A 6 -11.02 -7.54 17.53
N PRO A 7 -12.27 -7.99 17.23
CA PRO A 7 -12.54 -9.32 16.68
C PRO A 7 -12.27 -9.48 15.19
N LYS A 8 -11.94 -10.71 14.77
CA LYS A 8 -11.56 -10.95 13.38
C LYS A 8 -12.68 -11.73 12.70
N PRO A 9 -12.80 -11.64 11.36
CA PRO A 9 -13.64 -12.55 10.60
C PRO A 9 -13.06 -13.96 10.68
N PHE A 10 -13.81 -14.93 10.15
CA PHE A 10 -13.33 -16.29 10.06
C PHE A 10 -13.80 -16.88 8.73
N PHE A 11 -13.01 -17.88 8.29
CA PHE A 11 -13.22 -18.64 7.06
C PHE A 11 -12.82 -20.10 7.31
N PHE A 12 -13.83 -20.96 7.37
CA PHE A 12 -13.65 -22.38 7.59
C PHE A 12 -13.83 -23.12 6.27
N GLU A 13 -12.70 -23.46 5.63
CA GLU A 13 -12.65 -24.22 4.40
C GLU A 13 -12.93 -25.67 4.75
N ALA A 14 -13.92 -26.22 4.04
CA ALA A 14 -14.28 -27.62 4.08
C ALA A 14 -14.55 -28.03 2.64
N GLY A 15 -15.83 -27.95 2.22
CA GLY A 15 -16.28 -28.60 1.02
C GLY A 15 -16.87 -27.60 0.03
N GLU A 16 -17.54 -28.14 -0.98
CA GLU A 16 -17.97 -27.36 -2.14
C GLU A 16 -19.24 -26.56 -1.80
N ARG A 17 -19.95 -26.93 -0.73
CA ARG A 17 -21.09 -26.13 -0.30
C ARG A 17 -20.63 -25.05 0.68
N ALA A 18 -21.28 -23.88 0.55
CA ALA A 18 -20.85 -22.64 1.15
C ALA A 18 -22.00 -22.03 1.94
N VAL A 19 -21.67 -21.42 3.09
CA VAL A 19 -22.65 -20.72 3.90
C VAL A 19 -22.01 -19.43 4.41
N LEU A 20 -22.68 -18.31 4.18
CA LEU A 20 -22.34 -17.00 4.74
C LEU A 20 -23.02 -16.85 6.08
N LEU A 21 -22.25 -16.50 7.13
CA LEU A 21 -22.83 -16.38 8.47
C LEU A 21 -22.76 -14.94 8.96
N LEU A 22 -23.92 -14.40 9.39
CA LEU A 22 -24.07 -12.97 9.65
C LEU A 22 -24.53 -12.70 11.08
N HIS A 23 -23.81 -11.81 11.77
CA HIS A 23 -23.95 -11.64 13.20
C HIS A 23 -24.93 -10.53 13.58
N GLY A 24 -25.08 -10.35 14.90
CA GLY A 24 -26.07 -9.42 15.42
C GLY A 24 -25.47 -8.04 15.64
N PHE A 25 -26.38 -7.06 15.82
CA PHE A 25 -26.02 -5.66 16.03
C PHE A 25 -25.26 -5.58 17.35
N THR A 26 -24.09 -4.91 17.30
CA THR A 26 -23.10 -4.77 18.38
C THR A 26 -22.32 -6.04 18.67
N GLY A 27 -22.71 -7.19 18.08
CA GLY A 27 -21.98 -8.42 18.26
C GLY A 27 -20.78 -8.49 17.31
N ASN A 28 -20.33 -9.71 17.01
CA ASN A 28 -19.26 -9.98 16.06
C ASN A 28 -19.35 -11.44 15.61
N SER A 29 -18.30 -11.95 14.95
CA SER A 29 -18.28 -13.30 14.38
C SER A 29 -18.44 -14.38 15.45
N ALA A 30 -18.04 -14.10 16.71
CA ALA A 30 -18.30 -14.97 17.85
C ALA A 30 -19.78 -15.38 17.97
N ASP A 31 -20.72 -14.51 17.56
CA ASP A 31 -22.15 -14.81 17.60
C ASP A 31 -22.50 -16.07 16.78
N VAL A 32 -21.64 -16.43 15.81
CA VAL A 32 -21.98 -17.47 14.86
C VAL A 32 -20.83 -18.47 14.67
N ARG A 33 -19.86 -18.52 15.60
CA ARG A 33 -18.64 -19.29 15.39
C ARG A 33 -18.89 -20.78 15.65
N MET A 34 -19.65 -21.06 16.71
CA MET A 34 -19.98 -22.42 17.08
C MET A 34 -20.79 -23.11 15.97
N LEU A 35 -21.73 -22.37 15.37
CA LEU A 35 -22.51 -22.84 14.23
C LEU A 35 -21.56 -23.06 13.05
N GLY A 36 -20.61 -22.13 12.84
CA GLY A 36 -19.58 -22.29 11.83
C GLY A 36 -18.79 -23.59 12.04
N ARG A 37 -18.40 -23.86 13.30
CA ARG A 37 -17.57 -25.01 13.60
C ARG A 37 -18.34 -26.29 13.31
N PHE A 38 -19.65 -26.26 13.61
CA PHE A 38 -20.53 -27.40 13.45
C PHE A 38 -20.74 -27.72 11.96
N LEU A 39 -21.11 -26.70 11.18
CA LEU A 39 -21.33 -26.86 9.75
C LEU A 39 -20.07 -27.31 9.03
N GLU A 40 -18.89 -26.82 9.46
CA GLU A 40 -17.59 -27.21 8.90
C GLU A 40 -17.33 -28.68 9.15
N SER A 41 -17.73 -29.17 10.33
CA SER A 41 -17.58 -30.57 10.69
C SER A 41 -18.51 -31.44 9.85
N LYS A 42 -19.55 -30.85 9.24
CA LYS A 42 -20.47 -31.57 8.36
C LYS A 42 -20.07 -31.37 6.90
N GLY A 43 -19.00 -30.60 6.64
CA GLY A 43 -18.42 -30.49 5.32
C GLY A 43 -18.77 -29.20 4.59
N TYR A 44 -19.50 -28.28 5.26
CA TYR A 44 -19.87 -26.97 4.71
C TYR A 44 -18.80 -25.92 5.01
N THR A 45 -18.34 -25.25 3.93
CA THR A 45 -17.50 -24.07 4.00
C THR A 45 -18.29 -22.92 4.62
N CYS A 46 -17.61 -22.06 5.41
CA CYS A 46 -18.27 -21.01 6.18
C CYS A 46 -17.41 -19.74 6.22
N HIS A 47 -18.03 -18.61 5.85
CA HIS A 47 -17.40 -17.30 6.01
C HIS A 47 -18.28 -16.44 6.91
N ALA A 48 -17.64 -15.74 7.84
CA ALA A 48 -18.33 -14.83 8.73
C ALA A 48 -17.60 -13.50 8.71
N PRO A 49 -18.16 -12.47 8.04
CA PRO A 49 -17.60 -11.11 8.12
C PRO A 49 -17.87 -10.43 9.46
N ILE A 50 -17.21 -9.28 9.68
CA ILE A 50 -17.61 -8.34 10.73
C ILE A 50 -18.08 -6.99 10.16
N TYR A 51 -19.22 -6.52 10.67
CA TYR A 51 -19.77 -5.25 10.25
C TYR A 51 -18.83 -4.13 10.70
N LYS A 52 -18.72 -3.07 9.90
CA LYS A 52 -17.91 -1.93 10.29
C LYS A 52 -18.49 -1.33 11.57
N GLY A 53 -17.59 -0.80 12.41
CA GLY A 53 -17.98 -0.17 13.66
C GLY A 53 -18.14 -1.16 14.81
N HIS A 54 -17.98 -2.46 14.52
CA HIS A 54 -18.24 -3.47 15.54
C HIS A 54 -16.94 -3.98 16.14
N GLY A 55 -16.99 -4.23 17.47
CA GLY A 55 -15.86 -4.76 18.21
C GLY A 55 -14.81 -3.68 18.49
N VAL A 56 -15.24 -2.42 18.39
CA VAL A 56 -14.37 -1.25 18.57
C VAL A 56 -15.09 -0.30 19.52
N PRO A 57 -14.55 0.88 19.91
CA PRO A 57 -15.24 1.75 20.85
C PRO A 57 -16.65 2.09 20.39
N PRO A 58 -17.58 2.32 21.34
CA PRO A 58 -18.96 2.66 21.00
C PRO A 58 -19.12 3.98 20.26
N GLU A 59 -18.16 4.90 20.45
CA GLU A 59 -18.11 6.18 19.76
C GLU A 59 -17.84 5.95 18.27
N GLU A 60 -17.14 4.85 17.94
CA GLU A 60 -16.84 4.50 16.55
C GLU A 60 -18.05 3.81 15.90
N LEU A 61 -18.79 3.03 16.71
CA LEU A 61 -19.97 2.29 16.24
C LEU A 61 -21.06 3.25 15.74
N VAL A 62 -21.29 4.36 16.45
CA VAL A 62 -22.36 5.29 16.09
C VAL A 62 -21.95 6.20 14.93
N HIS A 63 -20.74 6.05 14.38
CA HIS A 63 -20.36 6.69 13.12
C HIS A 63 -20.71 5.75 11.96
N THR A 64 -21.22 4.54 12.26
CA THR A 64 -21.53 3.58 11.20
C THR A 64 -23.02 3.30 11.20
N GLY A 65 -23.49 2.64 10.14
CA GLY A 65 -24.88 2.23 10.02
C GLY A 65 -25.02 1.14 8.97
N PRO A 66 -26.27 0.73 8.65
CA PRO A 66 -26.52 -0.34 7.68
C PRO A 66 -25.97 -0.18 6.25
N ASP A 67 -25.78 1.04 5.75
CA ASP A 67 -25.07 1.18 4.48
C ASP A 67 -23.65 0.60 4.55
N ASP A 68 -22.96 0.90 5.65
CA ASP A 68 -21.63 0.34 5.89
C ASP A 68 -21.74 -1.16 6.10
N TRP A 69 -22.66 -1.61 6.96
CA TRP A 69 -22.71 -3.00 7.38
C TRP A 69 -23.13 -3.85 6.19
N TRP A 70 -24.01 -3.29 5.36
CA TRP A 70 -24.46 -3.99 4.16
C TRP A 70 -23.28 -4.26 3.24
N GLN A 71 -22.30 -3.35 3.25
CA GLN A 71 -21.12 -3.42 2.40
C GLN A 71 -20.21 -4.58 2.83
N ASP A 72 -20.06 -4.80 4.15
CA ASP A 72 -19.33 -5.94 4.68
C ASP A 72 -20.03 -7.27 4.35
N VAL A 73 -21.37 -7.27 4.35
CA VAL A 73 -22.20 -8.44 4.06
C VAL A 73 -22.06 -8.81 2.58
N MET A 74 -22.22 -7.82 1.71
CA MET A 74 -21.99 -8.00 0.28
C MET A 74 -20.55 -8.43 -0.02
N ASN A 75 -19.55 -7.82 0.65
CA ASN A 75 -18.14 -8.21 0.56
C ASN A 75 -17.92 -9.67 1.00
N GLY A 76 -18.65 -10.13 2.02
CA GLY A 76 -18.61 -11.53 2.42
C GLY A 76 -19.18 -12.49 1.36
N TYR A 77 -20.24 -12.05 0.70
CA TYR A 77 -20.83 -12.86 -0.36
C TYR A 77 -19.81 -13.02 -1.49
N GLU A 78 -19.20 -11.88 -1.88
CA GLU A 78 -18.25 -11.81 -2.98
C GLU A 78 -16.98 -12.60 -2.65
N PHE A 79 -16.60 -12.62 -1.36
CA PHE A 79 -15.44 -13.36 -0.90
C PHE A 79 -15.57 -14.84 -1.26
N LEU A 80 -16.72 -15.46 -0.94
CA LEU A 80 -16.99 -16.86 -1.25
C LEU A 80 -17.06 -17.05 -2.77
N LYS A 81 -17.74 -16.14 -3.46
CA LYS A 81 -17.80 -16.21 -4.91
C LYS A 81 -16.38 -16.32 -5.47
N ASN A 82 -15.46 -15.44 -5.04
CA ASN A 82 -14.15 -15.27 -5.67
C ASN A 82 -13.24 -16.48 -5.39
N LYS A 83 -13.44 -17.12 -4.24
CA LYS A 83 -12.76 -18.36 -3.90
C LYS A 83 -13.35 -19.53 -4.70
N GLY A 84 -14.47 -19.30 -5.40
CA GLY A 84 -14.96 -20.24 -6.40
C GLY A 84 -16.27 -20.94 -6.01
N TYR A 85 -16.88 -20.59 -4.88
CA TYR A 85 -18.15 -21.19 -4.48
C TYR A 85 -19.31 -20.56 -5.27
N GLU A 86 -20.00 -21.35 -6.11
CA GLU A 86 -21.07 -20.85 -6.98
C GLU A 86 -22.41 -20.76 -6.25
N LYS A 87 -22.72 -21.77 -5.40
CA LYS A 87 -23.96 -21.82 -4.64
C LYS A 87 -23.68 -21.44 -3.18
N ILE A 88 -24.37 -20.38 -2.71
CA ILE A 88 -24.15 -19.85 -1.37
C ILE A 88 -25.50 -19.73 -0.66
N ALA A 89 -25.64 -20.43 0.46
CA ALA A 89 -26.68 -20.19 1.44
C ALA A 89 -26.21 -19.19 2.51
N VAL A 90 -27.17 -18.65 3.26
CA VAL A 90 -26.91 -17.55 4.19
C VAL A 90 -27.77 -17.74 5.44
N ALA A 91 -27.20 -17.35 6.57
CA ALA A 91 -27.73 -17.69 7.87
C ALA A 91 -27.34 -16.58 8.83
N GLY A 92 -28.33 -15.95 9.49
CA GLY A 92 -28.07 -14.71 10.18
C GLY A 92 -28.72 -14.64 11.56
N LEU A 93 -28.06 -13.93 12.47
CA LEU A 93 -28.60 -13.71 13.80
C LEU A 93 -29.13 -12.28 13.92
N SER A 94 -30.45 -12.19 14.07
CA SER A 94 -31.11 -10.94 14.41
C SER A 94 -30.92 -9.97 13.25
N LEU A 95 -30.12 -8.91 13.44
CA LEU A 95 -29.72 -8.01 12.37
C LEU A 95 -29.14 -8.81 11.21
N GLY A 96 -28.40 -9.87 11.50
CA GLY A 96 -27.86 -10.72 10.47
C GLY A 96 -28.97 -11.41 9.70
N GLY A 97 -30.06 -11.72 10.42
CA GLY A 97 -31.27 -12.28 9.83
C GLY A 97 -31.90 -11.34 8.79
N VAL A 98 -31.94 -10.03 9.10
CA VAL A 98 -32.49 -9.00 8.25
C VAL A 98 -31.63 -8.87 6.99
N PHE A 99 -30.30 -8.91 7.17
CA PHE A 99 -29.41 -8.83 6.03
C PHE A 99 -29.52 -10.10 5.17
N SER A 100 -29.92 -11.22 5.77
CA SER A 100 -30.00 -12.48 5.02
C SER A 100 -31.24 -12.48 4.13
N LEU A 101 -32.35 -11.98 4.67
CA LEU A 101 -33.55 -11.74 3.89
C LEU A 101 -33.26 -10.76 2.73
N LYS A 102 -32.43 -9.72 3.01
CA LYS A 102 -32.19 -8.68 2.03
C LYS A 102 -31.35 -9.27 0.90
N LEU A 103 -30.49 -10.21 1.27
CA LEU A 103 -29.60 -10.87 0.34
C LEU A 103 -30.47 -11.80 -0.51
N GLY A 104 -31.54 -12.28 0.11
CA GLY A 104 -32.50 -13.16 -0.55
C GLY A 104 -33.10 -12.57 -1.83
N TYR A 105 -33.38 -11.25 -1.86
CA TYR A 105 -33.97 -10.64 -3.05
C TYR A 105 -32.99 -9.77 -3.84
N THR A 106 -31.67 -9.99 -3.69
CA THR A 106 -30.62 -9.14 -4.25
C THR A 106 -29.63 -9.96 -5.09
N VAL A 107 -29.28 -11.16 -4.62
CA VAL A 107 -28.30 -12.02 -5.26
C VAL A 107 -28.80 -13.45 -5.20
N PRO A 108 -28.30 -14.37 -6.09
CA PRO A 108 -28.57 -15.79 -5.98
C PRO A 108 -28.16 -16.37 -4.63
N ILE A 109 -29.12 -17.04 -3.98
CA ILE A 109 -28.98 -17.55 -2.64
C ILE A 109 -29.71 -18.90 -2.57
N GLU A 110 -28.97 -19.92 -2.14
CA GLU A 110 -29.46 -21.29 -2.11
C GLU A 110 -30.53 -21.46 -1.03
N GLY A 111 -30.37 -20.72 0.07
CA GLY A 111 -31.26 -20.82 1.22
C GLY A 111 -30.95 -19.74 2.26
N ILE A 112 -31.97 -19.39 3.06
CA ILE A 112 -31.91 -18.32 4.04
C ILE A 112 -32.25 -18.93 5.40
N VAL A 113 -31.47 -18.62 6.43
CA VAL A 113 -31.88 -18.92 7.80
C VAL A 113 -31.92 -17.61 8.56
N THR A 114 -33.09 -17.25 9.07
CA THR A 114 -33.22 -16.00 9.81
C THR A 114 -33.60 -16.31 11.26
N MET A 115 -32.70 -15.91 12.17
CA MET A 115 -32.79 -16.29 13.57
C MET A 115 -33.16 -15.05 14.38
N CYS A 116 -34.42 -14.97 14.78
CA CYS A 116 -34.88 -13.92 15.68
C CYS A 116 -34.69 -12.51 15.08
N ALA A 117 -34.89 -12.36 13.76
CA ALA A 117 -34.86 -11.06 13.09
C ALA A 117 -36.04 -10.20 13.51
N PRO A 118 -35.84 -8.92 13.91
CA PRO A 118 -36.95 -8.05 14.30
C PRO A 118 -37.74 -7.47 13.12
N MET A 119 -39.05 -7.29 13.29
CA MET A 119 -39.86 -6.67 12.27
C MET A 119 -40.85 -5.63 12.83
N TYR A 120 -40.83 -5.34 14.14
CA TYR A 120 -41.74 -4.36 14.72
C TYR A 120 -40.98 -3.39 15.61
N ILE A 121 -41.42 -3.11 16.85
CA ILE A 121 -41.07 -1.87 17.56
C ILE A 121 -40.31 -2.08 18.87
N LYS A 122 -40.41 -3.25 19.51
CA LYS A 122 -39.69 -3.47 20.75
C LYS A 122 -38.20 -3.28 20.49
N SER A 123 -37.79 -3.60 19.25
CA SER A 123 -36.43 -3.48 18.74
C SER A 123 -35.83 -2.10 18.93
N GLU A 124 -36.68 -1.07 19.01
CA GLU A 124 -36.22 0.31 18.90
C GLU A 124 -35.65 0.77 20.24
N GLU A 125 -36.26 0.34 21.35
CA GLU A 125 -35.80 0.70 22.69
C GLU A 125 -34.70 -0.27 23.14
N THR A 126 -34.84 -1.56 22.82
CA THR A 126 -33.85 -2.53 23.21
C THR A 126 -32.56 -2.40 22.40
N SER A 127 -32.62 -1.85 21.18
CA SER A 127 -31.39 -1.55 20.45
C SER A 127 -30.61 -0.40 21.13
N TYR A 128 -31.33 0.56 21.70
CA TYR A 128 -30.73 1.66 22.44
C TYR A 128 -30.09 1.12 23.72
N GLU A 129 -30.82 0.27 24.45
CA GLU A 129 -30.31 -0.30 25.67
C GLU A 129 -29.08 -1.15 25.37
N LEU A 130 -29.13 -1.94 24.28
CA LEU A 130 -28.05 -2.85 23.91
C LEU A 130 -26.75 -2.06 23.67
N VAL A 131 -26.92 -0.89 23.05
CA VAL A 131 -25.82 -0.02 22.71
C VAL A 131 -25.20 0.54 24.00
N LEU A 132 -26.06 0.96 24.93
CA LEU A 132 -25.55 1.44 26.21
C LEU A 132 -24.79 0.32 26.92
N GLU A 133 -25.33 -0.91 26.90
CA GLU A 133 -24.71 -2.05 27.57
C GLU A 133 -23.33 -2.35 26.96
N TYR A 134 -23.24 -2.43 25.63
CA TYR A 134 -21.96 -2.64 24.98
C TYR A 134 -20.98 -1.58 25.47
N ALA A 135 -21.43 -0.32 25.51
CA ALA A 135 -20.57 0.80 25.86
C ALA A 135 -20.02 0.66 27.28
N ARG A 136 -20.88 0.45 28.29
CA ARG A 136 -20.41 0.28 29.65
C ARG A 136 -19.41 -0.88 29.73
N GLU A 137 -19.71 -1.99 29.05
CA GLU A 137 -18.89 -3.19 29.10
C GLU A 137 -17.53 -2.95 28.43
N TYR A 138 -17.53 -2.23 27.31
CA TYR A 138 -16.29 -1.96 26.62
C TYR A 138 -15.43 -1.05 27.50
N LYS A 139 -16.07 -0.05 28.11
CA LYS A 139 -15.38 0.90 28.98
C LYS A 139 -14.75 0.16 30.16
N LYS A 140 -15.51 -0.79 30.76
CA LYS A 140 -15.03 -1.56 31.91
C LYS A 140 -13.77 -2.34 31.53
N ARG A 141 -13.87 -3.11 30.44
CA ARG A 141 -12.81 -4.00 29.99
C ARG A 141 -11.54 -3.19 29.76
N GLU A 142 -11.67 -1.94 29.28
CA GLU A 142 -10.45 -1.18 29.04
C GLU A 142 -9.91 -0.57 30.35
N GLY A 143 -10.64 -0.76 31.46
CA GLY A 143 -10.06 -0.58 32.78
C GLY A 143 -10.25 0.83 33.31
N LYS A 144 -11.32 1.47 32.88
CA LYS A 144 -11.58 2.87 33.28
C LYS A 144 -12.35 2.90 34.62
N SER A 145 -12.13 3.96 35.38
CA SER A 145 -12.85 4.15 36.67
C SER A 145 -14.36 4.20 36.44
N GLU A 146 -15.12 3.92 37.48
CA GLU A 146 -16.59 4.05 37.37
C GLU A 146 -16.96 5.50 37.06
N GLU A 147 -16.21 6.46 37.60
CA GLU A 147 -16.60 7.84 37.41
C GLU A 147 -16.32 8.27 35.97
N GLN A 148 -15.25 7.74 35.37
CA GLN A 148 -14.94 8.05 33.98
C GLN A 148 -15.92 7.34 33.03
N ILE A 149 -16.45 6.18 33.43
CA ILE A 149 -17.45 5.52 32.62
C ILE A 149 -18.74 6.33 32.67
N GLU A 150 -19.13 6.77 33.87
CA GLU A 150 -20.30 7.63 34.07
C GLU A 150 -20.19 8.94 33.29
N GLN A 151 -19.02 9.55 33.27
CA GLN A 151 -18.81 10.76 32.49
C GLN A 151 -18.96 10.44 30.99
N GLU A 152 -18.23 9.43 30.49
CA GLU A 152 -18.20 9.13 29.06
C GLU A 152 -19.51 8.49 28.59
N MET A 153 -20.31 7.96 29.53
CA MET A 153 -21.63 7.44 29.19
C MET A 153 -22.63 8.59 29.05
N GLU A 154 -22.49 9.63 29.87
CA GLU A 154 -23.40 10.74 29.74
C GLU A 154 -23.14 11.43 28.40
N LYS A 155 -21.86 11.63 28.06
CA LYS A 155 -21.51 12.29 26.82
C LYS A 155 -22.01 11.48 25.62
N PHE A 156 -21.87 10.15 25.71
CA PHE A 156 -22.27 9.23 24.66
C PHE A 156 -23.78 9.35 24.39
N LYS A 157 -24.56 9.47 25.47
CA LYS A 157 -26.00 9.60 25.40
C LYS A 157 -26.42 10.92 24.73
N GLN A 158 -25.56 11.96 24.81
CA GLN A 158 -25.95 13.30 24.41
C GLN A 158 -25.31 13.65 23.08
N THR A 159 -24.78 12.62 22.40
CA THR A 159 -24.13 12.82 21.12
C THR A 159 -24.94 12.00 20.12
N PRO A 160 -24.85 12.30 18.79
CA PRO A 160 -25.70 11.63 17.79
C PRO A 160 -25.53 10.11 17.68
N MET A 161 -26.68 9.42 17.65
CA MET A 161 -26.81 7.97 17.51
C MET A 161 -27.74 7.69 16.32
N LYS A 162 -27.44 8.30 15.18
CA LYS A 162 -28.36 8.24 14.04
C LYS A 162 -28.42 6.81 13.49
N THR A 163 -27.47 5.96 13.91
CA THR A 163 -27.40 4.58 13.44
C THR A 163 -28.65 3.83 13.92
N LEU A 164 -29.23 4.25 15.05
CA LEU A 164 -30.38 3.59 15.63
C LEU A 164 -31.64 3.75 14.79
N LYS A 165 -31.80 4.88 14.10
CA LYS A 165 -32.99 5.06 13.27
C LYS A 165 -32.72 4.55 11.86
N ALA A 166 -31.46 4.56 11.43
CA ALA A 166 -31.08 3.93 10.17
C ALA A 166 -31.39 2.44 10.24
N LEU A 167 -31.24 1.86 11.42
CA LEU A 167 -31.57 0.47 11.67
C LEU A 167 -33.06 0.24 11.48
N GLN A 168 -33.88 1.12 12.07
CA GLN A 168 -35.33 1.01 11.94
C GLN A 168 -35.75 1.16 10.47
N GLU A 169 -34.99 1.91 9.68
CA GLU A 169 -35.33 2.16 8.29
C GLU A 169 -35.02 0.91 7.46
N LEU A 170 -33.90 0.27 7.79
CA LEU A 170 -33.52 -0.99 7.17
C LEU A 170 -34.61 -2.04 7.35
N LYS A 171 -35.04 -2.17 8.60
CA LYS A 171 -36.07 -3.09 9.05
C LYS A 171 -37.33 -2.91 8.21
N ALA A 172 -37.79 -1.66 8.07
CA ALA A 172 -39.01 -1.36 7.34
C ALA A 172 -38.85 -1.72 5.86
N ASP A 173 -37.71 -1.35 5.26
CA ASP A 173 -37.45 -1.57 3.85
C ASP A 173 -37.39 -3.07 3.53
N VAL A 174 -36.62 -3.85 4.34
CA VAL A 174 -36.54 -5.29 4.16
C VAL A 174 -37.96 -5.85 4.25
N ARG A 175 -38.71 -5.43 5.28
CA ARG A 175 -40.08 -5.91 5.46
C ARG A 175 -40.95 -5.61 4.22
N ASP A 176 -40.88 -4.38 3.71
CA ASP A 176 -41.63 -3.96 2.53
C ASP A 176 -41.20 -4.78 1.29
N HIS A 177 -40.08 -5.50 1.38
CA HIS A 177 -39.55 -6.27 0.27
C HIS A 177 -39.72 -7.79 0.44
N LEU A 178 -40.39 -8.25 1.52
CA LEU A 178 -40.38 -9.67 1.86
C LEU A 178 -40.99 -10.53 0.75
N ASP A 179 -41.94 -9.97 -0.02
CA ASP A 179 -42.70 -10.75 -0.99
C ASP A 179 -41.91 -10.90 -2.30
N LEU A 180 -40.67 -10.37 -2.33
CA LEU A 180 -39.75 -10.60 -3.43
C LEU A 180 -38.89 -11.83 -3.18
N ILE A 181 -38.96 -12.41 -1.99
CA ILE A 181 -38.11 -13.52 -1.65
C ILE A 181 -38.83 -14.80 -2.06
N TYR A 182 -38.13 -15.62 -2.86
CA TYR A 182 -38.59 -16.93 -3.30
C TYR A 182 -37.69 -18.05 -2.78
N ALA A 183 -36.48 -17.70 -2.33
CA ALA A 183 -35.51 -18.71 -1.95
C ALA A 183 -36.00 -19.48 -0.72
N PRO A 184 -35.75 -20.80 -0.65
CA PRO A 184 -36.17 -21.57 0.52
C PRO A 184 -35.69 -20.86 1.78
N THR A 185 -36.56 -20.83 2.80
CA THR A 185 -36.30 -20.03 3.97
C THR A 185 -36.67 -20.78 5.23
N PHE A 186 -35.77 -20.74 6.21
CA PHE A 186 -36.02 -21.30 7.53
C PHE A 186 -36.12 -20.13 8.49
N VAL A 187 -37.30 -19.92 9.06
CA VAL A 187 -37.44 -18.93 10.13
C VAL A 187 -37.22 -19.65 11.46
N VAL A 188 -36.37 -19.04 12.30
CA VAL A 188 -36.02 -19.51 13.64
C VAL A 188 -36.36 -18.41 14.62
N GLN A 189 -37.17 -18.71 15.63
CA GLN A 189 -37.53 -17.70 16.59
C GLN A 189 -37.49 -18.27 18.01
N ALA A 190 -36.93 -17.48 18.93
CA ALA A 190 -36.96 -17.78 20.35
C ALA A 190 -38.30 -17.32 20.91
N ARG A 191 -38.99 -18.22 21.61
CA ARG A 191 -40.31 -17.89 22.11
C ARG A 191 -40.19 -16.69 23.05
N HIS A 192 -39.25 -16.77 24.00
CA HIS A 192 -39.16 -15.81 25.09
C HIS A 192 -38.08 -14.79 24.78
N ASP A 193 -38.33 -14.00 23.72
CA ASP A 193 -37.39 -13.03 23.19
C ASP A 193 -37.70 -11.69 23.84
N GLU A 194 -36.73 -11.15 24.60
CA GLU A 194 -36.92 -9.91 25.35
C GLU A 194 -36.35 -8.74 24.56
N MET A 195 -35.78 -9.04 23.38
CA MET A 195 -35.16 -8.00 22.56
C MET A 195 -36.10 -7.56 21.44
N ILE A 196 -36.89 -8.49 20.85
CA ILE A 196 -37.80 -8.18 19.75
C ILE A 196 -39.20 -8.70 20.05
N ASN A 197 -40.18 -8.14 19.34
CA ASN A 197 -41.52 -8.70 19.27
C ASN A 197 -41.46 -10.00 18.45
N PRO A 198 -41.57 -11.20 19.08
CA PRO A 198 -41.29 -12.45 18.37
C PRO A 198 -42.28 -12.81 17.25
N ASP A 199 -43.45 -12.15 17.23
CA ASP A 199 -44.41 -12.33 16.16
C ASP A 199 -43.80 -11.88 14.82
N SER A 200 -42.74 -11.09 14.92
CA SER A 200 -41.86 -10.82 13.80
C SER A 200 -41.68 -12.07 12.95
N ALA A 201 -41.57 -13.27 13.55
CA ALA A 201 -41.22 -14.45 12.76
C ALA A 201 -42.44 -14.92 11.94
N ASN A 202 -43.64 -14.72 12.48
CA ASN A 202 -44.85 -15.00 11.73
C ASN A 202 -44.88 -14.10 10.49
N ILE A 203 -44.52 -12.83 10.69
CA ILE A 203 -44.46 -11.84 9.63
C ILE A 203 -43.60 -12.36 8.47
N ILE A 204 -42.39 -12.83 8.79
CA ILE A 204 -41.41 -13.24 7.80
C ILE A 204 -41.95 -14.48 7.09
N TYR A 205 -42.43 -15.43 7.90
CA TYR A 205 -42.93 -16.70 7.40
C TYR A 205 -44.07 -16.46 6.41
N ASN A 206 -44.99 -15.57 6.77
CA ASN A 206 -46.25 -15.39 6.04
C ASN A 206 -46.06 -14.65 4.72
N GLU A 207 -45.16 -13.65 4.71
CA GLU A 207 -45.17 -12.64 3.67
C GLU A 207 -44.12 -12.95 2.61
N ILE A 208 -43.25 -13.92 2.84
CA ILE A 208 -42.32 -14.33 1.79
C ILE A 208 -43.13 -15.15 0.79
N GLU A 209 -42.62 -15.24 -0.45
CA GLU A 209 -43.28 -16.00 -1.51
C GLU A 209 -42.58 -17.34 -1.73
N SER A 210 -41.65 -17.71 -0.85
CA SER A 210 -40.90 -18.95 -0.99
C SER A 210 -41.89 -20.12 -0.98
N PRO A 211 -41.91 -20.99 -2.01
CA PRO A 211 -42.67 -22.25 -1.96
C PRO A 211 -42.16 -23.16 -0.84
N VAL A 212 -40.84 -23.16 -0.63
CA VAL A 212 -40.28 -23.94 0.47
C VAL A 212 -39.99 -23.01 1.65
N LYS A 213 -40.63 -23.31 2.78
CA LYS A 213 -40.43 -22.49 3.95
C LYS A 213 -40.80 -23.30 5.19
N GLN A 214 -40.08 -23.00 6.29
CA GLN A 214 -40.36 -23.63 7.56
C GLN A 214 -40.13 -22.56 8.63
N ILE A 215 -40.82 -22.75 9.76
CA ILE A 215 -40.64 -21.94 10.95
C ILE A 215 -40.51 -22.89 12.15
N LYS A 216 -39.48 -22.70 13.00
CA LYS A 216 -39.47 -23.38 14.29
C LYS A 216 -39.39 -22.39 15.46
N TRP A 217 -40.17 -22.69 16.50
CA TRP A 217 -40.19 -21.99 17.78
C TRP A 217 -39.36 -22.75 18.80
N TYR A 218 -38.53 -22.01 19.53
CA TYR A 218 -37.62 -22.54 20.52
C TYR A 218 -38.02 -21.98 21.88
N GLU A 219 -38.41 -22.89 22.81
CA GLU A 219 -39.25 -22.56 23.95
C GLU A 219 -38.41 -22.22 25.17
N GLN A 220 -37.12 -22.57 25.11
CA GLN A 220 -36.20 -22.42 26.22
C GLN A 220 -35.12 -21.36 25.93
N SER A 221 -35.17 -20.69 24.77
CA SER A 221 -34.09 -19.78 24.38
C SER A 221 -34.52 -18.32 24.52
N GLY A 222 -33.52 -17.48 24.77
CA GLY A 222 -33.68 -16.03 24.68
C GLY A 222 -33.23 -15.54 23.30
N HIS A 223 -33.21 -14.20 23.14
CA HIS A 223 -32.89 -13.59 21.86
C HIS A 223 -31.63 -14.22 21.21
N VAL A 224 -30.52 -14.28 21.97
CA VAL A 224 -29.25 -14.70 21.40
C VAL A 224 -29.18 -16.22 21.37
N ILE A 225 -29.87 -16.80 20.38
CA ILE A 225 -30.18 -18.22 20.34
C ILE A 225 -28.93 -19.07 20.03
N THR A 226 -27.94 -18.48 19.35
CA THR A 226 -26.77 -19.24 18.94
C THR A 226 -25.88 -19.55 20.15
N LEU A 227 -26.01 -18.76 21.23
CA LEU A 227 -25.17 -18.92 22.41
C LEU A 227 -25.99 -19.40 23.61
N ASP A 228 -27.27 -19.72 23.43
CA ASP A 228 -28.15 -20.09 24.52
C ASP A 228 -28.29 -21.62 24.51
N GLN A 229 -29.13 -22.17 25.39
CA GLN A 229 -28.98 -23.53 25.85
C GLN A 229 -29.55 -24.55 24.86
N GLU A 230 -30.24 -24.10 23.81
CA GLU A 230 -30.81 -25.01 22.83
C GLU A 230 -30.02 -25.00 21.54
N LYS A 231 -28.76 -24.52 21.60
CA LYS A 231 -28.02 -24.25 20.39
C LYS A 231 -27.67 -25.53 19.63
N ASP A 232 -27.65 -26.70 20.30
CA ASP A 232 -27.19 -27.93 19.67
C ASP A 232 -28.32 -28.49 18.80
N GLN A 233 -29.56 -28.31 19.29
CA GLN A 233 -30.76 -28.57 18.52
C GLN A 233 -30.78 -27.66 17.29
N LEU A 234 -30.45 -26.38 17.49
CA LEU A 234 -30.43 -25.42 16.40
C LEU A 234 -29.39 -25.82 15.36
N HIS A 235 -28.24 -26.31 15.82
CA HIS A 235 -27.22 -26.77 14.90
C HIS A 235 -27.80 -27.84 13.98
N GLU A 236 -28.48 -28.81 14.58
CA GLU A 236 -29.02 -29.94 13.84
C GLU A 236 -30.07 -29.46 12.83
N ASP A 237 -31.02 -28.66 13.31
CA ASP A 237 -32.13 -28.17 12.49
C ASP A 237 -31.64 -27.38 11.27
N ILE A 238 -30.58 -26.58 11.48
CA ILE A 238 -30.03 -25.75 10.41
C ILE A 238 -29.30 -26.65 9.41
N TYR A 239 -28.70 -27.73 9.93
CA TYR A 239 -27.97 -28.68 9.11
C TYR A 239 -28.95 -29.46 8.23
N ALA A 240 -29.97 -30.05 8.87
CA ALA A 240 -31.07 -30.71 8.17
C ALA A 240 -31.69 -29.76 7.12
N PHE A 241 -31.89 -28.48 7.47
CA PHE A 241 -32.41 -27.50 6.54
C PHE A 241 -31.51 -27.44 5.30
N LEU A 242 -30.20 -27.24 5.49
CA LEU A 242 -29.29 -27.08 4.36
C LEU A 242 -29.25 -28.35 3.52
N GLU A 243 -29.30 -29.53 4.18
CA GLU A 243 -29.26 -30.81 3.46
C GLU A 243 -30.51 -30.99 2.59
N SER A 244 -31.62 -30.32 2.93
CA SER A 244 -32.88 -30.43 2.19
C SER A 244 -32.94 -29.52 0.96
N LEU A 245 -31.96 -28.64 0.78
CA LEU A 245 -31.94 -27.70 -0.34
C LEU A 245 -31.38 -28.39 -1.59
N ASP A 246 -31.41 -27.68 -2.72
CA ASP A 246 -31.06 -28.24 -4.02
C ASP A 246 -29.54 -28.45 -4.16
N TRP A 247 -28.75 -27.40 -4.39
CA TRP A 247 -27.29 -27.48 -4.45
C TRP A 247 -26.77 -28.11 -5.75
N LEU A 248 -27.62 -28.31 -6.76
CA LEU A 248 -27.22 -28.95 -8.01
C LEU A 248 -27.61 -28.08 -9.20
N GLU A 249 -26.76 -28.06 -10.24
CA GLU A 249 -27.03 -27.28 -11.44
C GLU A 249 -27.83 -28.12 -12.44
N HIS A 250 -29.00 -27.60 -12.83
CA HIS A 250 -30.03 -28.36 -13.52
C HIS A 250 -30.02 -28.07 -15.01
N HIS A 251 -30.31 -29.13 -15.79
CA HIS A 251 -30.32 -29.10 -17.25
C HIS A 251 -31.77 -29.02 -17.74
N MET B 1 37.87 -11.18 19.00
CA MET B 1 36.50 -11.44 19.51
C MET B 1 36.52 -12.66 20.43
N MET B 2 35.35 -13.25 20.69
CA MET B 2 35.25 -14.42 21.60
C MET B 2 34.03 -15.24 21.16
N LYS B 3 34.18 -16.55 21.01
CA LYS B 3 33.01 -17.41 20.72
C LYS B 3 32.05 -17.33 21.90
N ILE B 4 30.76 -17.50 21.63
CA ILE B 4 29.78 -17.43 22.69
C ILE B 4 29.17 -18.81 22.92
N VAL B 5 29.10 -19.19 24.20
CA VAL B 5 28.67 -20.50 24.62
C VAL B 5 27.15 -20.56 24.55
N PRO B 6 26.56 -21.43 23.67
CA PRO B 6 25.10 -21.57 23.61
C PRO B 6 24.52 -22.09 24.93
N PRO B 7 23.22 -21.78 25.22
CA PRO B 7 22.59 -22.28 26.44
C PRO B 7 22.15 -23.72 26.20
N LYS B 8 21.86 -24.45 27.28
CA LYS B 8 21.52 -25.86 27.12
C LYS B 8 20.07 -26.05 27.56
N PRO B 9 19.33 -27.04 27.01
CA PRO B 9 18.03 -27.42 27.55
C PRO B 9 18.20 -27.91 28.99
N PHE B 10 17.11 -28.33 29.65
CA PHE B 10 17.25 -28.94 30.96
C PHE B 10 16.16 -29.98 31.16
N PHE B 11 16.40 -30.89 32.11
CA PHE B 11 15.49 -31.97 32.41
C PHE B 11 15.64 -32.36 33.88
N PHE B 12 14.63 -32.01 34.69
CA PHE B 12 14.61 -32.26 36.11
C PHE B 12 13.67 -33.42 36.46
N GLU B 13 14.26 -34.59 36.82
CA GLU B 13 13.53 -35.77 37.26
C GLU B 13 13.13 -35.61 38.72
N ALA B 14 11.88 -35.94 39.05
CA ALA B 14 11.32 -35.67 40.37
C ALA B 14 10.19 -36.63 40.74
N GLY B 15 9.30 -36.92 39.78
CA GLY B 15 8.03 -37.54 40.09
C GLY B 15 7.29 -37.92 38.81
N GLU B 16 6.08 -38.45 38.95
CA GLU B 16 5.41 -39.09 37.83
C GLU B 16 4.66 -38.05 36.99
N ARG B 17 4.26 -36.93 37.60
CA ARG B 17 3.63 -35.84 36.85
C ARG B 17 4.70 -34.99 36.19
N ALA B 18 4.50 -34.72 34.89
CA ALA B 18 5.48 -34.04 34.06
C ALA B 18 4.89 -32.73 33.52
N VAL B 19 5.77 -31.73 33.34
CA VAL B 19 5.44 -30.37 32.93
C VAL B 19 6.47 -29.94 31.87
N LEU B 20 5.99 -29.60 30.66
CA LEU B 20 6.84 -29.06 29.60
C LEU B 20 6.89 -27.54 29.70
N LEU B 21 8.11 -26.98 29.70
CA LEU B 21 8.33 -25.54 29.90
C LEU B 21 8.94 -24.91 28.64
N LEU B 22 8.24 -23.88 28.09
CA LEU B 22 8.57 -23.29 26.80
C LEU B 22 8.89 -21.79 26.97
N HIS B 23 10.10 -21.41 26.52
CA HIS B 23 10.63 -20.07 26.71
C HIS B 23 10.06 -19.16 25.62
N GLY B 24 10.38 -17.85 25.74
CA GLY B 24 9.95 -16.83 24.79
C GLY B 24 10.97 -16.54 23.69
N PHE B 25 10.54 -15.67 22.76
CA PHE B 25 11.29 -15.36 21.57
C PHE B 25 12.60 -14.64 21.93
N THR B 26 13.68 -15.04 21.26
CA THR B 26 15.06 -14.64 21.57
C THR B 26 15.50 -15.02 22.98
N GLY B 27 14.67 -15.71 23.77
CA GLY B 27 15.06 -16.19 25.09
C GLY B 27 15.72 -17.58 25.01
N ASN B 28 15.80 -18.26 26.15
CA ASN B 28 16.27 -19.63 26.19
C ASN B 28 15.67 -20.31 27.43
N SER B 29 16.19 -21.49 27.80
CA SER B 29 15.71 -22.22 28.96
C SER B 29 15.74 -21.36 30.23
N ALA B 30 16.73 -20.47 30.38
CA ALA B 30 16.84 -19.66 31.57
C ALA B 30 15.52 -18.96 31.90
N ASP B 31 14.70 -18.66 30.87
CA ASP B 31 13.44 -17.94 31.06
C ASP B 31 12.50 -18.70 32.00
N VAL B 32 12.58 -20.03 31.98
CA VAL B 32 11.66 -20.90 32.73
C VAL B 32 12.40 -21.75 33.78
N ARG B 33 13.70 -21.50 34.01
CA ARG B 33 14.52 -22.39 34.81
C ARG B 33 14.19 -22.25 36.31
N MET B 34 13.84 -21.04 36.76
CA MET B 34 13.50 -20.85 38.17
C MET B 34 12.18 -21.54 38.49
N LEU B 35 11.24 -21.47 37.54
CA LEU B 35 9.96 -22.16 37.65
C LEU B 35 10.17 -23.67 37.62
N GLY B 36 11.09 -24.15 36.78
CA GLY B 36 11.43 -25.57 36.73
C GLY B 36 11.95 -26.10 38.07
N ARG B 37 12.88 -25.35 38.68
CA ARG B 37 13.43 -25.65 39.99
C ARG B 37 12.31 -25.73 41.03
N PHE B 38 11.40 -24.75 41.03
CA PHE B 38 10.33 -24.70 42.01
C PHE B 38 9.44 -25.93 41.89
N LEU B 39 8.92 -26.17 40.69
CA LEU B 39 8.09 -27.33 40.39
C LEU B 39 8.81 -28.65 40.68
N GLU B 40 10.14 -28.71 40.48
CA GLU B 40 10.92 -29.90 40.80
C GLU B 40 10.89 -30.14 42.31
N SER B 41 10.98 -29.06 43.11
CA SER B 41 11.03 -29.20 44.55
C SER B 41 9.70 -29.72 45.09
N LYS B 42 8.63 -29.59 44.30
CA LYS B 42 7.30 -30.05 44.68
C LYS B 42 6.92 -31.34 43.94
N GLY B 43 7.89 -31.95 43.24
CA GLY B 43 7.78 -33.32 42.78
C GLY B 43 7.44 -33.48 41.31
N TYR B 44 7.38 -32.36 40.56
CA TYR B 44 7.04 -32.39 39.14
C TYR B 44 8.30 -32.48 38.30
N THR B 45 8.33 -33.47 37.40
CA THR B 45 9.35 -33.57 36.37
C THR B 45 9.17 -32.42 35.39
N CYS B 46 10.25 -31.71 35.04
CA CYS B 46 10.17 -30.56 34.14
C CYS B 46 11.21 -30.74 33.04
N HIS B 47 10.83 -30.46 31.80
CA HIS B 47 11.76 -30.36 30.68
C HIS B 47 11.47 -29.07 29.93
N ALA B 48 12.56 -28.40 29.54
CA ALA B 48 12.56 -27.11 28.85
C ALA B 48 13.44 -27.24 27.62
N PRO B 49 12.87 -27.33 26.41
CA PRO B 49 13.69 -27.40 25.21
C PRO B 49 14.17 -26.00 24.87
N ILE B 50 15.00 -25.92 23.83
CA ILE B 50 15.47 -24.66 23.30
C ILE B 50 15.15 -24.63 21.82
N TYR B 51 14.52 -23.54 21.35
CA TYR B 51 14.10 -23.45 19.95
C TYR B 51 15.34 -23.28 19.08
N LYS B 52 15.32 -23.93 17.91
CA LYS B 52 16.38 -23.69 16.93
C LYS B 52 16.54 -22.19 16.71
N GLY B 53 17.80 -21.77 16.55
CA GLY B 53 18.16 -20.39 16.26
C GLY B 53 18.34 -19.52 17.50
N HIS B 54 18.03 -20.06 18.68
CA HIS B 54 18.11 -19.30 19.93
C HIS B 54 19.46 -19.55 20.61
N GLY B 55 20.01 -18.51 21.24
CA GLY B 55 21.29 -18.64 21.93
C GLY B 55 22.51 -18.63 20.99
N VAL B 56 22.28 -18.38 19.69
CA VAL B 56 23.32 -18.36 18.67
C VAL B 56 23.35 -16.99 18.02
N PRO B 57 24.22 -16.74 17.00
CA PRO B 57 24.31 -15.39 16.41
C PRO B 57 22.99 -14.93 15.80
N PRO B 58 22.67 -13.62 15.85
CA PRO B 58 21.44 -13.08 15.28
C PRO B 58 21.27 -13.34 13.79
N GLU B 59 22.37 -13.42 13.04
CA GLU B 59 22.32 -13.78 11.63
C GLU B 59 21.66 -15.15 11.45
N GLU B 60 21.85 -16.04 12.44
CA GLU B 60 21.33 -17.41 12.39
C GLU B 60 19.91 -17.51 12.96
N LEU B 61 19.57 -16.65 13.92
CA LEU B 61 18.22 -16.59 14.47
C LEU B 61 17.21 -16.25 13.38
N VAL B 62 17.58 -15.32 12.49
CA VAL B 62 16.67 -14.85 11.45
C VAL B 62 16.68 -15.79 10.25
N HIS B 63 17.37 -16.93 10.31
CA HIS B 63 17.20 -18.00 9.33
C HIS B 63 16.24 -19.06 9.87
N THR B 64 15.62 -18.81 11.02
CA THR B 64 14.76 -19.79 11.65
C THR B 64 13.38 -19.16 11.80
N GLY B 65 12.35 -20.00 11.80
CA GLY B 65 11.00 -19.53 12.06
C GLY B 65 10.26 -20.50 12.96
N PRO B 66 8.97 -20.23 13.22
CA PRO B 66 8.13 -21.07 14.07
C PRO B 66 7.87 -22.47 13.54
N ASP B 67 8.08 -22.71 12.25
CA ASP B 67 8.07 -24.09 11.75
C ASP B 67 9.21 -24.86 12.40
N ASP B 68 10.37 -24.21 12.54
CA ASP B 68 11.50 -24.79 13.22
C ASP B 68 11.21 -24.92 14.71
N TRP B 69 10.77 -23.84 15.35
CA TRP B 69 10.62 -23.83 16.81
C TRP B 69 9.52 -24.81 17.26
N TRP B 70 8.53 -25.05 16.39
CA TRP B 70 7.45 -26.00 16.67
C TRP B 70 7.99 -27.42 16.79
N GLN B 71 8.92 -27.79 15.90
CA GLN B 71 9.56 -29.10 15.88
C GLN B 71 10.27 -29.34 17.22
N ASP B 72 10.97 -28.32 17.72
CA ASP B 72 11.60 -28.38 19.04
C ASP B 72 10.58 -28.57 20.17
N VAL B 73 9.41 -27.95 20.05
CA VAL B 73 8.33 -28.06 21.03
C VAL B 73 7.80 -29.50 21.05
N MET B 74 7.48 -30.01 19.84
CA MET B 74 7.06 -31.39 19.64
C MET B 74 8.11 -32.38 20.17
N ASN B 75 9.39 -32.20 19.85
CA ASN B 75 10.45 -33.06 20.37
C ASN B 75 10.49 -32.97 21.90
N GLY B 76 10.25 -31.77 22.45
CA GLY B 76 10.06 -31.60 23.89
C GLY B 76 8.99 -32.53 24.47
N TYR B 77 7.77 -32.46 23.91
CA TYR B 77 6.65 -33.30 24.33
C TYR B 77 7.03 -34.78 24.28
N GLU B 78 7.48 -35.25 23.11
CA GLU B 78 7.73 -36.66 22.86
C GLU B 78 8.96 -37.16 23.62
N PHE B 79 9.87 -36.28 24.01
CA PHE B 79 10.98 -36.64 24.88
C PHE B 79 10.46 -37.14 26.21
N LEU B 80 9.53 -36.40 26.83
CA LEU B 80 8.89 -36.78 28.08
C LEU B 80 8.08 -38.08 27.91
N LYS B 81 7.29 -38.16 26.82
CA LYS B 81 6.48 -39.34 26.54
C LYS B 81 7.36 -40.58 26.49
N ASN B 82 8.48 -40.49 25.77
CA ASN B 82 9.40 -41.59 25.54
C ASN B 82 10.09 -42.03 26.83
N LYS B 83 10.12 -41.14 27.84
CA LYS B 83 10.66 -41.48 29.15
C LYS B 83 9.56 -42.06 30.04
N GLY B 84 8.37 -42.29 29.49
CA GLY B 84 7.35 -43.04 30.20
C GLY B 84 6.22 -42.16 30.74
N TYR B 85 6.46 -40.84 30.89
CA TYR B 85 5.48 -39.93 31.46
C TYR B 85 4.31 -39.77 30.51
N GLU B 86 3.12 -40.24 30.93
CA GLU B 86 1.96 -40.32 30.05
C GLU B 86 1.09 -39.07 30.15
N LYS B 87 1.18 -38.31 31.25
CA LYS B 87 0.43 -37.08 31.41
C LYS B 87 1.36 -35.87 31.51
N ILE B 88 1.16 -34.94 30.58
CA ILE B 88 2.07 -33.82 30.37
C ILE B 88 1.28 -32.52 30.44
N ALA B 89 1.59 -31.67 31.43
CA ALA B 89 1.14 -30.29 31.42
C ALA B 89 2.21 -29.43 30.71
N VAL B 90 1.86 -28.19 30.40
CA VAL B 90 2.73 -27.29 29.67
C VAL B 90 2.55 -25.86 30.19
N ALA B 91 3.68 -25.15 30.36
CA ALA B 91 3.68 -23.76 30.76
C ALA B 91 4.69 -23.01 29.90
N GLY B 92 4.23 -21.95 29.23
CA GLY B 92 5.05 -21.23 28.27
C GLY B 92 4.96 -19.72 28.49
N LEU B 93 6.09 -19.05 28.20
CA LEU B 93 6.20 -17.61 28.39
C LEU B 93 6.16 -16.94 27.03
N SER B 94 5.11 -16.11 26.84
CA SER B 94 4.93 -15.26 25.67
C SER B 94 4.78 -16.13 24.42
N LEU B 95 5.80 -16.17 23.55
CA LEU B 95 5.83 -17.13 22.45
C LEU B 95 5.63 -18.56 22.93
N GLY B 96 6.26 -18.89 24.05
CA GLY B 96 6.03 -20.16 24.69
C GLY B 96 4.56 -20.37 25.05
N GLY B 97 3.89 -19.28 25.48
CA GLY B 97 2.45 -19.24 25.73
C GLY B 97 1.64 -19.74 24.53
N VAL B 98 1.97 -19.18 23.36
CA VAL B 98 1.36 -19.51 22.08
C VAL B 98 1.56 -20.98 21.74
N PHE B 99 2.80 -21.45 21.87
CA PHE B 99 3.13 -22.83 21.56
C PHE B 99 2.40 -23.75 22.53
N SER B 100 2.13 -23.30 23.76
CA SER B 100 1.38 -24.09 24.72
C SER B 100 -0.08 -24.30 24.28
N LEU B 101 -0.73 -23.20 23.88
CA LEU B 101 -2.09 -23.22 23.37
C LEU B 101 -2.16 -24.17 22.17
N LYS B 102 -1.21 -24.02 21.22
CA LYS B 102 -1.16 -24.82 20.00
C LYS B 102 -1.02 -26.30 20.32
N LEU B 103 -0.16 -26.59 21.27
CA LEU B 103 -0.01 -27.95 21.76
C LEU B 103 -1.36 -28.39 22.32
N GLY B 104 -2.16 -27.43 22.77
CA GLY B 104 -3.35 -27.72 23.54
C GLY B 104 -4.48 -28.31 22.69
N TYR B 105 -4.41 -28.04 21.37
CA TYR B 105 -5.34 -28.61 20.41
C TYR B 105 -4.62 -29.51 19.42
N THR B 106 -3.38 -29.90 19.69
CA THR B 106 -2.63 -30.80 18.80
C THR B 106 -2.38 -32.16 19.45
N VAL B 107 -2.11 -32.20 20.76
CA VAL B 107 -1.79 -33.46 21.42
C VAL B 107 -2.40 -33.43 22.82
N PRO B 108 -2.57 -34.60 23.49
CA PRO B 108 -3.13 -34.66 24.84
C PRO B 108 -2.31 -33.93 25.89
N ILE B 109 -2.99 -33.10 26.67
CA ILE B 109 -2.35 -32.14 27.54
C ILE B 109 -3.17 -32.05 28.83
N GLU B 110 -2.55 -32.33 29.96
CA GLU B 110 -3.25 -32.30 31.23
C GLU B 110 -3.73 -30.88 31.59
N GLY B 111 -2.95 -29.86 31.19
CA GLY B 111 -3.28 -28.48 31.50
C GLY B 111 -2.31 -27.48 30.88
N ILE B 112 -2.82 -26.27 30.58
CA ILE B 112 -2.10 -25.21 29.89
C ILE B 112 -1.99 -24.00 30.81
N VAL B 113 -0.75 -23.51 31.00
CA VAL B 113 -0.46 -22.21 31.59
C VAL B 113 0.19 -21.37 30.50
N THR B 114 -0.45 -20.26 30.12
CA THR B 114 0.08 -19.34 29.13
C THR B 114 0.30 -17.99 29.80
N MET B 115 1.57 -17.53 29.75
CA MET B 115 2.06 -16.33 30.43
C MET B 115 2.40 -15.26 29.39
N CYS B 116 1.65 -14.14 29.43
CA CYS B 116 1.84 -12.97 28.60
C CYS B 116 2.03 -13.33 27.13
N ALA B 117 1.17 -14.24 26.63
CA ALA B 117 1.11 -14.56 25.21
C ALA B 117 0.43 -13.45 24.43
N PRO B 118 1.07 -12.99 23.32
CA PRO B 118 0.53 -11.91 22.49
C PRO B 118 -0.54 -12.41 21.52
N MET B 119 -1.58 -11.59 21.31
CA MET B 119 -2.69 -11.93 20.44
C MET B 119 -3.06 -10.78 19.48
N TYR B 120 -2.35 -9.63 19.54
CA TYR B 120 -2.75 -8.44 18.78
C TYR B 120 -1.52 -7.85 18.05
N ILE B 121 -1.19 -6.56 18.20
CA ILE B 121 -0.33 -5.86 17.23
C ILE B 121 0.87 -5.13 17.88
N LYS B 122 0.83 -4.84 19.17
CA LYS B 122 2.00 -4.27 19.81
C LYS B 122 3.21 -5.20 19.62
N SER B 123 2.95 -6.51 19.58
CA SER B 123 3.98 -7.55 19.46
C SER B 123 4.75 -7.47 18.14
N GLU B 124 4.22 -6.79 17.12
CA GLU B 124 4.91 -6.74 15.83
C GLU B 124 6.07 -5.76 15.87
N GLU B 125 5.96 -4.71 16.70
CA GLU B 125 6.98 -3.68 16.77
C GLU B 125 8.01 -4.07 17.84
N THR B 126 7.55 -4.61 18.98
CA THR B 126 8.46 -4.97 20.06
C THR B 126 9.28 -6.23 19.71
N SER B 127 8.77 -7.05 18.79
CA SER B 127 9.52 -8.16 18.21
C SER B 127 10.80 -7.64 17.57
N TYR B 128 10.61 -6.65 16.70
CA TYR B 128 11.69 -6.04 15.94
C TYR B 128 12.70 -5.50 16.95
N GLU B 129 12.22 -4.77 17.95
CA GLU B 129 13.07 -4.16 18.96
C GLU B 129 13.81 -5.22 19.75
N LEU B 130 13.13 -6.30 20.15
CA LEU B 130 13.74 -7.39 20.93
C LEU B 130 14.89 -8.02 20.15
N VAL B 131 14.69 -8.18 18.82
CA VAL B 131 15.65 -8.84 17.96
C VAL B 131 16.88 -7.96 17.82
N LEU B 132 16.66 -6.66 17.68
CA LEU B 132 17.77 -5.73 17.62
C LEU B 132 18.54 -5.82 18.93
N GLU B 133 17.80 -5.85 20.05
CA GLU B 133 18.40 -5.78 21.37
C GLU B 133 19.26 -7.03 21.59
N TYR B 134 18.73 -8.20 21.21
CA TYR B 134 19.46 -9.45 21.33
C TYR B 134 20.74 -9.36 20.52
N ALA B 135 20.61 -8.75 19.32
CA ALA B 135 21.69 -8.72 18.36
C ALA B 135 22.85 -7.88 18.88
N ARG B 136 22.59 -6.66 19.35
CA ARG B 136 23.61 -5.79 19.91
C ARG B 136 24.24 -6.44 21.14
N GLU B 137 23.42 -7.04 22.02
CA GLU B 137 23.94 -7.63 23.25
C GLU B 137 24.91 -8.76 22.94
N TYR B 138 24.55 -9.63 21.99
CA TYR B 138 25.40 -10.74 21.58
C TYR B 138 26.74 -10.24 21.05
N LYS B 139 26.73 -9.17 20.26
CA LYS B 139 27.94 -8.68 19.63
C LYS B 139 28.89 -8.08 20.68
N LYS B 140 28.33 -7.43 21.71
CA LYS B 140 29.12 -6.83 22.78
C LYS B 140 29.72 -7.94 23.64
N ARG B 141 28.97 -9.04 23.80
CA ARG B 141 29.42 -10.16 24.63
C ARG B 141 30.60 -10.83 23.92
N GLU B 142 30.56 -10.88 22.58
CA GLU B 142 31.69 -11.40 21.83
C GLU B 142 32.79 -10.34 21.70
N GLY B 143 32.57 -9.18 22.34
CA GLY B 143 33.63 -8.21 22.61
C GLY B 143 34.08 -7.43 21.37
N LYS B 144 33.18 -7.25 20.40
CA LYS B 144 33.46 -6.48 19.20
C LYS B 144 33.45 -4.98 19.52
N SER B 145 34.22 -4.19 18.73
CA SER B 145 34.25 -2.74 18.85
C SER B 145 32.86 -2.15 18.55
N GLU B 146 32.64 -0.90 19.01
CA GLU B 146 31.38 -0.21 18.84
C GLU B 146 31.18 0.20 17.38
N GLU B 147 32.27 0.41 16.62
CA GLU B 147 32.20 0.65 15.20
C GLU B 147 31.93 -0.64 14.43
N GLN B 148 32.45 -1.76 14.93
CA GLN B 148 32.14 -3.06 14.32
C GLN B 148 30.66 -3.38 14.56
N ILE B 149 30.18 -3.14 15.78
CA ILE B 149 28.79 -3.37 16.18
C ILE B 149 27.85 -2.55 15.32
N GLU B 150 28.11 -1.25 15.17
CA GLU B 150 27.25 -0.38 14.39
C GLU B 150 27.25 -0.81 12.91
N GLN B 151 28.39 -1.22 12.36
CA GLN B 151 28.41 -1.65 10.97
C GLN B 151 27.53 -2.91 10.80
N GLU B 152 27.71 -3.91 11.68
CA GLU B 152 27.01 -5.19 11.58
C GLU B 152 25.51 -5.02 11.89
N MET B 153 25.16 -4.03 12.70
CA MET B 153 23.77 -3.74 12.99
C MET B 153 23.07 -3.17 11.76
N GLU B 154 23.76 -2.33 10.97
CA GLU B 154 23.14 -1.78 9.77
C GLU B 154 23.11 -2.84 8.68
N LYS B 155 24.10 -3.72 8.59
CA LYS B 155 24.02 -4.89 7.73
C LYS B 155 22.78 -5.73 8.07
N PHE B 156 22.53 -5.88 9.37
CA PHE B 156 21.55 -6.83 9.91
C PHE B 156 20.12 -6.31 9.69
N LYS B 157 19.91 -5.02 9.97
CA LYS B 157 18.68 -4.33 9.64
C LYS B 157 18.34 -4.38 8.14
N GLN B 158 19.34 -4.46 7.26
CA GLN B 158 19.12 -4.37 5.83
C GLN B 158 19.23 -5.75 5.18
N THR B 159 19.13 -6.82 5.99
CA THR B 159 19.04 -8.18 5.49
C THR B 159 17.74 -8.82 5.98
N PRO B 160 17.19 -9.82 5.23
CA PRO B 160 15.88 -10.39 5.57
C PRO B 160 15.75 -10.76 7.05
N MET B 161 14.52 -10.62 7.55
CA MET B 161 14.09 -11.10 8.85
C MET B 161 12.68 -11.64 8.66
N LYS B 162 12.50 -12.57 7.75
CA LYS B 162 11.13 -13.07 7.46
C LYS B 162 10.57 -13.77 8.70
N THR B 163 11.43 -14.15 9.64
CA THR B 163 11.00 -14.82 10.89
C THR B 163 9.94 -13.98 11.62
N LEU B 164 10.08 -12.66 11.59
CA LEU B 164 9.13 -11.75 12.29
C LEU B 164 7.73 -11.89 11.68
N LYS B 165 7.60 -11.87 10.36
CA LYS B 165 6.32 -12.12 9.73
C LYS B 165 5.82 -13.50 10.19
N ALA B 166 6.69 -14.51 10.10
CA ALA B 166 6.28 -15.88 10.35
C ALA B 166 5.70 -15.96 11.75
N LEU B 167 6.29 -15.15 12.64
CA LEU B 167 5.83 -15.05 14.02
C LEU B 167 4.41 -14.48 14.07
N GLN B 168 4.10 -13.44 13.30
CA GLN B 168 2.75 -12.88 13.28
C GLN B 168 1.72 -13.88 12.73
N GLU B 169 2.11 -14.69 11.73
CA GLU B 169 1.24 -15.70 11.13
C GLU B 169 0.88 -16.80 12.12
N LEU B 170 1.86 -17.25 12.91
CA LEU B 170 1.65 -18.22 13.97
C LEU B 170 0.62 -17.70 14.98
N LYS B 171 0.79 -16.43 15.34
CA LYS B 171 -0.04 -15.77 16.32
C LYS B 171 -1.48 -15.68 15.83
N ALA B 172 -1.66 -15.35 14.55
CA ALA B 172 -2.98 -15.31 13.96
C ALA B 172 -3.58 -16.73 13.96
N ASP B 173 -2.82 -17.70 13.43
CA ASP B 173 -3.27 -19.08 13.32
C ASP B 173 -3.69 -19.64 14.69
N VAL B 174 -2.94 -19.35 15.75
CA VAL B 174 -3.26 -19.96 17.04
C VAL B 174 -4.53 -19.30 17.57
N ARG B 175 -4.72 -18.02 17.25
CA ARG B 175 -5.91 -17.30 17.67
C ARG B 175 -7.12 -17.91 16.98
N ASP B 176 -6.98 -18.20 15.69
CA ASP B 176 -8.01 -18.90 14.93
C ASP B 176 -8.43 -20.23 15.55
N HIS B 177 -7.53 -20.90 16.27
CA HIS B 177 -7.85 -22.21 16.82
C HIS B 177 -8.11 -22.21 18.32
N LEU B 178 -8.19 -21.03 18.98
CA LEU B 178 -8.45 -20.99 20.42
C LEU B 178 -9.73 -21.77 20.79
N ASP B 179 -10.75 -21.71 19.90
CA ASP B 179 -12.04 -22.34 20.17
C ASP B 179 -11.95 -23.87 20.17
N LEU B 180 -10.78 -24.43 19.83
CA LEU B 180 -10.57 -25.88 19.80
C LEU B 180 -9.95 -26.39 21.09
N ILE B 181 -9.54 -25.49 21.98
CA ILE B 181 -8.86 -25.88 23.20
C ILE B 181 -9.92 -26.19 24.25
N TYR B 182 -9.73 -27.31 24.94
CA TYR B 182 -10.66 -27.74 25.98
C TYR B 182 -9.93 -28.07 27.28
N ALA B 183 -8.63 -28.34 27.16
CA ALA B 183 -7.81 -28.65 28.32
C ALA B 183 -7.92 -27.50 29.31
N PRO B 184 -7.85 -27.76 30.65
CA PRO B 184 -7.81 -26.69 31.64
C PRO B 184 -6.70 -25.67 31.34
N THR B 185 -7.00 -24.38 31.49
CA THR B 185 -6.07 -23.35 31.08
C THR B 185 -5.96 -22.29 32.16
N PHE B 186 -4.73 -21.89 32.47
CA PHE B 186 -4.44 -20.79 33.38
C PHE B 186 -3.83 -19.64 32.57
N VAL B 187 -4.58 -18.55 32.41
CA VAL B 187 -4.11 -17.38 31.71
C VAL B 187 -3.43 -16.43 32.71
N VAL B 188 -2.15 -16.16 32.44
CA VAL B 188 -1.26 -15.38 33.30
C VAL B 188 -0.89 -14.15 32.47
N GLN B 189 -1.08 -12.94 33.04
CA GLN B 189 -0.75 -11.71 32.36
C GLN B 189 -0.33 -10.63 33.36
N ALA B 190 0.79 -9.95 33.04
CA ALA B 190 1.25 -8.78 33.77
C ALA B 190 0.47 -7.57 33.29
N ARG B 191 -0.08 -6.79 34.24
CA ARG B 191 -0.88 -5.63 33.89
C ARG B 191 -0.04 -4.66 33.07
N HIS B 192 1.20 -4.36 33.52
CA HIS B 192 2.01 -3.32 32.89
C HIS B 192 2.96 -3.90 31.86
N ASP B 193 2.41 -4.40 30.74
CA ASP B 193 3.19 -5.12 29.75
C ASP B 193 3.57 -4.20 28.60
N GLU B 194 4.87 -3.88 28.49
CA GLU B 194 5.37 -2.93 27.50
C GLU B 194 5.66 -3.62 26.18
N MET B 195 5.44 -4.94 26.11
CA MET B 195 5.86 -5.71 24.93
C MET B 195 4.67 -6.23 24.12
N ILE B 196 3.53 -6.54 24.76
CA ILE B 196 2.34 -7.00 24.06
C ILE B 196 1.12 -6.17 24.49
N ASN B 197 -0.02 -6.43 23.82
CA ASN B 197 -1.30 -5.88 24.20
C ASN B 197 -1.86 -6.78 25.31
N PRO B 198 -1.98 -6.31 26.58
CA PRO B 198 -2.40 -7.20 27.66
C PRO B 198 -3.82 -7.77 27.51
N ASP B 199 -4.67 -7.12 26.70
CA ASP B 199 -6.02 -7.60 26.47
C ASP B 199 -5.98 -8.94 25.73
N SER B 200 -4.84 -9.27 25.12
CA SER B 200 -4.58 -10.62 24.62
C SER B 200 -5.00 -11.70 25.64
N ALA B 201 -4.77 -11.45 26.92
CA ALA B 201 -5.17 -12.37 27.99
C ALA B 201 -6.69 -12.60 28.00
N ASN B 202 -7.48 -11.53 27.77
CA ASN B 202 -8.94 -11.63 27.75
C ASN B 202 -9.39 -12.45 26.54
N ILE B 203 -8.79 -12.14 25.37
CA ILE B 203 -9.02 -12.89 24.15
C ILE B 203 -8.92 -14.39 24.42
N ILE B 204 -7.81 -14.81 25.06
CA ILE B 204 -7.53 -16.23 25.25
C ILE B 204 -8.55 -16.81 26.21
N TYR B 205 -8.75 -16.18 27.37
CA TYR B 205 -9.66 -16.69 28.38
C TYR B 205 -11.08 -16.87 27.82
N ASN B 206 -11.57 -15.89 27.06
CA ASN B 206 -12.94 -15.88 26.55
C ASN B 206 -13.17 -16.92 25.46
N GLU B 207 -12.18 -17.08 24.56
CA GLU B 207 -12.42 -17.75 23.30
C GLU B 207 -11.97 -19.22 23.28
N ILE B 208 -11.26 -19.72 24.30
CA ILE B 208 -11.04 -21.16 24.47
C ILE B 208 -12.36 -21.75 24.92
N GLU B 209 -12.60 -23.04 24.64
CA GLU B 209 -13.82 -23.68 25.08
C GLU B 209 -13.62 -24.52 26.36
N SER B 210 -12.51 -24.33 27.06
CA SER B 210 -12.21 -25.13 28.23
C SER B 210 -13.27 -24.88 29.29
N PRO B 211 -13.92 -25.92 29.86
CA PRO B 211 -14.79 -25.74 31.03
C PRO B 211 -14.08 -25.29 32.31
N VAL B 212 -12.80 -25.69 32.46
CA VAL B 212 -11.98 -25.30 33.60
C VAL B 212 -10.92 -24.33 33.10
N LYS B 213 -10.94 -23.12 33.65
CA LYS B 213 -10.03 -22.07 33.24
C LYS B 213 -10.00 -21.01 34.33
N GLN B 214 -8.90 -20.25 34.38
CA GLN B 214 -8.73 -19.15 35.31
C GLN B 214 -7.79 -18.14 34.66
N ILE B 215 -7.95 -16.86 35.04
CA ILE B 215 -7.07 -15.80 34.56
C ILE B 215 -6.61 -15.01 35.77
N LYS B 216 -5.33 -14.58 35.76
CA LYS B 216 -4.86 -13.79 36.88
C LYS B 216 -3.96 -12.69 36.33
N TRP B 217 -4.17 -11.49 36.87
CA TRP B 217 -3.44 -10.29 36.48
C TRP B 217 -2.42 -9.96 37.57
N TYR B 218 -1.20 -9.63 37.14
CA TYR B 218 -0.09 -9.34 38.03
C TYR B 218 0.23 -7.86 37.89
N GLU B 219 0.09 -7.12 39.01
CA GLU B 219 -0.11 -5.67 38.95
C GLU B 219 1.22 -4.95 38.97
N GLN B 220 2.29 -5.68 39.28
CA GLN B 220 3.59 -5.07 39.48
C GLN B 220 4.66 -5.85 38.72
N SER B 221 4.26 -6.44 37.59
CA SER B 221 5.17 -7.21 36.77
C SER B 221 5.24 -6.60 35.38
N GLY B 222 6.37 -6.82 34.72
CA GLY B 222 6.52 -6.59 33.30
C GLY B 222 6.42 -7.89 32.50
N HIS B 223 6.66 -7.78 31.19
CA HIS B 223 6.44 -8.87 30.24
C HIS B 223 7.11 -10.15 30.71
N VAL B 224 8.39 -10.07 31.07
CA VAL B 224 9.18 -11.24 31.42
C VAL B 224 8.89 -11.61 32.87
N ILE B 225 7.68 -12.14 33.09
CA ILE B 225 7.08 -12.24 34.41
C ILE B 225 7.86 -13.24 35.29
N THR B 226 8.47 -14.23 34.64
CA THR B 226 9.13 -15.33 35.33
C THR B 226 10.41 -14.86 36.03
N LEU B 227 11.01 -13.75 35.54
CA LEU B 227 12.24 -13.21 36.12
C LEU B 227 11.98 -11.91 36.90
N ASP B 228 10.72 -11.43 36.93
CA ASP B 228 10.40 -10.15 37.55
C ASP B 228 10.05 -10.40 39.02
N GLN B 229 9.55 -9.36 39.68
CA GLN B 229 9.53 -9.25 41.14
C GLN B 229 8.38 -10.02 41.78
N GLU B 230 7.47 -10.60 40.97
CA GLU B 230 6.31 -11.34 41.49
C GLU B 230 6.41 -12.83 41.18
N LYS B 231 7.62 -13.30 40.81
CA LYS B 231 7.83 -14.67 40.39
C LYS B 231 7.53 -15.66 41.52
N ASP B 232 7.74 -15.26 42.78
CA ASP B 232 7.50 -16.17 43.90
C ASP B 232 6.03 -16.55 43.96
N GLN B 233 5.16 -15.52 43.87
CA GLN B 233 3.73 -15.71 43.86
C GLN B 233 3.32 -16.51 42.62
N LEU B 234 3.90 -16.13 41.47
CA LEU B 234 3.61 -16.80 40.21
C LEU B 234 3.83 -18.30 40.38
N HIS B 235 5.00 -18.68 40.89
CA HIS B 235 5.32 -20.07 41.17
C HIS B 235 4.27 -20.80 42.03
N GLU B 236 3.81 -20.15 43.12
CA GLU B 236 2.76 -20.72 43.98
C GLU B 236 1.42 -20.85 43.24
N ASP B 237 1.03 -19.83 42.46
CA ASP B 237 -0.16 -19.87 41.63
C ASP B 237 -0.12 -21.02 40.62
N ILE B 238 1.01 -21.19 39.95
CA ILE B 238 1.10 -22.22 38.93
C ILE B 238 1.08 -23.60 39.57
N TYR B 239 1.88 -23.80 40.63
CA TYR B 239 1.84 -25.04 41.40
C TYR B 239 0.41 -25.42 41.79
N ALA B 240 -0.34 -24.45 42.34
CA ALA B 240 -1.68 -24.76 42.83
C ALA B 240 -2.61 -25.10 41.66
N PHE B 241 -2.50 -24.38 40.53
CA PHE B 241 -3.23 -24.73 39.32
C PHE B 241 -2.94 -26.18 38.93
N LEU B 242 -1.67 -26.60 38.94
CA LEU B 242 -1.31 -27.96 38.57
C LEU B 242 -1.86 -28.97 39.58
N GLU B 243 -1.89 -28.59 40.88
CA GLU B 243 -2.37 -29.49 41.91
C GLU B 243 -3.87 -29.74 41.75
N SER B 244 -4.57 -28.75 41.18
CA SER B 244 -6.02 -28.80 40.97
C SER B 244 -6.43 -29.64 39.75
N LEU B 245 -5.47 -30.06 38.93
CA LEU B 245 -5.78 -30.85 37.72
C LEU B 245 -6.06 -32.32 38.07
N ASP B 246 -6.79 -33.03 37.21
CA ASP B 246 -7.12 -34.46 37.43
C ASP B 246 -6.01 -35.35 36.87
N TRP B 247 -4.97 -35.61 37.65
CA TRP B 247 -3.81 -36.37 37.11
C TRP B 247 -4.02 -37.87 37.22
N LEU B 248 -5.26 -38.36 37.29
CA LEU B 248 -5.52 -39.78 37.42
C LEU B 248 -6.15 -40.29 36.13
N GLU B 249 -6.29 -41.61 36.01
CA GLU B 249 -7.01 -42.21 34.90
C GLU B 249 -8.19 -43.01 35.47
N HIS B 250 -9.18 -43.30 34.61
CA HIS B 250 -10.42 -43.93 35.05
C HIS B 250 -10.77 -45.09 34.10
N MET C 1 -41.90 36.40 -19.99
CA MET C 1 -42.91 36.82 -20.99
C MET C 1 -43.18 35.72 -22.04
N MET C 2 -42.43 34.60 -22.04
CA MET C 2 -42.71 33.46 -22.92
C MET C 2 -41.80 32.29 -22.54
N LYS C 3 -42.32 31.06 -22.60
CA LYS C 3 -41.59 29.87 -22.16
C LYS C 3 -40.77 29.31 -23.34
N ILE C 4 -39.55 28.81 -23.07
CA ILE C 4 -38.72 28.27 -24.14
C ILE C 4 -38.95 26.77 -24.26
N VAL C 5 -39.29 26.34 -25.49
CA VAL C 5 -39.45 24.93 -25.80
C VAL C 5 -38.10 24.24 -25.64
N PRO C 6 -37.94 23.30 -24.67
CA PRO C 6 -36.68 22.61 -24.51
C PRO C 6 -36.47 21.66 -25.67
N PRO C 7 -35.20 21.31 -25.96
CA PRO C 7 -34.86 20.33 -26.99
C PRO C 7 -35.07 18.90 -26.54
N LYS C 8 -35.00 17.97 -27.48
CA LYS C 8 -35.27 16.57 -27.20
C LYS C 8 -34.14 15.68 -27.71
N PRO C 9 -33.95 14.48 -27.11
CA PRO C 9 -33.06 13.48 -27.70
C PRO C 9 -33.56 13.09 -29.10
N PHE C 10 -32.71 12.43 -29.90
CA PHE C 10 -33.11 11.89 -31.19
C PHE C 10 -32.59 10.47 -31.30
N PHE C 11 -33.24 9.70 -32.18
CA PHE C 11 -32.93 8.30 -32.43
C PHE C 11 -33.29 7.94 -33.87
N PHE C 12 -32.27 7.89 -34.73
CA PHE C 12 -32.39 7.62 -36.15
C PHE C 12 -32.05 6.16 -36.42
N GLU C 13 -33.08 5.35 -36.69
CA GLU C 13 -32.92 3.94 -37.04
C GLU C 13 -32.49 3.80 -38.49
N ALA C 14 -31.43 3.03 -38.69
CA ALA C 14 -31.03 2.59 -40.01
C ALA C 14 -30.46 1.18 -39.87
N GLY C 15 -29.18 0.98 -40.21
CA GLY C 15 -28.58 -0.35 -40.20
C GLY C 15 -28.29 -0.90 -38.80
N GLU C 16 -27.48 -1.96 -38.76
CA GLU C 16 -27.23 -2.74 -37.57
C GLU C 16 -26.04 -2.14 -36.78
N ARG C 17 -25.24 -1.28 -37.44
CA ARG C 17 -24.18 -0.51 -36.77
C ARG C 17 -24.80 0.71 -36.08
N ALA C 18 -24.46 0.90 -34.79
CA ALA C 18 -25.00 1.99 -34.00
C ALA C 18 -23.88 2.92 -33.56
N VAL C 19 -24.22 4.20 -33.39
CA VAL C 19 -23.28 5.22 -32.94
C VAL C 19 -23.98 6.09 -31.89
N LEU C 20 -23.26 6.41 -30.81
CA LEU C 20 -23.76 7.27 -29.75
C LEU C 20 -23.12 8.63 -29.96
N LEU C 21 -23.95 9.67 -30.13
CA LEU C 21 -23.50 11.02 -30.38
C LEU C 21 -23.76 11.86 -29.14
N LEU C 22 -22.69 12.50 -28.64
CA LEU C 22 -22.69 13.16 -27.34
C LEU C 22 -22.35 14.63 -27.51
N HIS C 23 -23.23 15.51 -27.00
CA HIS C 23 -23.11 16.95 -27.21
C HIS C 23 -22.08 17.56 -26.24
N GLY C 24 -21.90 18.89 -26.37
CA GLY C 24 -20.96 19.66 -25.57
C GLY C 24 -21.66 20.39 -24.41
N PHE C 25 -20.85 21.03 -23.55
CA PHE C 25 -21.32 21.71 -22.34
C PHE C 25 -22.19 22.91 -22.72
N THR C 26 -23.35 23.01 -22.05
CA THR C 26 -24.45 23.95 -22.31
C THR C 26 -25.13 23.74 -23.69
N GLY C 27 -24.72 22.75 -24.48
CA GLY C 27 -25.38 22.46 -25.75
C GLY C 27 -26.53 21.47 -25.61
N ASN C 28 -26.85 20.79 -26.72
CA ASN C 28 -27.91 19.80 -26.77
C ASN C 28 -27.77 18.98 -28.04
N SER C 29 -28.73 18.08 -28.28
CA SER C 29 -28.72 17.18 -29.41
C SER C 29 -28.42 17.91 -30.74
N ALA C 30 -28.87 19.15 -30.87
CA ALA C 30 -28.66 19.95 -32.06
C ALA C 30 -27.19 19.96 -32.47
N ASP C 31 -26.26 19.87 -31.48
CA ASP C 31 -24.83 19.96 -31.72
C ASP C 31 -24.34 18.86 -32.66
N VAL C 32 -25.07 17.73 -32.73
CA VAL C 32 -24.62 16.52 -33.42
C VAL C 32 -25.70 15.99 -34.37
N ARG C 33 -26.80 16.73 -34.53
CA ARG C 33 -27.94 16.28 -35.32
C ARG C 33 -27.59 16.15 -36.80
N MET C 34 -26.79 17.10 -37.33
CA MET C 34 -26.44 17.06 -38.74
C MET C 34 -25.49 15.90 -39.01
N LEU C 35 -24.62 15.61 -38.02
CA LEU C 35 -23.75 14.46 -38.11
C LEU C 35 -24.60 13.20 -38.05
N GLY C 36 -25.53 13.13 -37.09
CA GLY C 36 -26.52 12.05 -37.01
C GLY C 36 -27.22 11.73 -38.33
N ARG C 37 -27.60 12.78 -39.09
CA ARG C 37 -28.29 12.63 -40.37
C ARG C 37 -27.36 12.10 -41.46
N PHE C 38 -26.17 12.68 -41.58
CA PHE C 38 -25.17 12.15 -42.49
C PHE C 38 -24.90 10.66 -42.20
N LEU C 39 -24.67 10.30 -40.92
CA LEU C 39 -24.37 8.91 -40.60
C LEU C 39 -25.59 8.03 -40.88
N GLU C 40 -26.80 8.54 -40.62
CA GLU C 40 -28.01 7.77 -40.92
C GLU C 40 -28.11 7.54 -42.42
N SER C 41 -27.74 8.57 -43.20
CA SER C 41 -27.84 8.48 -44.65
C SER C 41 -26.84 7.47 -45.20
N LYS C 42 -25.83 7.09 -44.40
CA LYS C 42 -24.84 6.08 -44.78
C LYS C 42 -25.11 4.72 -44.14
N GLY C 43 -26.21 4.58 -43.40
CA GLY C 43 -26.65 3.29 -42.89
C GLY C 43 -26.37 3.05 -41.41
N TYR C 44 -25.93 4.09 -40.68
CA TYR C 44 -25.57 3.96 -39.28
C TYR C 44 -26.72 4.47 -38.43
N THR C 45 -27.30 3.58 -37.61
CA THR C 45 -28.18 3.98 -36.55
C THR C 45 -27.45 4.93 -35.61
N CYS C 46 -28.14 5.98 -35.13
CA CYS C 46 -27.58 7.00 -34.26
C CYS C 46 -28.55 7.35 -33.13
N HIS C 47 -28.01 7.73 -31.97
CA HIS C 47 -28.79 8.19 -30.84
C HIS C 47 -27.98 9.26 -30.11
N ALA C 48 -28.62 10.42 -29.93
CA ALA C 48 -28.04 11.52 -29.19
C ALA C 48 -28.90 11.82 -27.95
N PRO C 49 -28.45 11.48 -26.72
CA PRO C 49 -29.20 11.83 -25.51
C PRO C 49 -28.99 13.31 -25.22
N ILE C 50 -29.60 13.81 -24.14
CA ILE C 50 -29.38 15.16 -23.68
C ILE C 50 -29.01 15.11 -22.21
N TYR C 51 -27.88 15.75 -21.85
CA TYR C 51 -27.48 15.89 -20.45
C TYR C 51 -28.56 16.63 -19.66
N LYS C 52 -28.74 16.23 -18.40
CA LYS C 52 -29.63 16.92 -17.47
C LYS C 52 -29.11 18.34 -17.27
N GLY C 53 -30.06 19.27 -17.12
CA GLY C 53 -29.80 20.69 -16.98
C GLY C 53 -29.61 21.42 -18.30
N HIS C 54 -29.73 20.74 -19.44
CA HIS C 54 -29.29 21.32 -20.70
C HIS C 54 -30.52 21.68 -21.52
N GLY C 55 -30.49 22.82 -22.22
CA GLY C 55 -31.62 23.30 -23.02
C GLY C 55 -32.80 23.84 -22.18
N VAL C 56 -32.52 24.16 -20.92
CA VAL C 56 -33.51 24.54 -19.94
C VAL C 56 -33.01 25.82 -19.27
N PRO C 57 -33.74 26.43 -18.30
CA PRO C 57 -33.23 27.61 -17.62
C PRO C 57 -31.79 27.44 -17.10
N PRO C 58 -30.94 28.48 -17.16
CA PRO C 58 -29.57 28.38 -16.65
C PRO C 58 -29.50 28.18 -15.13
N GLU C 59 -30.58 28.54 -14.40
CA GLU C 59 -30.62 28.30 -12.97
C GLU C 59 -30.78 26.81 -12.70
N GLU C 60 -31.33 26.07 -13.67
CA GLU C 60 -31.46 24.61 -13.58
C GLU C 60 -30.13 23.92 -13.90
N LEU C 61 -29.37 24.46 -14.86
CA LEU C 61 -28.08 23.90 -15.25
C LEU C 61 -27.15 23.79 -14.06
N VAL C 62 -27.17 24.82 -13.19
CA VAL C 62 -26.11 24.95 -12.20
C VAL C 62 -26.40 24.10 -10.97
N HIS C 63 -27.56 23.42 -10.95
CA HIS C 63 -27.84 22.39 -9.96
C HIS C 63 -27.44 21.00 -10.48
N THR C 64 -26.70 20.95 -11.61
CA THR C 64 -26.30 19.68 -12.18
C THR C 64 -24.79 19.68 -12.39
N GLY C 65 -24.21 18.47 -12.47
CA GLY C 65 -22.80 18.30 -12.77
C GLY C 65 -22.56 16.99 -13.51
N PRO C 66 -21.30 16.66 -13.83
CA PRO C 66 -20.96 15.43 -14.56
C PRO C 66 -21.51 14.12 -14.01
N ASP C 67 -21.79 14.00 -12.71
CA ASP C 67 -22.41 12.79 -12.17
C ASP C 67 -23.78 12.58 -12.80
N ASP C 68 -24.54 13.67 -12.96
CA ASP C 68 -25.84 13.59 -13.61
C ASP C 68 -25.68 13.26 -15.09
N TRP C 69 -24.75 13.97 -15.76
CA TRP C 69 -24.59 13.90 -17.21
C TRP C 69 -24.06 12.52 -17.60
N TRP C 70 -23.22 11.91 -16.75
CA TRP C 70 -22.66 10.60 -17.05
C TRP C 70 -23.79 9.57 -17.06
N GLN C 71 -24.79 9.73 -16.18
CA GLN C 71 -25.93 8.83 -16.13
C GLN C 71 -26.72 8.91 -17.43
N ASP C 72 -26.80 10.11 -18.03
CA ASP C 72 -27.49 10.31 -19.30
C ASP C 72 -26.70 9.68 -20.45
N VAL C 73 -25.37 9.75 -20.39
CA VAL C 73 -24.51 9.10 -21.37
C VAL C 73 -24.73 7.59 -21.29
N MET C 74 -24.56 7.03 -20.08
CA MET C 74 -24.68 5.60 -19.86
C MET C 74 -26.09 5.13 -20.24
N ASN C 75 -27.14 5.90 -19.90
CA ASN C 75 -28.48 5.53 -20.33
C ASN C 75 -28.60 5.55 -21.86
N GLY C 76 -27.77 6.38 -22.52
CA GLY C 76 -27.67 6.39 -23.97
C GLY C 76 -27.12 5.07 -24.51
N TYR C 77 -25.98 4.64 -23.97
CA TYR C 77 -25.37 3.37 -24.33
C TYR C 77 -26.39 2.25 -24.16
N GLU C 78 -27.03 2.18 -22.99
CA GLU C 78 -27.95 1.10 -22.63
C GLU C 78 -29.19 1.12 -23.53
N PHE C 79 -29.69 2.31 -23.84
CA PHE C 79 -30.81 2.47 -24.73
C PHE C 79 -30.54 1.70 -26.02
N LEU C 80 -29.34 1.88 -26.58
CA LEU C 80 -28.98 1.25 -27.84
C LEU C 80 -28.82 -0.25 -27.64
N LYS C 81 -28.20 -0.67 -26.52
CA LYS C 81 -28.00 -2.08 -26.24
C LYS C 81 -29.34 -2.81 -26.13
N ASN C 82 -30.34 -2.18 -25.49
CA ASN C 82 -31.63 -2.81 -25.23
C ASN C 82 -32.51 -2.86 -26.48
N LYS C 83 -32.21 -2.05 -27.50
CA LYS C 83 -32.87 -2.14 -28.80
C LYS C 83 -32.22 -3.25 -29.64
N GLY C 84 -31.10 -3.81 -29.17
CA GLY C 84 -30.49 -4.98 -29.79
C GLY C 84 -29.24 -4.68 -30.63
N TYR C 85 -28.66 -3.48 -30.48
CA TYR C 85 -27.43 -3.15 -31.18
C TYR C 85 -26.26 -3.63 -30.33
N GLU C 86 -25.52 -4.61 -30.86
CA GLU C 86 -24.58 -5.35 -30.04
C GLU C 86 -23.26 -4.57 -29.93
N LYS C 87 -22.90 -3.82 -30.99
CA LYS C 87 -21.66 -3.06 -31.04
C LYS C 87 -21.96 -1.57 -31.24
N ILE C 88 -21.30 -0.73 -30.43
CA ILE C 88 -21.56 0.70 -30.35
C ILE C 88 -20.25 1.49 -30.46
N ALA C 89 -20.23 2.43 -31.41
CA ALA C 89 -19.22 3.48 -31.48
C ALA C 89 -19.80 4.75 -30.84
N VAL C 90 -18.92 5.70 -30.50
CA VAL C 90 -19.36 6.93 -29.84
C VAL C 90 -18.57 8.10 -30.44
N ALA C 91 -19.29 9.22 -30.68
CA ALA C 91 -18.73 10.48 -31.16
C ALA C 91 -19.20 11.64 -30.28
N GLY C 92 -18.27 12.51 -29.87
CA GLY C 92 -18.56 13.55 -28.90
C GLY C 92 -17.89 14.89 -29.21
N LEU C 93 -18.54 15.97 -28.76
CA LEU C 93 -17.98 17.34 -28.92
C LEU C 93 -17.62 17.90 -27.54
N SER C 94 -16.35 18.25 -27.34
CA SER C 94 -15.85 18.78 -26.04
C SER C 94 -16.28 17.90 -24.86
N LEU C 95 -17.18 18.39 -24.00
CA LEU C 95 -17.68 17.56 -22.89
C LEU C 95 -18.05 16.20 -23.47
N GLY C 96 -18.68 16.22 -24.64
CA GLY C 96 -19.06 14.98 -25.28
C GLY C 96 -17.87 14.09 -25.58
N GLY C 97 -16.79 14.72 -26.10
CA GLY C 97 -15.51 14.08 -26.35
C GLY C 97 -14.90 13.42 -25.11
N VAL C 98 -14.94 14.14 -23.99
CA VAL C 98 -14.41 13.65 -22.72
C VAL C 98 -15.21 12.44 -22.25
N PHE C 99 -16.55 12.54 -22.24
CA PHE C 99 -17.37 11.39 -21.93
C PHE C 99 -17.12 10.23 -22.90
N SER C 100 -16.82 10.50 -24.17
CA SER C 100 -16.52 9.46 -25.16
C SER C 100 -15.28 8.63 -24.78
N LEU C 101 -14.27 9.33 -24.24
CA LEU C 101 -13.05 8.70 -23.79
C LEU C 101 -13.31 7.87 -22.53
N LYS C 102 -14.17 8.38 -21.65
CA LYS C 102 -14.56 7.68 -20.43
C LYS C 102 -15.37 6.42 -20.75
N LEU C 103 -16.29 6.49 -21.73
CA LEU C 103 -16.92 5.27 -22.19
C LEU C 103 -15.86 4.28 -22.66
N GLY C 104 -14.78 4.80 -23.22
CA GLY C 104 -13.77 3.96 -23.86
C GLY C 104 -13.03 3.05 -22.89
N TYR C 105 -12.93 3.47 -21.61
CA TYR C 105 -12.29 2.64 -20.61
C TYR C 105 -13.28 2.07 -19.61
N THR C 106 -14.54 1.87 -20.02
CA THR C 106 -15.61 1.61 -19.06
C THR C 106 -16.52 0.52 -19.59
N VAL C 107 -16.85 0.60 -20.87
CA VAL C 107 -17.74 -0.35 -21.49
C VAL C 107 -17.20 -0.62 -22.89
N PRO C 108 -17.66 -1.71 -23.53
CA PRO C 108 -17.21 -2.03 -24.88
C PRO C 108 -17.63 -0.94 -25.87
N ILE C 109 -16.63 -0.39 -26.56
CA ILE C 109 -16.85 0.63 -27.57
C ILE C 109 -16.09 0.23 -28.83
N GLU C 110 -16.79 0.19 -29.97
CA GLU C 110 -16.20 -0.23 -31.22
C GLU C 110 -15.14 0.76 -31.69
N GLY C 111 -15.44 2.06 -31.57
CA GLY C 111 -14.50 3.13 -31.92
C GLY C 111 -14.90 4.44 -31.26
N ILE C 112 -13.97 5.39 -31.18
CA ILE C 112 -14.16 6.63 -30.43
C ILE C 112 -13.82 7.79 -31.35
N VAL C 113 -14.71 8.80 -31.43
CA VAL C 113 -14.36 10.07 -32.05
C VAL C 113 -14.55 11.13 -30.99
N THR C 114 -13.48 11.91 -30.78
CA THR C 114 -13.37 12.94 -29.76
C THR C 114 -12.98 14.23 -30.46
N MET C 115 -13.92 15.20 -30.45
CA MET C 115 -13.86 16.41 -31.23
C MET C 115 -13.69 17.59 -30.25
N CYS C 116 -12.47 18.15 -30.18
CA CYS C 116 -12.18 19.36 -29.44
C CYS C 116 -12.37 19.16 -27.94
N ALA C 117 -11.91 18.01 -27.44
CA ALA C 117 -11.93 17.68 -26.01
C ALA C 117 -10.81 18.42 -25.28
N PRO C 118 -11.14 19.16 -24.21
CA PRO C 118 -10.15 19.91 -23.44
C PRO C 118 -9.47 19.04 -22.40
N MET C 119 -8.17 19.34 -22.14
CA MET C 119 -7.36 18.60 -21.18
C MET C 119 -6.58 19.55 -20.26
N TYR C 120 -6.78 20.87 -20.39
CA TYR C 120 -5.94 21.82 -19.68
C TYR C 120 -6.83 22.93 -19.12
N ILE C 121 -6.39 24.20 -19.14
CA ILE C 121 -6.88 25.21 -18.19
C ILE C 121 -7.66 26.34 -18.89
N LYS C 122 -7.44 26.58 -20.19
CA LYS C 122 -8.16 27.65 -20.87
C LYS C 122 -9.65 27.37 -20.75
N SER C 123 -9.99 26.08 -20.91
CA SER C 123 -11.34 25.57 -20.76
C SER C 123 -12.00 26.04 -19.46
N GLU C 124 -11.22 26.39 -18.42
CA GLU C 124 -11.79 26.75 -17.13
C GLU C 124 -12.47 28.12 -17.14
N GLU C 125 -11.84 29.13 -17.77
CA GLU C 125 -12.42 30.47 -17.84
C GLU C 125 -13.47 30.53 -18.94
N THR C 126 -13.24 29.85 -20.07
CA THR C 126 -14.16 29.90 -21.20
C THR C 126 -15.46 29.14 -20.92
N SER C 127 -15.44 28.25 -19.92
CA SER C 127 -16.62 27.55 -19.46
C SER C 127 -17.49 28.44 -18.55
N TYR C 128 -16.87 29.40 -17.85
CA TYR C 128 -17.58 30.48 -17.16
C TYR C 128 -18.22 31.43 -18.17
N GLU C 129 -17.49 31.79 -19.24
CA GLU C 129 -17.99 32.69 -20.27
C GLU C 129 -19.22 32.08 -20.94
N LEU C 130 -19.07 30.82 -21.36
CA LEU C 130 -20.09 30.05 -22.05
C LEU C 130 -21.40 30.02 -21.25
N VAL C 131 -21.32 29.68 -19.96
CA VAL C 131 -22.49 29.58 -19.09
C VAL C 131 -23.22 30.92 -19.01
N LEU C 132 -22.46 32.01 -18.79
CA LEU C 132 -23.01 33.36 -18.76
C LEU C 132 -23.71 33.68 -20.07
N GLU C 133 -23.10 33.30 -21.21
CA GLU C 133 -23.63 33.64 -22.52
C GLU C 133 -24.91 32.86 -22.80
N TYR C 134 -24.90 31.54 -22.50
CA TYR C 134 -26.10 30.74 -22.62
C TYR C 134 -27.23 31.41 -21.85
N ALA C 135 -26.92 31.84 -20.63
CA ALA C 135 -27.93 32.29 -19.68
C ALA C 135 -28.63 33.53 -20.24
N ARG C 136 -27.87 34.47 -20.80
CA ARG C 136 -28.46 35.72 -21.22
C ARG C 136 -29.09 35.57 -22.61
N GLU C 137 -28.63 34.62 -23.44
CA GLU C 137 -29.35 34.34 -24.67
C GLU C 137 -30.71 33.70 -24.36
N TYR C 138 -30.74 32.85 -23.34
CA TYR C 138 -31.96 32.22 -22.90
C TYR C 138 -32.97 33.29 -22.46
N LYS C 139 -32.50 34.32 -21.74
CA LYS C 139 -33.36 35.35 -21.21
C LYS C 139 -33.82 36.28 -22.33
N LYS C 140 -32.94 36.54 -23.32
CA LYS C 140 -33.32 37.28 -24.52
C LYS C 140 -34.47 36.59 -25.24
N ARG C 141 -34.31 35.30 -25.59
CA ARG C 141 -35.33 34.54 -26.29
C ARG C 141 -36.64 34.54 -25.49
N GLU C 142 -36.58 34.60 -24.15
CA GLU C 142 -37.75 34.61 -23.26
C GLU C 142 -38.53 35.92 -23.38
N GLY C 143 -37.87 36.95 -23.94
CA GLY C 143 -38.47 38.27 -24.07
C GLY C 143 -38.29 39.13 -22.83
N LYS C 144 -37.32 38.82 -21.98
CA LYS C 144 -37.03 39.68 -20.84
C LYS C 144 -36.34 40.95 -21.38
N SER C 145 -36.56 42.08 -20.68
CA SER C 145 -36.00 43.38 -21.05
C SER C 145 -34.53 43.47 -20.60
N GLU C 146 -33.77 44.43 -21.18
CA GLU C 146 -32.36 44.60 -20.88
C GLU C 146 -32.15 44.69 -19.37
N GLU C 147 -33.10 45.33 -18.65
CA GLU C 147 -32.96 45.55 -17.22
C GLU C 147 -33.16 44.26 -16.40
N GLN C 148 -34.17 43.45 -16.76
CA GLN C 148 -34.45 42.20 -16.07
C GLN C 148 -33.26 41.26 -16.25
N ILE C 149 -32.80 41.12 -17.49
CA ILE C 149 -31.66 40.28 -17.83
C ILE C 149 -30.49 40.66 -16.94
N GLU C 150 -30.19 41.96 -16.74
CA GLU C 150 -29.02 42.32 -15.96
C GLU C 150 -29.25 41.97 -14.48
N GLN C 151 -30.50 42.01 -14.00
CA GLN C 151 -30.80 41.74 -12.60
C GLN C 151 -30.67 40.25 -12.29
N GLU C 152 -31.18 39.42 -13.21
CA GLU C 152 -31.14 37.96 -13.12
C GLU C 152 -29.74 37.44 -13.45
N MET C 153 -28.93 38.19 -14.22
CA MET C 153 -27.54 37.82 -14.42
C MET C 153 -26.76 38.05 -13.13
N GLU C 154 -27.03 39.14 -12.40
CA GLU C 154 -26.38 39.43 -11.14
C GLU C 154 -26.52 38.24 -10.17
N LYS C 155 -27.73 37.71 -10.06
CA LYS C 155 -27.99 36.63 -9.13
C LYS C 155 -27.24 35.39 -9.60
N PHE C 156 -27.29 35.19 -10.93
CA PHE C 156 -26.80 33.98 -11.57
C PHE C 156 -25.27 33.86 -11.51
N LYS C 157 -24.56 34.99 -11.63
CA LYS C 157 -23.09 35.03 -11.61
C LYS C 157 -22.50 34.26 -10.42
N GLN C 158 -23.25 34.15 -9.31
CA GLN C 158 -22.76 33.55 -8.08
C GLN C 158 -22.70 32.02 -8.21
N THR C 159 -23.68 31.46 -8.93
CA THR C 159 -24.15 30.10 -8.72
C THR C 159 -23.41 29.03 -9.52
N PRO C 160 -22.75 29.28 -10.70
CA PRO C 160 -22.24 28.18 -11.53
C PRO C 160 -20.99 27.48 -11.01
N MET C 161 -20.44 27.98 -9.89
CA MET C 161 -19.08 27.65 -9.53
C MET C 161 -18.98 26.18 -9.11
N LYS C 162 -20.04 25.55 -8.60
CA LYS C 162 -19.88 24.11 -8.24
C LYS C 162 -19.86 23.19 -9.48
N THR C 163 -20.74 23.44 -10.44
CA THR C 163 -20.80 22.60 -11.67
C THR C 163 -19.46 22.73 -12.39
N LEU C 164 -18.92 23.94 -12.44
CA LEU C 164 -17.66 24.17 -13.20
C LEU C 164 -16.50 23.45 -12.50
N LYS C 165 -16.56 23.32 -11.19
CA LYS C 165 -15.51 22.58 -10.44
C LYS C 165 -15.66 21.08 -10.72
N ALA C 166 -16.88 20.55 -10.68
CA ALA C 166 -17.05 19.12 -11.02
C ALA C 166 -16.57 18.89 -12.46
N LEU C 167 -16.87 19.81 -13.36
CA LEU C 167 -16.48 19.72 -14.76
C LEU C 167 -14.96 19.69 -14.89
N GLN C 168 -14.28 20.50 -14.05
CA GLN C 168 -12.83 20.53 -13.91
C GLN C 168 -12.35 19.13 -13.50
N GLU C 169 -12.95 18.58 -12.44
CA GLU C 169 -12.51 17.37 -11.79
C GLU C 169 -12.68 16.17 -12.73
N LEU C 170 -13.70 16.23 -13.61
CA LEU C 170 -13.96 15.17 -14.58
C LEU C 170 -12.85 15.14 -15.62
N LYS C 171 -12.49 16.32 -16.11
CA LYS C 171 -11.53 16.49 -17.19
C LYS C 171 -10.17 15.95 -16.77
N ALA C 172 -9.80 16.15 -15.50
CA ALA C 172 -8.52 15.68 -14.97
C ALA C 172 -8.53 14.16 -14.80
N ASP C 173 -9.68 13.63 -14.33
CA ASP C 173 -9.83 12.23 -14.00
C ASP C 173 -9.76 11.40 -15.28
N VAL C 174 -10.42 11.89 -16.33
CA VAL C 174 -10.40 11.19 -17.61
C VAL C 174 -9.00 11.26 -18.20
N ARG C 175 -8.36 12.44 -18.09
CA ARG C 175 -6.98 12.61 -18.50
C ARG C 175 -6.09 11.56 -17.83
N ASP C 176 -6.31 11.36 -16.53
CA ASP C 176 -5.56 10.41 -15.74
C ASP C 176 -5.79 8.96 -16.23
N HIS C 177 -6.83 8.68 -17.04
CA HIS C 177 -7.11 7.31 -17.44
C HIS C 177 -6.83 7.07 -18.93
N LEU C 178 -6.23 8.03 -19.63
CA LEU C 178 -6.06 7.88 -21.08
C LEU C 178 -5.28 6.59 -21.41
N ASP C 179 -4.38 6.18 -20.51
CA ASP C 179 -3.52 5.04 -20.72
C ASP C 179 -4.28 3.72 -20.58
N LEU C 180 -5.55 3.74 -20.11
CA LEU C 180 -6.42 2.58 -20.01
C LEU C 180 -7.24 2.35 -21.29
N ILE C 181 -7.20 3.29 -22.24
CA ILE C 181 -8.02 3.25 -23.44
C ILE C 181 -7.26 2.50 -24.53
N TYR C 182 -7.88 1.45 -25.08
CA TYR C 182 -7.28 0.68 -26.16
C TYR C 182 -8.14 0.71 -27.42
N ALA C 183 -9.40 1.15 -27.28
CA ALA C 183 -10.32 1.12 -28.42
C ALA C 183 -9.81 2.05 -29.51
N PRO C 184 -10.05 1.76 -30.80
CA PRO C 184 -9.64 2.68 -31.86
C PRO C 184 -10.24 4.07 -31.61
N THR C 185 -9.37 5.09 -31.62
CA THR C 185 -9.79 6.47 -31.36
C THR C 185 -9.40 7.39 -32.53
N PHE C 186 -10.29 8.32 -32.86
CA PHE C 186 -10.04 9.38 -33.81
C PHE C 186 -10.06 10.71 -33.06
N VAL C 187 -8.91 11.38 -32.94
CA VAL C 187 -8.87 12.70 -32.32
C VAL C 187 -9.13 13.77 -33.38
N VAL C 188 -10.19 14.57 -33.19
CA VAL C 188 -10.52 15.69 -34.05
C VAL C 188 -10.27 16.98 -33.28
N GLN C 189 -9.45 17.88 -33.84
CA GLN C 189 -9.21 19.18 -33.22
C GLN C 189 -9.19 20.29 -34.27
N ALA C 190 -10.02 21.33 -34.00
CA ALA C 190 -9.98 22.60 -34.70
C ALA C 190 -8.74 23.35 -34.27
N ARG C 191 -7.96 23.83 -35.24
CA ARG C 191 -6.72 24.56 -34.98
C ARG C 191 -7.00 25.78 -34.11
N HIS C 192 -7.80 26.74 -34.61
CA HIS C 192 -8.00 28.02 -33.93
C HIS C 192 -9.19 27.91 -32.98
N ASP C 193 -9.01 27.11 -31.93
CA ASP C 193 -10.01 26.88 -30.92
C ASP C 193 -9.79 27.94 -29.83
N GLU C 194 -10.76 28.84 -29.68
CA GLU C 194 -10.70 29.89 -28.68
C GLU C 194 -11.40 29.46 -27.39
N MET C 195 -11.78 28.19 -27.28
CA MET C 195 -12.45 27.70 -26.09
C MET C 195 -11.53 26.79 -25.28
N ILE C 196 -10.69 26.00 -25.96
CA ILE C 196 -9.79 25.06 -25.31
C ILE C 196 -8.35 25.33 -25.73
N ASN C 197 -7.40 24.74 -24.97
CA ASN C 197 -6.02 24.62 -25.42
C ASN C 197 -5.97 23.51 -26.46
N PRO C 198 -5.77 23.82 -27.76
CA PRO C 198 -5.83 22.81 -28.82
C PRO C 198 -4.78 21.70 -28.80
N ASP C 199 -3.70 21.91 -28.03
CA ASP C 199 -2.71 20.88 -27.78
C ASP C 199 -3.30 19.75 -26.93
N SER C 200 -4.50 19.97 -26.35
CA SER C 200 -5.24 18.91 -25.66
C SER C 200 -5.39 17.69 -26.55
N ALA C 201 -5.35 17.93 -27.86
CA ALA C 201 -5.51 16.85 -28.83
C ALA C 201 -4.27 15.97 -28.87
N ASN C 202 -3.10 16.61 -28.67
CA ASN C 202 -1.83 15.91 -28.65
C ASN C 202 -1.75 15.07 -27.36
N ILE C 203 -2.27 15.59 -26.25
CA ILE C 203 -2.35 14.82 -25.02
C ILE C 203 -3.12 13.51 -25.26
N ILE C 204 -4.31 13.60 -25.87
CA ILE C 204 -5.18 12.45 -26.05
C ILE C 204 -4.50 11.45 -26.98
N TYR C 205 -4.15 11.90 -28.19
CA TYR C 205 -3.51 11.04 -29.19
C TYR C 205 -2.27 10.38 -28.60
N ASN C 206 -1.49 11.15 -27.84
CA ASN C 206 -0.19 10.70 -27.38
C ASN C 206 -0.29 9.69 -26.24
N GLU C 207 -1.34 9.73 -25.42
CA GLU C 207 -1.32 9.02 -24.13
C GLU C 207 -2.32 7.86 -24.04
N ILE C 208 -3.18 7.69 -25.04
CA ILE C 208 -3.98 6.48 -25.15
C ILE C 208 -3.11 5.35 -25.70
N GLU C 209 -3.48 4.11 -25.36
CA GLU C 209 -2.70 2.95 -25.74
C GLU C 209 -3.24 2.30 -27.01
N SER C 210 -4.28 2.88 -27.61
CA SER C 210 -4.97 2.32 -28.75
C SER C 210 -3.98 2.04 -29.87
N PRO C 211 -3.91 0.80 -30.40
CA PRO C 211 -3.12 0.52 -31.59
C PRO C 211 -3.66 1.22 -32.84
N VAL C 212 -4.99 1.29 -32.98
CA VAL C 212 -5.59 2.05 -34.07
C VAL C 212 -5.89 3.48 -33.60
N LYS C 213 -5.14 4.45 -34.10
CA LYS C 213 -5.40 5.83 -33.74
C LYS C 213 -5.01 6.75 -34.89
N GLN C 214 -5.74 7.86 -35.02
CA GLN C 214 -5.50 8.90 -36.01
C GLN C 214 -5.89 10.23 -35.40
N ILE C 215 -5.20 11.31 -35.81
CA ILE C 215 -5.50 12.67 -35.37
C ILE C 215 -5.63 13.55 -36.61
N LYS C 216 -6.64 14.43 -36.65
CA LYS C 216 -6.77 15.35 -37.76
C LYS C 216 -7.14 16.75 -37.25
N TRP C 217 -6.42 17.73 -37.82
CA TRP C 217 -6.51 19.14 -37.47
C TRP C 217 -7.36 19.87 -38.50
N TYR C 218 -8.36 20.60 -38.04
CA TYR C 218 -9.18 21.42 -38.97
C TYR C 218 -8.65 22.85 -38.82
N GLU C 219 -8.17 23.45 -39.91
CA GLU C 219 -7.47 24.75 -39.82
C GLU C 219 -8.39 25.95 -40.06
N GLN C 220 -9.65 25.69 -40.41
CA GLN C 220 -10.57 26.82 -40.71
C GLN C 220 -11.80 26.70 -39.82
N SER C 221 -11.70 26.00 -38.68
CA SER C 221 -12.90 25.78 -37.84
C SER C 221 -12.66 26.27 -36.41
N GLY C 222 -13.69 26.81 -35.77
CA GLY C 222 -13.57 27.18 -34.36
C GLY C 222 -13.92 25.98 -33.49
N HIS C 223 -14.06 26.23 -32.18
CA HIS C 223 -14.35 25.19 -31.19
C HIS C 223 -15.48 24.25 -31.61
N VAL C 224 -16.63 24.83 -31.97
CA VAL C 224 -17.86 24.08 -32.16
C VAL C 224 -17.91 23.61 -33.61
N ILE C 225 -17.06 22.59 -33.88
CA ILE C 225 -16.62 22.24 -35.22
C ILE C 225 -17.75 21.61 -36.05
N THR C 226 -18.74 20.99 -35.39
CA THR C 226 -19.79 20.27 -36.09
C THR C 226 -20.78 21.22 -36.79
N LEU C 227 -20.71 22.55 -36.50
CA LEU C 227 -21.64 23.56 -37.00
C LEU C 227 -20.96 24.57 -37.93
N ASP C 228 -19.62 24.49 -38.07
CA ASP C 228 -18.78 25.49 -38.71
C ASP C 228 -18.57 25.01 -40.15
N GLN C 229 -17.67 25.68 -40.89
CA GLN C 229 -17.67 25.62 -42.35
C GLN C 229 -17.03 24.35 -42.89
N GLU C 230 -16.29 23.60 -42.04
CA GLU C 230 -15.61 22.38 -42.44
C GLU C 230 -16.40 21.13 -42.05
N LYS C 231 -17.63 21.31 -41.54
CA LYS C 231 -18.43 20.20 -41.02
C LYS C 231 -18.61 19.10 -42.08
N ASP C 232 -18.62 19.46 -43.36
CA ASP C 232 -18.88 18.46 -44.39
C ASP C 232 -17.68 17.53 -44.54
N GLN C 233 -16.46 18.08 -44.41
CA GLN C 233 -15.25 17.27 -44.40
C GLN C 233 -15.24 16.38 -43.15
N LEU C 234 -15.52 16.99 -41.99
CA LEU C 234 -15.66 16.26 -40.74
C LEU C 234 -16.54 15.02 -40.92
N HIS C 235 -17.69 15.18 -41.56
CA HIS C 235 -18.62 14.07 -41.69
C HIS C 235 -17.92 12.93 -42.42
N GLU C 236 -17.19 13.26 -43.50
CA GLU C 236 -16.57 12.25 -44.34
C GLU C 236 -15.46 11.52 -43.58
N ASP C 237 -14.63 12.29 -42.88
CA ASP C 237 -13.55 11.80 -42.04
C ASP C 237 -14.08 10.84 -40.97
N ILE C 238 -15.19 11.22 -40.32
CA ILE C 238 -15.77 10.41 -39.28
C ILE C 238 -16.33 9.10 -39.86
N TYR C 239 -16.95 9.19 -41.04
CA TYR C 239 -17.56 8.01 -41.65
C TYR C 239 -16.45 7.05 -42.12
N ALA C 240 -15.40 7.61 -42.76
CA ALA C 240 -14.24 6.83 -43.20
C ALA C 240 -13.61 6.09 -42.02
N PHE C 241 -13.56 6.73 -40.86
CA PHE C 241 -13.05 6.10 -39.66
C PHE C 241 -13.92 4.89 -39.30
N LEU C 242 -15.22 5.11 -39.13
CA LEU C 242 -16.14 4.07 -38.70
C LEU C 242 -16.10 2.90 -39.67
N GLU C 243 -15.98 3.22 -40.96
CA GLU C 243 -15.93 2.21 -42.01
C GLU C 243 -14.69 1.33 -41.82
N SER C 244 -13.58 1.91 -41.30
CA SER C 244 -12.31 1.20 -41.17
C SER C 244 -12.31 0.27 -39.96
N LEU C 245 -13.42 0.22 -39.21
CA LEU C 245 -13.55 -0.68 -38.08
C LEU C 245 -14.15 -1.98 -38.60
N ASP C 246 -14.06 -3.02 -37.77
CA ASP C 246 -14.39 -4.37 -38.18
C ASP C 246 -15.91 -4.53 -38.22
N TRP C 247 -16.61 -4.07 -37.17
CA TRP C 247 -18.04 -4.29 -37.03
C TRP C 247 -18.40 -5.75 -37.33
N LEU C 248 -17.67 -6.67 -36.67
CA LEU C 248 -17.92 -8.11 -36.76
C LEU C 248 -19.37 -8.41 -36.37
N GLU C 249 -19.99 -9.30 -37.16
CA GLU C 249 -21.40 -9.61 -37.02
C GLU C 249 -21.63 -10.68 -35.95
N HIS C 250 -22.74 -10.52 -35.23
CA HIS C 250 -23.19 -11.53 -34.30
C HIS C 250 -24.69 -11.77 -34.56
N HIS C 251 -25.00 -12.67 -35.52
CA HIS C 251 -26.35 -13.05 -35.87
C HIS C 251 -26.96 -13.94 -34.78
N HIS C 252 -28.30 -14.10 -34.84
CA HIS C 252 -29.06 -14.85 -33.85
C HIS C 252 -30.04 -15.78 -34.57
N HIS C 253 -30.52 -16.82 -33.86
CA HIS C 253 -31.26 -17.90 -34.50
C HIS C 253 -32.75 -17.50 -34.72
N MET D 1 -21.28 -49.09 -25.82
CA MET D 1 -20.49 -48.65 -24.64
C MET D 1 -21.44 -48.37 -23.47
N MET D 2 -20.90 -48.38 -22.26
CA MET D 2 -21.73 -48.18 -21.04
C MET D 2 -20.76 -47.80 -19.91
N LYS D 3 -21.17 -46.87 -19.07
CA LYS D 3 -20.35 -46.42 -17.97
C LYS D 3 -20.42 -47.47 -16.86
N ILE D 4 -19.29 -47.82 -16.23
CA ILE D 4 -19.25 -48.80 -15.16
C ILE D 4 -19.52 -48.13 -13.81
N VAL D 5 -20.47 -48.70 -13.05
CA VAL D 5 -20.83 -48.17 -11.75
C VAL D 5 -19.68 -48.46 -10.78
N PRO D 6 -19.12 -47.43 -10.12
CA PRO D 6 -17.98 -47.60 -9.22
C PRO D 6 -18.41 -48.25 -7.91
N PRO D 7 -17.51 -48.98 -7.22
CA PRO D 7 -17.85 -49.62 -5.95
C PRO D 7 -17.80 -48.63 -4.80
N LYS D 8 -18.37 -49.05 -3.68
CA LYS D 8 -18.67 -48.17 -2.56
C LYS D 8 -17.95 -48.69 -1.32
N PRO D 9 -17.44 -47.83 -0.40
CA PRO D 9 -17.09 -48.30 0.94
C PRO D 9 -18.31 -48.88 1.66
N PHE D 10 -18.06 -49.50 2.82
CA PHE D 10 -19.14 -50.01 3.66
C PHE D 10 -18.87 -49.73 5.13
N PHE D 11 -19.95 -49.57 5.90
CA PHE D 11 -19.84 -49.39 7.34
C PHE D 11 -20.99 -50.15 8.00
N PHE D 12 -20.63 -51.05 8.91
CA PHE D 12 -21.55 -52.00 9.52
C PHE D 12 -21.50 -51.82 11.05
N GLU D 13 -22.35 -50.94 11.61
CA GLU D 13 -22.37 -50.66 13.05
C GLU D 13 -22.94 -51.86 13.81
N ALA D 14 -22.29 -52.29 14.90
CA ALA D 14 -22.72 -53.51 15.57
C ALA D 14 -22.30 -53.63 17.04
N GLY D 15 -21.40 -52.79 17.55
CA GLY D 15 -20.80 -53.06 18.85
C GLY D 15 -19.55 -52.21 19.08
N GLU D 16 -18.98 -52.31 20.28
CA GLU D 16 -17.99 -51.34 20.72
C GLU D 16 -16.58 -51.71 20.23
N ARG D 17 -16.38 -52.96 19.80
CA ARG D 17 -15.14 -53.36 19.14
C ARG D 17 -15.24 -53.05 17.65
N ALA D 18 -14.13 -52.61 17.05
CA ALA D 18 -14.15 -52.14 15.68
C ALA D 18 -13.08 -52.88 14.88
N VAL D 19 -13.36 -53.14 13.59
CA VAL D 19 -12.39 -53.76 12.71
C VAL D 19 -12.30 -52.99 11.38
N LEU D 20 -11.10 -52.57 11.03
CA LEU D 20 -10.84 -52.00 9.71
C LEU D 20 -10.51 -53.12 8.72
N LEU D 21 -11.20 -53.15 7.57
CA LEU D 21 -11.09 -54.25 6.62
C LEU D 21 -10.51 -53.73 5.31
N LEU D 22 -9.34 -54.24 4.90
CA LEU D 22 -8.62 -53.63 3.79
C LEU D 22 -8.53 -54.60 2.61
N HIS D 23 -8.75 -54.08 1.40
CA HIS D 23 -8.93 -54.95 0.26
C HIS D 23 -7.63 -55.04 -0.51
N GLY D 24 -7.59 -55.88 -1.58
CA GLY D 24 -6.39 -56.13 -2.35
C GLY D 24 -6.20 -55.15 -3.51
N PHE D 25 -5.05 -55.26 -4.18
CA PHE D 25 -4.68 -54.36 -5.26
C PHE D 25 -5.56 -54.68 -6.47
N THR D 26 -6.22 -53.61 -6.99
CA THR D 26 -7.18 -53.65 -8.09
C THR D 26 -8.55 -54.19 -7.66
N GLY D 27 -8.69 -54.68 -6.43
CA GLY D 27 -9.98 -55.12 -5.93
C GLY D 27 -10.76 -53.94 -5.38
N ASN D 28 -11.80 -54.22 -4.60
CA ASN D 28 -12.54 -53.19 -3.88
C ASN D 28 -13.04 -53.78 -2.57
N SER D 29 -14.04 -53.12 -1.98
CA SER D 29 -14.59 -53.50 -0.70
C SER D 29 -15.30 -54.86 -0.74
N ALA D 30 -15.78 -55.30 -1.91
CA ALA D 30 -16.27 -56.67 -2.09
C ALA D 30 -15.27 -57.72 -1.58
N ASP D 31 -13.96 -57.46 -1.69
CA ASP D 31 -12.94 -58.41 -1.28
C ASP D 31 -13.14 -58.81 0.19
N VAL D 32 -13.71 -57.91 1.00
CA VAL D 32 -13.80 -58.15 2.44
C VAL D 32 -15.25 -58.02 2.94
N ARG D 33 -16.24 -58.07 2.03
CA ARG D 33 -17.61 -57.74 2.41
C ARG D 33 -18.25 -58.87 3.21
N MET D 34 -18.02 -60.11 2.79
CA MET D 34 -18.58 -61.28 3.45
C MET D 34 -17.93 -61.49 4.83
N LEU D 35 -16.62 -61.26 4.91
CA LEU D 35 -15.95 -61.20 6.19
C LEU D 35 -16.69 -60.24 7.11
N GLY D 36 -16.99 -59.03 6.60
CA GLY D 36 -17.59 -57.98 7.41
C GLY D 36 -19.02 -58.32 7.85
N ARG D 37 -19.74 -59.06 7.01
CA ARG D 37 -21.11 -59.48 7.33
C ARG D 37 -21.03 -60.47 8.49
N PHE D 38 -20.12 -61.44 8.37
CA PHE D 38 -19.92 -62.43 9.41
C PHE D 38 -19.51 -61.77 10.73
N LEU D 39 -18.52 -60.88 10.68
CA LEU D 39 -18.05 -60.18 11.87
C LEU D 39 -19.14 -59.31 12.49
N GLU D 40 -20.02 -58.74 11.66
CA GLU D 40 -21.11 -57.90 12.11
C GLU D 40 -22.16 -58.70 12.91
N SER D 41 -22.42 -59.96 12.48
CA SER D 41 -23.38 -60.84 13.14
C SER D 41 -22.81 -61.39 14.44
N LYS D 42 -21.50 -61.18 14.67
CA LYS D 42 -20.86 -61.49 15.95
C LYS D 42 -20.70 -60.23 16.80
N GLY D 43 -21.26 -59.08 16.35
CA GLY D 43 -21.32 -57.85 17.13
C GLY D 43 -20.10 -56.94 16.97
N TYR D 44 -19.22 -57.25 16.00
CA TYR D 44 -18.05 -56.40 15.70
C TYR D 44 -18.44 -55.38 14.64
N THR D 45 -18.25 -54.09 14.95
CA THR D 45 -18.40 -53.02 13.98
C THR D 45 -17.32 -53.18 12.92
N CYS D 46 -17.65 -52.91 11.65
CA CYS D 46 -16.71 -53.08 10.55
C CYS D 46 -16.81 -51.92 9.54
N HIS D 47 -15.64 -51.48 9.05
CA HIS D 47 -15.55 -50.50 8.00
C HIS D 47 -14.45 -50.88 7.02
N ALA D 48 -14.79 -50.75 5.73
CA ALA D 48 -13.87 -51.05 4.65
C ALA D 48 -13.82 -49.87 3.68
N PRO D 49 -12.72 -49.09 3.67
CA PRO D 49 -12.55 -48.02 2.69
C PRO D 49 -12.25 -48.59 1.31
N ILE D 50 -12.26 -47.70 0.30
CA ILE D 50 -11.78 -48.04 -1.02
C ILE D 50 -10.59 -47.17 -1.39
N TYR D 51 -9.59 -47.79 -2.03
CA TYR D 51 -8.35 -47.12 -2.37
C TYR D 51 -8.59 -46.28 -3.62
N LYS D 52 -8.08 -45.04 -3.59
CA LYS D 52 -8.13 -44.16 -4.74
C LYS D 52 -7.58 -44.94 -5.93
N GLY D 53 -8.18 -44.75 -7.11
CA GLY D 53 -7.81 -45.49 -8.31
C GLY D 53 -8.49 -46.85 -8.43
N HIS D 54 -9.39 -47.21 -7.51
CA HIS D 54 -9.94 -48.56 -7.54
C HIS D 54 -11.42 -48.57 -7.92
N GLY D 55 -11.81 -49.55 -8.74
CA GLY D 55 -13.19 -49.75 -9.16
C GLY D 55 -13.61 -48.79 -10.27
N VAL D 56 -12.59 -48.13 -10.86
CA VAL D 56 -12.74 -47.06 -11.81
C VAL D 56 -11.90 -47.44 -13.03
N PRO D 57 -11.89 -46.67 -14.14
CA PRO D 57 -11.19 -47.10 -15.34
C PRO D 57 -9.73 -47.36 -14.99
N PRO D 58 -9.07 -48.27 -15.74
CA PRO D 58 -7.67 -48.60 -15.51
C PRO D 58 -6.74 -47.38 -15.57
N GLU D 59 -7.03 -46.46 -16.49
CA GLU D 59 -6.08 -45.39 -16.79
C GLU D 59 -6.08 -44.38 -15.64
N GLU D 60 -7.14 -44.43 -14.81
CA GLU D 60 -7.17 -43.67 -13.57
C GLU D 60 -6.31 -44.36 -12.50
N LEU D 61 -6.38 -45.70 -12.45
CA LEU D 61 -5.64 -46.48 -11.48
C LEU D 61 -4.13 -46.20 -11.59
N VAL D 62 -3.59 -46.15 -12.82
CA VAL D 62 -2.15 -46.05 -13.02
C VAL D 62 -1.63 -44.65 -12.71
N HIS D 63 -2.51 -43.71 -12.33
CA HIS D 63 -2.11 -42.39 -11.86
C HIS D 63 -2.16 -42.34 -10.34
N THR D 64 -2.29 -43.51 -9.71
CA THR D 64 -2.30 -43.54 -8.25
C THR D 64 -1.26 -44.55 -7.79
N GLY D 65 -0.84 -44.36 -6.54
CA GLY D 65 0.14 -45.22 -5.91
C GLY D 65 -0.13 -45.34 -4.42
N PRO D 66 0.64 -46.16 -3.69
CA PRO D 66 0.35 -46.39 -2.28
C PRO D 66 0.38 -45.14 -1.39
N ASP D 67 0.95 -44.03 -1.87
CA ASP D 67 0.88 -42.79 -1.11
C ASP D 67 -0.54 -42.25 -1.10
N ASP D 68 -1.28 -42.57 -2.16
CA ASP D 68 -2.70 -42.29 -2.22
C ASP D 68 -3.42 -43.34 -1.38
N TRP D 69 -3.25 -44.62 -1.71
CA TRP D 69 -3.96 -45.73 -1.08
C TRP D 69 -3.81 -45.67 0.45
N TRP D 70 -2.64 -45.26 0.91
CA TRP D 70 -2.34 -45.19 2.34
C TRP D 70 -3.22 -44.17 3.06
N GLN D 71 -3.51 -43.04 2.40
CA GLN D 71 -4.36 -42.01 2.97
C GLN D 71 -5.76 -42.58 3.15
N ASP D 72 -6.23 -43.40 2.19
CA ASP D 72 -7.56 -43.98 2.29
C ASP D 72 -7.62 -44.91 3.50
N VAL D 73 -6.50 -45.60 3.79
CA VAL D 73 -6.38 -46.54 4.89
C VAL D 73 -6.41 -45.75 6.20
N MET D 74 -5.58 -44.70 6.28
CA MET D 74 -5.54 -43.79 7.42
C MET D 74 -6.91 -43.13 7.69
N ASN D 75 -7.55 -42.62 6.63
CA ASN D 75 -8.88 -42.04 6.70
C ASN D 75 -9.83 -43.09 7.26
N GLY D 76 -9.63 -44.34 6.86
CA GLY D 76 -10.44 -45.43 7.35
C GLY D 76 -10.35 -45.57 8.86
N TYR D 77 -9.10 -45.61 9.36
CA TYR D 77 -8.83 -45.74 10.79
C TYR D 77 -9.37 -44.53 11.52
N GLU D 78 -9.15 -43.36 10.91
CA GLU D 78 -9.51 -42.05 11.46
C GLU D 78 -11.03 -41.94 11.59
N PHE D 79 -11.75 -42.49 10.59
CA PHE D 79 -13.21 -42.48 10.53
C PHE D 79 -13.81 -43.24 11.71
N LEU D 80 -13.33 -44.47 11.98
CA LEU D 80 -13.78 -45.28 13.10
C LEU D 80 -13.43 -44.57 14.41
N LYS D 81 -12.21 -44.04 14.51
CA LYS D 81 -11.78 -43.28 15.68
C LYS D 81 -12.76 -42.15 15.97
N ASN D 82 -13.14 -41.40 14.93
CA ASN D 82 -13.97 -40.21 15.08
C ASN D 82 -15.39 -40.59 15.49
N LYS D 83 -15.81 -41.82 15.21
CA LYS D 83 -17.17 -42.26 15.51
C LYS D 83 -17.24 -42.84 16.93
N GLY D 84 -16.11 -42.78 17.66
CA GLY D 84 -16.07 -43.07 19.08
C GLY D 84 -15.37 -44.38 19.46
N TYR D 85 -14.89 -45.15 18.47
CA TYR D 85 -14.38 -46.49 18.71
C TYR D 85 -12.94 -46.44 19.19
N GLU D 86 -12.73 -46.71 20.49
CA GLU D 86 -11.44 -46.55 21.13
C GLU D 86 -10.41 -47.54 20.58
N LYS D 87 -10.82 -48.80 20.38
CA LYS D 87 -9.89 -49.87 20.07
C LYS D 87 -10.23 -50.49 18.71
N ILE D 88 -9.28 -50.39 17.77
CA ILE D 88 -9.49 -50.77 16.39
C ILE D 88 -8.49 -51.88 16.04
N ALA D 89 -9.01 -53.04 15.65
CA ALA D 89 -8.25 -54.08 14.97
C ALA D 89 -8.27 -53.85 13.47
N VAL D 90 -7.45 -54.61 12.74
CA VAL D 90 -7.38 -54.45 11.29
C VAL D 90 -7.22 -55.82 10.65
N ALA D 91 -7.84 -56.01 9.48
CA ALA D 91 -7.68 -57.23 8.73
C ALA D 91 -7.61 -56.88 7.26
N GLY D 92 -6.70 -57.47 6.48
CA GLY D 92 -6.47 -57.00 5.13
C GLY D 92 -6.04 -58.14 4.21
N LEU D 93 -6.45 -58.08 2.94
CA LEU D 93 -6.17 -59.11 1.95
C LEU D 93 -5.04 -58.60 1.06
N SER D 94 -3.90 -59.31 1.09
CA SER D 94 -2.80 -59.11 0.15
C SER D 94 -2.20 -57.72 0.31
N LEU D 95 -2.35 -56.81 -0.67
CA LEU D 95 -1.94 -55.44 -0.43
C LEU D 95 -2.56 -54.90 0.88
N GLY D 96 -3.76 -55.36 1.22
CA GLY D 96 -4.45 -54.93 2.43
C GLY D 96 -3.72 -55.40 3.68
N GLY D 97 -3.28 -56.67 3.65
CA GLY D 97 -2.37 -57.26 4.63
C GLY D 97 -1.14 -56.37 4.90
N VAL D 98 -0.42 -56.00 3.83
CA VAL D 98 0.75 -55.17 3.94
C VAL D 98 0.37 -53.88 4.66
N PHE D 99 -0.73 -53.26 4.24
CA PHE D 99 -1.16 -52.03 4.86
C PHE D 99 -1.56 -52.27 6.31
N SER D 100 -2.07 -53.48 6.63
CA SER D 100 -2.45 -53.80 8.00
C SER D 100 -1.17 -53.82 8.85
N LEU D 101 -0.12 -54.45 8.35
CA LEU D 101 1.16 -54.49 9.04
C LEU D 101 1.69 -53.06 9.26
N LYS D 102 1.64 -52.24 8.21
CA LYS D 102 2.10 -50.85 8.28
C LYS D 102 1.40 -50.08 9.40
N LEU D 103 0.11 -50.35 9.55
CA LEU D 103 -0.70 -49.67 10.54
C LEU D 103 -0.26 -50.16 11.92
N GLY D 104 0.18 -51.42 11.97
CA GLY D 104 0.59 -52.06 13.21
C GLY D 104 1.77 -51.38 13.91
N TYR D 105 2.61 -50.68 13.14
CA TYR D 105 3.73 -49.96 13.71
C TYR D 105 3.58 -48.44 13.53
N THR D 106 2.37 -47.98 13.22
CA THR D 106 2.14 -46.55 12.99
C THR D 106 1.14 -46.02 14.00
N VAL D 107 0.02 -46.72 14.19
CA VAL D 107 -1.02 -46.26 15.10
C VAL D 107 -1.39 -47.39 16.02
N PRO D 108 -2.05 -47.11 17.17
CA PRO D 108 -2.51 -48.17 18.07
C PRO D 108 -3.47 -49.09 17.33
N ILE D 109 -3.10 -50.39 17.30
CA ILE D 109 -3.88 -51.43 16.68
C ILE D 109 -4.02 -52.55 17.70
N GLU D 110 -5.25 -53.04 17.84
CA GLU D 110 -5.62 -54.04 18.84
C GLU D 110 -5.13 -55.41 18.38
N GLY D 111 -5.09 -55.65 17.06
CA GLY D 111 -4.65 -56.92 16.51
C GLY D 111 -4.71 -56.93 14.98
N ILE D 112 -3.87 -57.76 14.35
CA ILE D 112 -3.67 -57.73 12.92
C ILE D 112 -4.05 -59.09 12.33
N VAL D 113 -4.72 -59.08 11.17
CA VAL D 113 -4.87 -60.26 10.34
C VAL D 113 -4.26 -59.91 8.98
N THR D 114 -3.35 -60.73 8.47
CA THR D 114 -2.74 -60.42 7.19
C THR D 114 -2.94 -61.63 6.29
N MET D 115 -3.79 -61.45 5.27
CA MET D 115 -4.23 -62.55 4.46
C MET D 115 -3.48 -62.45 3.15
N CYS D 116 -2.57 -63.41 2.95
CA CYS D 116 -1.83 -63.60 1.72
C CYS D 116 -1.09 -62.34 1.31
N ALA D 117 -0.41 -61.69 2.28
CA ALA D 117 0.42 -60.53 2.00
C ALA D 117 1.73 -60.97 1.37
N PRO D 118 2.13 -60.32 0.26
CA PRO D 118 3.38 -60.64 -0.44
C PRO D 118 4.60 -59.97 0.20
N MET D 119 5.75 -60.69 0.22
CA MET D 119 6.97 -60.11 0.76
C MET D 119 8.18 -60.31 -0.18
N TYR D 120 8.01 -60.97 -1.33
CA TYR D 120 9.14 -61.38 -2.17
C TYR D 120 8.83 -61.00 -3.63
N ILE D 121 9.33 -61.76 -4.62
CA ILE D 121 9.38 -61.25 -5.99
C ILE D 121 8.21 -61.76 -6.86
N LYS D 122 7.53 -62.87 -6.49
CA LYS D 122 6.56 -63.42 -7.42
C LYS D 122 5.49 -62.38 -7.74
N SER D 123 5.22 -61.51 -6.74
CA SER D 123 4.17 -60.51 -6.83
C SER D 123 4.49 -59.38 -7.81
N GLU D 124 5.74 -59.23 -8.28
CA GLU D 124 6.05 -58.22 -9.28
C GLU D 124 5.36 -58.57 -10.60
N GLU D 125 5.62 -59.79 -11.10
CA GLU D 125 5.09 -60.26 -12.37
C GLU D 125 3.56 -60.36 -12.34
N THR D 126 3.02 -61.05 -11.33
CA THR D 126 1.57 -61.28 -11.22
C THR D 126 0.80 -59.97 -11.00
N SER D 127 1.38 -59.02 -10.27
CA SER D 127 0.71 -57.74 -10.05
C SER D 127 0.58 -56.97 -11.36
N TYR D 128 1.56 -57.13 -12.26
CA TYR D 128 1.53 -56.55 -13.60
C TYR D 128 0.42 -57.22 -14.41
N GLU D 129 0.42 -58.55 -14.39
CA GLU D 129 -0.58 -59.35 -15.07
C GLU D 129 -1.97 -58.93 -14.59
N LEU D 130 -2.11 -58.76 -13.27
CA LEU D 130 -3.38 -58.47 -12.61
C LEU D 130 -3.94 -57.12 -13.06
N VAL D 131 -3.09 -56.11 -13.26
CA VAL D 131 -3.55 -54.82 -13.76
C VAL D 131 -4.10 -55.00 -15.18
N LEU D 132 -3.36 -55.68 -16.06
CA LEU D 132 -3.83 -55.95 -17.41
C LEU D 132 -5.16 -56.71 -17.40
N GLU D 133 -5.27 -57.73 -16.54
CA GLU D 133 -6.48 -58.53 -16.43
C GLU D 133 -7.65 -57.63 -16.04
N TYR D 134 -7.42 -56.67 -15.13
CA TYR D 134 -8.48 -55.81 -14.63
C TYR D 134 -8.90 -54.84 -15.72
N ALA D 135 -7.89 -54.28 -16.39
CA ALA D 135 -8.09 -53.41 -17.53
C ALA D 135 -8.94 -54.13 -18.59
N ARG D 136 -8.54 -55.33 -19.05
CA ARG D 136 -9.29 -55.99 -20.12
C ARG D 136 -10.75 -56.20 -19.75
N GLU D 137 -11.00 -56.53 -18.49
CA GLU D 137 -12.29 -57.03 -18.04
C GLU D 137 -13.21 -55.83 -17.76
N TYR D 138 -12.60 -54.68 -17.41
CA TYR D 138 -13.32 -53.43 -17.24
C TYR D 138 -13.84 -52.97 -18.60
N LYS D 139 -12.95 -52.95 -19.60
CA LYS D 139 -13.28 -52.61 -20.98
C LYS D 139 -14.36 -53.52 -21.54
N LYS D 140 -14.28 -54.82 -21.25
CA LYS D 140 -15.28 -55.77 -21.70
C LYS D 140 -16.63 -55.39 -21.08
N ARG D 141 -16.66 -55.14 -19.77
CA ARG D 141 -17.88 -54.84 -19.03
C ARG D 141 -18.54 -53.57 -19.57
N GLU D 142 -17.76 -52.68 -20.20
CA GLU D 142 -18.33 -51.44 -20.70
C GLU D 142 -18.78 -51.61 -22.15
N GLY D 143 -18.72 -52.84 -22.68
CA GLY D 143 -19.40 -53.21 -23.92
C GLY D 143 -18.56 -52.90 -25.15
N LYS D 144 -17.27 -52.67 -24.93
CA LYS D 144 -16.34 -52.27 -25.99
C LYS D 144 -16.03 -53.45 -26.91
N SER D 145 -15.75 -53.09 -28.17
CA SER D 145 -15.41 -54.00 -29.25
C SER D 145 -14.09 -54.73 -28.95
N GLU D 146 -13.88 -55.88 -29.58
CA GLU D 146 -12.69 -56.68 -29.37
C GLU D 146 -11.46 -55.97 -29.94
N GLU D 147 -11.68 -55.25 -31.05
CA GLU D 147 -10.63 -54.51 -31.73
C GLU D 147 -10.31 -53.24 -30.93
N GLN D 148 -11.35 -52.71 -30.28
CA GLN D 148 -11.27 -51.48 -29.51
C GLN D 148 -10.56 -51.77 -28.18
N ILE D 149 -10.72 -52.99 -27.65
CA ILE D 149 -10.00 -53.45 -26.47
C ILE D 149 -8.50 -53.41 -26.76
N GLU D 150 -8.07 -54.06 -27.85
CA GLU D 150 -6.66 -54.37 -28.05
C GLU D 150 -5.91 -53.12 -28.50
N GLN D 151 -6.64 -52.14 -29.06
CA GLN D 151 -6.07 -50.82 -29.32
C GLN D 151 -5.78 -50.11 -28.00
N GLU D 152 -6.73 -50.16 -27.07
CA GLU D 152 -6.64 -49.42 -25.83
C GLU D 152 -5.65 -50.10 -24.88
N MET D 153 -5.64 -51.44 -24.91
CA MET D 153 -4.72 -52.24 -24.11
C MET D 153 -3.28 -51.99 -24.54
N GLU D 154 -3.03 -51.99 -25.87
CA GLU D 154 -1.81 -51.48 -26.49
C GLU D 154 -1.31 -50.20 -25.86
N LYS D 155 -2.17 -49.16 -25.80
CA LYS D 155 -1.79 -47.91 -25.17
C LYS D 155 -1.45 -48.14 -23.69
N PHE D 156 -2.25 -49.00 -23.04
CA PHE D 156 -2.25 -49.12 -21.59
C PHE D 156 -1.08 -49.96 -21.06
N LYS D 157 -0.62 -50.97 -21.80
CA LYS D 157 0.48 -51.84 -21.37
C LYS D 157 1.65 -51.04 -20.82
N GLN D 158 1.91 -49.86 -21.41
CA GLN D 158 3.11 -49.08 -21.18
C GLN D 158 3.00 -48.17 -19.95
N THR D 159 1.79 -48.02 -19.40
CA THR D 159 1.53 -46.92 -18.47
C THR D 159 1.57 -47.34 -17.00
N PRO D 160 1.55 -48.65 -16.60
CA PRO D 160 1.38 -49.00 -15.17
C PRO D 160 2.62 -49.01 -14.28
N MET D 161 3.80 -48.68 -14.83
CA MET D 161 5.04 -49.01 -14.17
C MET D 161 5.27 -48.16 -12.92
N LYS D 162 4.93 -46.87 -12.95
CA LYS D 162 5.20 -46.05 -11.79
C LYS D 162 4.43 -46.56 -10.56
N THR D 163 3.20 -47.08 -10.75
CA THR D 163 2.41 -47.56 -9.61
C THR D 163 2.91 -48.94 -9.18
N LEU D 164 3.21 -49.82 -10.13
CA LEU D 164 3.79 -51.13 -9.84
C LEU D 164 5.13 -51.00 -9.10
N LYS D 165 5.98 -50.03 -9.48
CA LYS D 165 7.24 -49.84 -8.80
C LYS D 165 7.03 -49.26 -7.41
N ALA D 166 6.06 -48.35 -7.25
CA ALA D 166 5.79 -47.73 -5.95
C ALA D 166 5.28 -48.79 -4.97
N LEU D 167 4.60 -49.79 -5.53
CA LEU D 167 4.01 -50.91 -4.81
C LEU D 167 5.12 -51.85 -4.31
N GLN D 168 6.09 -52.12 -5.20
CA GLN D 168 7.29 -52.88 -4.89
C GLN D 168 7.98 -52.31 -3.66
N GLU D 169 8.18 -51.00 -3.67
CA GLU D 169 8.93 -50.33 -2.62
C GLU D 169 8.06 -50.26 -1.35
N LEU D 170 6.73 -50.26 -1.50
CA LEU D 170 5.88 -50.30 -0.31
C LEU D 170 6.16 -51.62 0.43
N LYS D 171 6.14 -52.69 -0.37
CA LYS D 171 6.34 -54.06 0.04
C LYS D 171 7.66 -54.19 0.81
N ALA D 172 8.75 -53.65 0.26
CA ALA D 172 10.07 -53.86 0.81
C ALA D 172 10.25 -53.05 2.10
N ASP D 173 9.66 -51.84 2.12
CA ASP D 173 9.75 -50.92 3.23
C ASP D 173 9.01 -51.48 4.44
N VAL D 174 7.82 -52.07 4.23
CA VAL D 174 7.05 -52.68 5.30
C VAL D 174 7.80 -53.90 5.85
N ARG D 175 8.42 -54.69 4.96
CA ARG D 175 9.21 -55.82 5.40
C ARG D 175 10.30 -55.36 6.36
N ASP D 176 10.99 -54.30 5.95
CA ASP D 176 12.11 -53.77 6.71
C ASP D 176 11.64 -53.17 8.05
N HIS D 177 10.34 -52.96 8.25
CA HIS D 177 9.87 -52.42 9.52
C HIS D 177 9.09 -53.46 10.31
N LEU D 178 9.06 -54.71 9.83
CA LEU D 178 8.30 -55.75 10.52
C LEU D 178 8.64 -55.83 12.02
N ASP D 179 9.93 -55.63 12.36
CA ASP D 179 10.42 -55.84 13.73
C ASP D 179 10.01 -54.71 14.68
N LEU D 180 9.31 -53.69 14.18
CA LEU D 180 8.70 -52.65 15.01
C LEU D 180 7.28 -53.02 15.44
N ILE D 181 6.69 -54.10 14.90
CA ILE D 181 5.35 -54.54 15.24
C ILE D 181 5.36 -55.41 16.51
N TYR D 182 4.51 -55.04 17.48
CA TYR D 182 4.35 -55.82 18.69
C TYR D 182 2.91 -56.28 18.90
N ALA D 183 1.98 -55.77 18.07
CA ALA D 183 0.56 -56.04 18.29
C ALA D 183 0.26 -57.48 17.93
N PRO D 184 -0.67 -58.14 18.66
CA PRO D 184 -1.02 -59.54 18.36
C PRO D 184 -1.26 -59.70 16.87
N THR D 185 -0.78 -60.78 16.26
CA THR D 185 -0.84 -60.88 14.81
C THR D 185 -1.15 -62.31 14.37
N PHE D 186 -2.15 -62.41 13.48
CA PHE D 186 -2.55 -63.66 12.86
C PHE D 186 -2.14 -63.62 11.39
N VAL D 187 -1.23 -64.51 11.01
CA VAL D 187 -0.83 -64.64 9.62
C VAL D 187 -1.67 -65.70 8.90
N VAL D 188 -2.38 -65.27 7.85
CA VAL D 188 -3.22 -66.15 7.05
C VAL D 188 -2.55 -66.33 5.68
N GLN D 189 -2.48 -67.58 5.20
CA GLN D 189 -1.87 -67.83 3.91
C GLN D 189 -2.47 -69.05 3.24
N ALA D 190 -2.75 -68.87 1.95
CA ALA D 190 -3.25 -69.95 1.12
C ALA D 190 -2.04 -70.71 0.64
N ARG D 191 -1.96 -71.99 0.97
CA ARG D 191 -0.84 -72.85 0.58
C ARG D 191 -0.62 -72.77 -0.92
N HIS D 192 -1.70 -72.78 -1.71
CA HIS D 192 -1.62 -72.86 -3.17
C HIS D 192 -1.83 -71.47 -3.80
N ASP D 193 -0.92 -70.55 -3.51
CA ASP D 193 -1.05 -69.16 -3.92
C ASP D 193 -0.27 -68.99 -5.23
N GLU D 194 -0.96 -68.57 -6.30
CA GLU D 194 -0.34 -68.40 -7.61
C GLU D 194 -0.04 -66.92 -7.88
N MET D 195 -0.31 -66.05 -6.89
CA MET D 195 -0.06 -64.61 -6.99
C MET D 195 1.22 -64.17 -6.29
N ILE D 196 1.56 -64.79 -5.13
CA ILE D 196 2.75 -64.45 -4.33
C ILE D 196 3.52 -65.71 -3.96
N ASN D 197 4.74 -65.52 -3.40
CA ASN D 197 5.48 -66.59 -2.75
C ASN D 197 4.93 -66.84 -1.34
N PRO D 198 4.27 -67.98 -1.08
CA PRO D 198 3.55 -68.17 0.18
C PRO D 198 4.44 -68.13 1.40
N ASP D 199 5.75 -68.32 1.17
CA ASP D 199 6.73 -68.30 2.24
C ASP D 199 6.77 -66.92 2.89
N SER D 200 6.29 -65.91 2.16
CA SER D 200 6.05 -64.59 2.74
C SER D 200 5.37 -64.70 4.11
N ALA D 201 4.45 -65.65 4.28
CA ALA D 201 3.74 -65.74 5.53
C ALA D 201 4.74 -66.06 6.65
N ASN D 202 5.72 -66.92 6.35
CA ASN D 202 6.73 -67.33 7.33
C ASN D 202 7.61 -66.12 7.69
N ILE D 203 7.96 -65.32 6.68
CA ILE D 203 8.71 -64.10 6.88
C ILE D 203 8.00 -63.21 7.89
N ILE D 204 6.72 -62.92 7.64
CA ILE D 204 5.95 -62.05 8.50
C ILE D 204 5.89 -62.65 9.89
N TYR D 205 5.54 -63.93 9.98
CA TYR D 205 5.42 -64.59 11.28
C TYR D 205 6.71 -64.46 12.09
N ASN D 206 7.85 -64.76 11.46
CA ASN D 206 9.11 -64.90 12.19
C ASN D 206 9.68 -63.56 12.64
N GLU D 207 9.57 -62.52 11.79
CA GLU D 207 10.36 -61.31 11.93
C GLU D 207 9.63 -60.23 12.70
N ILE D 208 8.31 -60.38 12.93
CA ILE D 208 7.61 -59.44 13.78
C ILE D 208 8.05 -59.75 15.21
N GLU D 209 7.87 -58.77 16.11
CA GLU D 209 8.23 -58.90 17.51
C GLU D 209 7.00 -59.17 18.38
N SER D 210 5.80 -59.26 17.78
CA SER D 210 4.58 -59.52 18.53
C SER D 210 4.74 -60.72 19.46
N PRO D 211 4.57 -60.57 20.81
CA PRO D 211 4.49 -61.71 21.72
C PRO D 211 3.39 -62.73 21.40
N VAL D 212 2.18 -62.24 21.11
CA VAL D 212 1.08 -63.11 20.72
C VAL D 212 1.04 -63.20 19.19
N LYS D 213 1.13 -64.41 18.64
CA LYS D 213 1.07 -64.52 17.20
C LYS D 213 0.69 -65.95 16.75
N GLN D 214 0.00 -65.99 15.60
CA GLN D 214 -0.43 -67.25 15.00
C GLN D 214 -0.15 -67.18 13.50
N ILE D 215 -0.05 -68.38 12.93
CA ILE D 215 0.02 -68.57 11.49
C ILE D 215 -0.82 -69.79 11.18
N LYS D 216 -1.72 -69.66 10.18
CA LYS D 216 -2.48 -70.82 9.73
C LYS D 216 -2.40 -70.91 8.21
N TRP D 217 -2.20 -72.15 7.74
CA TRP D 217 -2.18 -72.49 6.33
C TRP D 217 -3.53 -73.09 5.92
N TYR D 218 -3.96 -72.69 4.72
CA TYR D 218 -5.24 -73.09 4.18
C TYR D 218 -4.98 -73.89 2.91
N GLU D 219 -5.34 -75.18 2.96
CA GLU D 219 -4.80 -76.19 2.05
C GLU D 219 -5.55 -76.18 0.72
N GLN D 220 -6.81 -75.72 0.74
CA GLN D 220 -7.74 -75.84 -0.37
C GLN D 220 -8.16 -74.47 -0.91
N SER D 221 -7.20 -73.52 -0.90
CA SER D 221 -7.50 -72.11 -1.17
C SER D 221 -6.47 -71.51 -2.12
N GLY D 222 -6.92 -70.53 -2.91
CA GLY D 222 -6.03 -69.72 -3.74
C GLY D 222 -5.84 -68.34 -3.11
N HIS D 223 -5.17 -67.46 -3.84
CA HIS D 223 -4.74 -66.17 -3.30
C HIS D 223 -5.91 -65.42 -2.67
N VAL D 224 -7.05 -65.33 -3.40
CA VAL D 224 -8.15 -64.48 -2.96
C VAL D 224 -8.97 -65.30 -1.97
N ILE D 225 -8.40 -65.45 -0.77
CA ILE D 225 -8.85 -66.42 0.20
C ILE D 225 -10.25 -66.08 0.72
N THR D 226 -10.61 -64.79 0.79
CA THR D 226 -11.90 -64.41 1.35
C THR D 226 -13.07 -64.82 0.44
N LEU D 227 -12.81 -65.10 -0.85
CA LEU D 227 -13.86 -65.48 -1.79
C LEU D 227 -13.77 -66.96 -2.19
N ASP D 228 -12.79 -67.69 -1.66
CA ASP D 228 -12.60 -69.08 -2.06
C ASP D 228 -13.40 -69.96 -1.10
N GLN D 229 -13.19 -71.29 -1.19
CA GLN D 229 -14.12 -72.26 -0.64
C GLN D 229 -14.00 -72.43 0.88
N GLU D 230 -12.91 -71.94 1.51
CA GLU D 230 -12.71 -72.08 2.95
C GLU D 230 -13.01 -70.79 3.70
N LYS D 231 -13.82 -69.92 3.08
CA LYS D 231 -14.11 -68.62 3.66
C LYS D 231 -14.89 -68.79 4.95
N ASP D 232 -15.65 -69.88 5.06
CA ASP D 232 -16.42 -70.15 6.27
C ASP D 232 -15.47 -70.53 7.40
N GLN D 233 -14.53 -71.41 7.08
CA GLN D 233 -13.46 -71.75 8.01
C GLN D 233 -12.77 -70.46 8.45
N LEU D 234 -12.39 -69.61 7.48
CA LEU D 234 -11.58 -68.42 7.72
C LEU D 234 -12.27 -67.49 8.71
N HIS D 235 -13.57 -67.27 8.49
CA HIS D 235 -14.36 -66.37 9.32
C HIS D 235 -14.26 -66.77 10.78
N GLU D 236 -14.40 -68.08 11.07
CA GLU D 236 -14.34 -68.60 12.43
C GLU D 236 -12.96 -68.34 13.02
N ASP D 237 -11.92 -68.78 12.29
CA ASP D 237 -10.54 -68.64 12.73
C ASP D 237 -10.29 -67.19 13.14
N ILE D 238 -10.81 -66.24 12.35
CA ILE D 238 -10.60 -64.81 12.53
C ILE D 238 -11.41 -64.34 13.74
N TYR D 239 -12.69 -64.73 13.78
CA TYR D 239 -13.54 -64.49 14.93
C TYR D 239 -12.83 -64.95 16.20
N ALA D 240 -12.35 -66.21 16.18
CA ALA D 240 -11.55 -66.80 17.25
C ALA D 240 -10.39 -65.90 17.66
N PHE D 241 -9.53 -65.57 16.69
CA PHE D 241 -8.39 -64.69 16.92
C PHE D 241 -8.78 -63.41 17.67
N LEU D 242 -9.90 -62.76 17.27
CA LEU D 242 -10.26 -61.46 17.79
C LEU D 242 -10.78 -61.57 19.22
N GLU D 243 -11.52 -62.66 19.49
CA GLU D 243 -12.11 -62.89 20.80
C GLU D 243 -11.05 -63.24 21.83
N SER D 244 -9.83 -63.55 21.37
CA SER D 244 -8.71 -63.85 22.26
C SER D 244 -7.89 -62.61 22.61
N LEU D 245 -8.33 -61.40 22.20
CA LEU D 245 -7.60 -60.18 22.51
C LEU D 245 -8.21 -59.56 23.76
N ASP D 246 -7.48 -58.62 24.38
CA ASP D 246 -7.91 -57.99 25.61
C ASP D 246 -9.16 -57.14 25.39
N TRP D 247 -9.09 -56.16 24.49
CA TRP D 247 -10.20 -55.25 24.24
C TRP D 247 -10.58 -54.48 25.51
N LEU D 248 -9.70 -54.46 26.52
CA LEU D 248 -9.91 -53.70 27.75
C LEU D 248 -8.54 -53.34 28.36
N MET E 1 0.73 30.05 -32.82
CA MET E 1 1.47 28.91 -32.23
C MET E 1 0.57 28.21 -31.22
N MET E 2 1.10 27.34 -30.36
CA MET E 2 0.24 26.56 -29.44
C MET E 2 0.88 26.42 -28.06
N LYS E 3 0.16 26.81 -27.02
CA LYS E 3 0.66 26.55 -25.67
C LYS E 3 0.78 25.04 -25.51
N ILE E 4 1.87 24.56 -24.90
CA ILE E 4 2.03 23.12 -24.70
C ILE E 4 1.45 22.75 -23.32
N VAL E 5 0.69 21.65 -23.29
CA VAL E 5 0.13 21.18 -22.04
C VAL E 5 1.20 20.42 -21.25
N PRO E 6 1.52 20.87 -20.01
CA PRO E 6 2.54 20.23 -19.18
C PRO E 6 2.12 18.85 -18.68
N PRO E 7 3.09 17.94 -18.46
CA PRO E 7 2.81 16.66 -17.83
C PRO E 7 2.37 16.83 -16.37
N LYS E 8 1.73 15.80 -15.83
CA LYS E 8 1.26 15.83 -14.46
C LYS E 8 1.88 14.68 -13.68
N PRO E 9 2.02 14.80 -12.34
CA PRO E 9 2.42 13.66 -11.53
C PRO E 9 1.27 12.65 -11.56
N PHE E 10 1.52 11.45 -10.99
CA PHE E 10 0.46 10.47 -10.81
C PHE E 10 0.62 9.76 -9.47
N PHE E 11 -0.54 9.30 -8.98
CA PHE E 11 -0.67 8.51 -7.77
C PHE E 11 -1.66 7.39 -8.05
N PHE E 12 -1.16 6.15 -7.95
CA PHE E 12 -1.95 4.95 -8.13
C PHE E 12 -2.04 4.22 -6.79
N GLU E 13 -3.25 4.18 -6.18
CA GLU E 13 -3.51 3.43 -4.95
C GLU E 13 -3.81 1.97 -5.25
N ALA E 14 -3.06 1.04 -4.62
CA ALA E 14 -3.21 -0.36 -4.98
C ALA E 14 -2.86 -1.35 -3.86
N GLY E 15 -2.34 -0.89 -2.71
CA GLY E 15 -1.98 -1.78 -1.61
C GLY E 15 -1.06 -1.10 -0.59
N GLU E 16 -0.75 -1.82 0.51
CA GLU E 16 -0.02 -1.31 1.68
C GLU E 16 1.43 -0.96 1.34
N ARG E 17 1.99 -1.63 0.32
CA ARG E 17 3.35 -1.41 -0.12
C ARG E 17 3.38 -0.26 -1.13
N ALA E 18 4.38 0.62 -1.00
CA ALA E 18 4.44 1.87 -1.74
C ALA E 18 5.79 1.97 -2.41
N VAL E 19 5.79 2.37 -3.68
CA VAL E 19 7.01 2.53 -4.44
C VAL E 19 7.05 3.95 -4.98
N LEU E 20 8.18 4.66 -4.78
CA LEU E 20 8.40 5.99 -5.34
C LEU E 20 9.12 5.88 -6.69
N LEU E 21 8.63 6.62 -7.68
CA LEU E 21 9.09 6.46 -9.05
C LEU E 21 9.67 7.79 -9.55
N LEU E 22 10.95 7.76 -9.99
CA LEU E 22 11.68 8.98 -10.34
C LEU E 22 12.16 8.95 -11.80
N HIS E 23 11.81 10.01 -12.52
CA HIS E 23 12.06 10.12 -13.95
C HIS E 23 13.45 10.67 -14.24
N GLY E 24 13.84 10.57 -15.53
CA GLY E 24 15.14 10.98 -16.00
C GLY E 24 15.21 12.46 -16.33
N PHE E 25 16.44 12.93 -16.67
CA PHE E 25 16.71 14.33 -16.96
C PHE E 25 15.99 14.71 -18.25
N THR E 26 15.37 15.91 -18.23
CA THR E 26 14.46 16.47 -19.24
C THR E 26 13.15 15.69 -19.40
N GLY E 27 12.94 14.62 -18.61
CA GLY E 27 11.82 13.74 -18.81
C GLY E 27 10.64 14.18 -17.96
N ASN E 28 9.67 13.29 -17.74
CA ASN E 28 8.56 13.58 -16.84
C ASN E 28 8.00 12.26 -16.33
N SER E 29 6.84 12.32 -15.66
CA SER E 29 6.15 11.14 -15.16
C SER E 29 5.92 10.06 -16.23
N ALA E 30 5.84 10.44 -17.52
CA ALA E 30 5.60 9.48 -18.60
C ALA E 30 6.70 8.42 -18.69
N ASP E 31 7.95 8.78 -18.36
CA ASP E 31 9.08 7.88 -18.41
C ASP E 31 8.88 6.68 -17.49
N VAL E 32 8.02 6.82 -16.47
CA VAL E 32 7.85 5.75 -15.49
C VAL E 32 6.37 5.34 -15.37
N ARG E 33 5.48 5.79 -16.27
CA ARG E 33 4.05 5.54 -16.08
C ARG E 33 3.71 4.08 -16.31
N MET E 34 4.23 3.47 -17.38
CA MET E 34 4.02 2.06 -17.64
C MET E 34 4.58 1.16 -16.53
N LEU E 35 5.71 1.53 -15.91
CA LEU E 35 6.15 0.82 -14.71
C LEU E 35 5.08 0.95 -13.61
N GLY E 36 4.56 2.18 -13.38
CA GLY E 36 3.61 2.42 -12.30
C GLY E 36 2.33 1.60 -12.42
N ARG E 37 1.87 1.41 -13.66
CA ARG E 37 0.64 0.68 -13.99
C ARG E 37 0.82 -0.80 -13.70
N PHE E 38 1.95 -1.36 -14.16
CA PHE E 38 2.32 -2.75 -13.85
C PHE E 38 2.44 -3.02 -12.34
N LEU E 39 3.10 -2.12 -11.62
CA LEU E 39 3.29 -2.29 -10.19
C LEU E 39 1.95 -2.17 -9.49
N GLU E 40 1.13 -1.19 -9.90
CA GLU E 40 -0.24 -1.02 -9.42
C GLU E 40 -1.10 -2.26 -9.60
N SER E 41 -0.94 -2.97 -10.73
CA SER E 41 -1.71 -4.17 -11.05
C SER E 41 -1.19 -5.37 -10.24
N LYS E 42 0.04 -5.25 -9.72
CA LYS E 42 0.60 -6.26 -8.84
C LYS E 42 0.33 -5.96 -7.37
N GLY E 43 -0.38 -4.85 -7.09
CA GLY E 43 -0.81 -4.49 -5.75
C GLY E 43 0.02 -3.37 -5.09
N TYR E 44 1.06 -2.87 -5.78
CA TYR E 44 1.92 -1.82 -5.22
C TYR E 44 1.35 -0.45 -5.56
N THR E 45 1.12 0.33 -4.50
CA THR E 45 0.89 1.76 -4.61
C THR E 45 2.14 2.46 -5.13
N CYS E 46 1.93 3.47 -6.00
CA CYS E 46 2.96 4.15 -6.75
C CYS E 46 2.70 5.65 -6.80
N HIS E 47 3.77 6.43 -6.58
CA HIS E 47 3.79 7.87 -6.81
C HIS E 47 4.98 8.23 -7.69
N ALA E 48 4.68 8.95 -8.79
CA ALA E 48 5.66 9.57 -9.66
C ALA E 48 5.45 11.08 -9.62
N PRO E 49 6.35 11.88 -8.99
CA PRO E 49 6.30 13.35 -9.09
C PRO E 49 7.03 13.88 -10.33
N ILE E 50 6.94 15.19 -10.56
CA ILE E 50 7.64 15.83 -11.68
C ILE E 50 8.61 16.85 -11.12
N TYR E 51 9.90 16.73 -11.47
CA TYR E 51 10.91 17.66 -11.01
C TYR E 51 10.56 19.04 -11.56
N LYS E 52 10.92 20.07 -10.80
CA LYS E 52 10.73 21.44 -11.25
C LYS E 52 11.44 21.65 -12.59
N GLY E 53 10.87 22.54 -13.40
CA GLY E 53 11.43 22.89 -14.69
C GLY E 53 11.24 21.82 -15.77
N HIS E 54 10.58 20.69 -15.45
CA HIS E 54 10.49 19.59 -16.40
C HIS E 54 9.12 19.61 -17.08
N GLY E 55 9.13 19.35 -18.39
CA GLY E 55 7.91 19.33 -19.20
C GLY E 55 7.31 20.72 -19.44
N VAL E 56 8.10 21.78 -19.23
CA VAL E 56 7.67 23.14 -19.49
C VAL E 56 8.68 23.77 -20.47
N PRO E 57 8.54 25.06 -20.88
CA PRO E 57 9.44 25.58 -21.91
C PRO E 57 10.87 25.38 -21.42
N PRO E 58 11.82 25.05 -22.33
CA PRO E 58 13.21 24.81 -21.96
C PRO E 58 13.89 25.94 -21.17
N GLU E 59 13.46 27.18 -21.37
CA GLU E 59 14.00 28.37 -20.72
C GLU E 59 13.69 28.39 -19.22
N GLU E 60 12.64 27.67 -18.79
CA GLU E 60 12.36 27.51 -17.36
C GLU E 60 13.23 26.41 -16.76
N LEU E 61 13.62 25.44 -17.59
CA LEU E 61 14.40 24.27 -17.19
C LEU E 61 15.82 24.66 -16.79
N VAL E 62 16.40 25.65 -17.48
CA VAL E 62 17.78 26.04 -17.26
C VAL E 62 17.89 27.05 -16.12
N HIS E 63 16.73 27.43 -15.53
CA HIS E 63 16.71 28.23 -14.32
C HIS E 63 16.46 27.36 -13.09
N THR E 64 16.53 26.02 -13.26
CA THR E 64 16.39 25.09 -12.15
C THR E 64 17.68 24.26 -12.04
N GLY E 65 17.84 23.56 -10.92
CA GLY E 65 18.83 22.52 -10.85
C GLY E 65 18.52 21.45 -9.81
N PRO E 66 19.47 20.53 -9.57
CA PRO E 66 19.38 19.52 -8.52
C PRO E 66 18.82 19.88 -7.14
N ASP E 67 19.12 21.09 -6.65
CA ASP E 67 18.67 21.51 -5.32
C ASP E 67 17.16 21.75 -5.35
N ASP E 68 16.60 21.97 -6.55
CA ASP E 68 15.15 22.05 -6.79
C ASP E 68 14.53 20.68 -7.02
N TRP E 69 15.13 19.89 -7.92
CA TRP E 69 14.62 18.57 -8.25
C TRP E 69 14.61 17.68 -6.99
N TRP E 70 15.65 17.81 -6.17
CA TRP E 70 15.80 17.03 -4.95
C TRP E 70 14.63 17.26 -3.99
N GLN E 71 14.08 18.49 -4.02
CA GLN E 71 12.97 18.84 -3.15
C GLN E 71 11.70 18.13 -3.63
N ASP E 72 11.53 18.04 -4.96
CA ASP E 72 10.40 17.32 -5.53
C ASP E 72 10.49 15.83 -5.17
N VAL E 73 11.73 15.31 -5.10
CA VAL E 73 11.95 13.93 -4.71
C VAL E 73 11.61 13.77 -3.24
N MET E 74 12.06 14.70 -2.39
CA MET E 74 11.78 14.58 -0.97
C MET E 74 10.27 14.72 -0.72
N ASN E 75 9.61 15.65 -1.41
CA ASN E 75 8.17 15.88 -1.21
C ASN E 75 7.38 14.66 -1.71
N GLY E 76 7.87 14.01 -2.78
CA GLY E 76 7.31 12.77 -3.26
C GLY E 76 7.38 11.67 -2.21
N TYR E 77 8.55 11.50 -1.57
CA TYR E 77 8.67 10.60 -0.44
C TYR E 77 7.65 10.98 0.65
N GLU E 78 7.58 12.27 1.03
CA GLU E 78 6.75 12.71 2.15
C GLU E 78 5.26 12.55 1.84
N PHE E 79 4.86 12.81 0.59
CA PHE E 79 3.47 12.61 0.15
C PHE E 79 3.00 11.20 0.49
N LEU E 80 3.82 10.19 0.17
CA LEU E 80 3.53 8.81 0.48
C LEU E 80 3.51 8.58 2.00
N LYS E 81 4.41 9.22 2.75
CA LYS E 81 4.47 9.04 4.21
C LYS E 81 3.21 9.57 4.88
N ASN E 82 2.73 10.76 4.45
CA ASN E 82 1.56 11.44 5.03
C ASN E 82 0.23 10.80 4.62
N LYS E 83 0.26 9.98 3.55
CA LYS E 83 -0.90 9.23 3.08
C LYS E 83 -1.08 8.00 3.97
N GLY E 84 -0.07 7.70 4.81
CA GLY E 84 -0.13 6.63 5.78
C GLY E 84 0.68 5.39 5.38
N TYR E 85 1.58 5.52 4.40
CA TYR E 85 2.36 4.40 3.90
C TYR E 85 3.69 4.32 4.64
N GLU E 86 3.80 3.33 5.54
CA GLU E 86 4.90 3.20 6.49
C GLU E 86 6.21 3.02 5.72
N LYS E 87 6.21 2.05 4.80
CA LYS E 87 7.42 1.58 4.14
C LYS E 87 7.34 1.86 2.65
N ILE E 88 8.45 2.40 2.13
CA ILE E 88 8.54 2.93 0.78
C ILE E 88 9.86 2.48 0.16
N ALA E 89 9.77 1.76 -0.95
CA ALA E 89 10.87 1.49 -1.85
C ALA E 89 10.91 2.59 -2.91
N VAL E 90 11.94 2.58 -3.77
CA VAL E 90 12.06 3.63 -4.78
C VAL E 90 12.75 3.08 -6.02
N ALA E 91 12.38 3.64 -7.17
CA ALA E 91 12.86 3.18 -8.46
C ALA E 91 12.96 4.38 -9.38
N GLY E 92 14.18 4.62 -9.88
CA GLY E 92 14.46 5.81 -10.65
C GLY E 92 15.13 5.47 -11.97
N LEU E 93 14.88 6.31 -12.99
CA LEU E 93 15.58 6.20 -14.25
C LEU E 93 16.59 7.34 -14.37
N SER E 94 17.87 6.95 -14.42
CA SER E 94 19.02 7.78 -14.77
C SER E 94 19.25 8.84 -13.69
N LEU E 95 18.83 10.09 -13.93
CA LEU E 95 18.85 11.09 -12.87
C LEU E 95 18.02 10.61 -11.70
N GLY E 96 16.91 9.92 -12.00
CA GLY E 96 16.05 9.33 -10.97
C GLY E 96 16.76 8.22 -10.19
N GLY E 97 17.55 7.40 -10.90
CA GLY E 97 18.39 6.41 -10.26
C GLY E 97 19.37 7.06 -9.26
N VAL E 98 19.96 8.18 -9.71
CA VAL E 98 20.94 8.92 -8.93
C VAL E 98 20.26 9.45 -7.67
N PHE E 99 19.07 10.02 -7.83
CA PHE E 99 18.31 10.52 -6.69
C PHE E 99 17.85 9.35 -5.82
N SER E 100 17.63 8.18 -6.43
CA SER E 100 17.19 7.01 -5.69
C SER E 100 18.28 6.51 -4.76
N LEU E 101 19.52 6.43 -5.28
CA LEU E 101 20.69 6.09 -4.48
C LEU E 101 20.87 7.08 -3.33
N LYS E 102 20.69 8.38 -3.62
CA LYS E 102 20.87 9.42 -2.62
C LYS E 102 19.86 9.23 -1.50
N LEU E 103 18.66 8.85 -1.90
CA LEU E 103 17.56 8.68 -0.99
C LEU E 103 17.93 7.54 -0.02
N GLY E 104 18.70 6.57 -0.54
CA GLY E 104 19.06 5.37 0.21
C GLY E 104 19.94 5.62 1.43
N TYR E 105 20.79 6.66 1.39
CA TYR E 105 21.60 7.04 2.53
C TYR E 105 21.04 8.25 3.28
N THR E 106 19.81 8.70 2.95
CA THR E 106 19.27 9.93 3.52
C THR E 106 18.05 9.64 4.40
N VAL E 107 17.10 8.85 3.89
CA VAL E 107 15.88 8.51 4.61
C VAL E 107 15.69 7.00 4.53
N PRO E 108 14.83 6.40 5.40
CA PRO E 108 14.47 4.98 5.30
C PRO E 108 13.85 4.60 3.96
N ILE E 109 14.39 3.52 3.36
CA ILE E 109 13.99 3.00 2.06
C ILE E 109 14.03 1.47 2.15
N GLU E 110 12.90 0.84 1.79
CA GLU E 110 12.76 -0.61 1.82
C GLU E 110 13.63 -1.29 0.75
N GLY E 111 13.75 -0.65 -0.43
CA GLY E 111 14.58 -1.19 -1.51
C GLY E 111 14.74 -0.20 -2.67
N ILE E 112 15.92 -0.23 -3.30
CA ILE E 112 16.34 0.73 -4.32
C ILE E 112 16.42 0.03 -5.68
N VAL E 113 15.81 0.63 -6.71
CA VAL E 113 16.12 0.25 -8.09
C VAL E 113 16.72 1.45 -8.81
N THR E 114 17.93 1.28 -9.37
CA THR E 114 18.57 2.36 -10.09
C THR E 114 18.79 1.89 -11.52
N MET E 115 18.22 2.65 -12.44
CA MET E 115 18.12 2.21 -13.81
C MET E 115 18.92 3.15 -14.71
N CYS E 116 20.06 2.63 -15.18
CA CYS E 116 20.92 3.33 -16.12
C CYS E 116 21.41 4.66 -15.53
N ALA E 117 21.76 4.69 -14.23
CA ALA E 117 22.28 5.88 -13.56
C ALA E 117 23.76 6.10 -13.90
N PRO E 118 24.15 7.33 -14.32
CA PRO E 118 25.52 7.63 -14.74
C PRO E 118 26.45 7.97 -13.57
N MET E 119 27.72 7.55 -13.70
CA MET E 119 28.74 7.81 -12.69
C MET E 119 30.04 8.33 -13.31
N TYR E 120 30.15 8.50 -14.64
CA TYR E 120 31.40 8.98 -15.24
C TYR E 120 31.14 10.23 -16.10
N ILE E 121 31.63 10.27 -17.37
CA ILE E 121 31.87 11.53 -18.08
C ILE E 121 31.08 11.64 -19.39
N LYS E 122 30.73 10.52 -20.04
CA LYS E 122 29.96 10.60 -21.27
C LYS E 122 28.68 11.38 -21.04
N SER E 123 28.07 11.18 -19.86
CA SER E 123 26.86 11.87 -19.42
C SER E 123 26.97 13.39 -19.50
N GLU E 124 28.21 13.92 -19.60
CA GLU E 124 28.42 15.37 -19.65
C GLU E 124 27.98 15.89 -21.01
N GLU E 125 28.51 15.29 -22.09
CA GLU E 125 28.19 15.75 -23.42
C GLU E 125 26.73 15.42 -23.75
N THR E 126 26.30 14.19 -23.47
CA THR E 126 24.98 13.74 -23.88
C THR E 126 23.85 14.44 -23.13
N SER E 127 24.11 15.00 -21.94
CA SER E 127 23.09 15.75 -21.21
C SER E 127 22.85 17.11 -21.88
N TYR E 128 23.93 17.74 -22.35
CA TYR E 128 23.86 18.97 -23.13
C TYR E 128 23.07 18.69 -24.42
N GLU E 129 23.40 17.59 -25.12
CA GLU E 129 22.68 17.17 -26.31
C GLU E 129 21.19 17.02 -26.02
N LEU E 130 20.89 16.45 -24.85
CA LEU E 130 19.53 16.15 -24.43
C LEU E 130 18.71 17.43 -24.25
N VAL E 131 19.30 18.49 -23.67
CA VAL E 131 18.59 19.75 -23.44
C VAL E 131 18.26 20.40 -24.79
N LEU E 132 19.24 20.46 -25.69
CA LEU E 132 19.05 20.96 -27.04
C LEU E 132 17.88 20.24 -27.69
N GLU E 133 17.87 18.91 -27.63
CA GLU E 133 16.89 18.09 -28.32
C GLU E 133 15.50 18.33 -27.74
N TYR E 134 15.38 18.31 -26.39
CA TYR E 134 14.14 18.67 -25.73
C TYR E 134 13.65 20.04 -26.20
N ALA E 135 14.57 20.99 -26.35
CA ALA E 135 14.21 22.36 -26.69
C ALA E 135 13.74 22.45 -28.15
N ARG E 136 14.48 21.84 -29.10
CA ARG E 136 14.09 21.84 -30.49
C ARG E 136 12.68 21.26 -30.64
N GLU E 137 12.44 20.08 -30.03
CA GLU E 137 11.18 19.37 -30.19
C GLU E 137 10.03 20.12 -29.52
N TYR E 138 10.31 20.86 -28.44
CA TYR E 138 9.27 21.63 -27.75
C TYR E 138 8.84 22.80 -28.63
N LYS E 139 9.81 23.54 -29.17
CA LYS E 139 9.53 24.55 -30.17
C LYS E 139 8.70 23.97 -31.33
N LYS E 140 9.03 22.76 -31.79
CA LYS E 140 8.35 22.20 -32.96
C LYS E 140 6.88 21.92 -32.61
N ARG E 141 6.65 21.34 -31.43
CA ARG E 141 5.32 21.00 -30.96
C ARG E 141 4.48 22.28 -30.77
N GLU E 142 5.11 23.46 -30.75
CA GLU E 142 4.41 24.73 -30.62
C GLU E 142 3.94 25.23 -31.98
N GLY E 143 4.43 24.59 -33.07
CA GLY E 143 4.17 25.03 -34.43
C GLY E 143 4.85 26.37 -34.73
N LYS E 144 6.10 26.50 -34.28
CA LYS E 144 6.98 27.59 -34.66
C LYS E 144 7.69 27.21 -35.96
N SER E 145 7.87 28.19 -36.86
CA SER E 145 8.64 28.03 -38.07
C SER E 145 10.09 27.66 -37.73
N GLU E 146 10.94 27.47 -38.75
CA GLU E 146 12.34 27.09 -38.55
C GLU E 146 13.18 28.33 -38.31
N GLU E 147 12.73 29.47 -38.84
CA GLU E 147 13.18 30.81 -38.47
C GLU E 147 13.28 30.93 -36.94
N GLN E 148 12.14 30.76 -36.25
CA GLN E 148 12.02 31.07 -34.83
C GLN E 148 12.68 30.03 -33.95
N ILE E 149 12.66 28.76 -34.42
CA ILE E 149 13.44 27.70 -33.80
C ILE E 149 14.89 28.16 -33.76
N GLU E 150 15.51 28.29 -34.95
CA GLU E 150 16.91 28.61 -35.07
C GLU E 150 17.27 29.87 -34.29
N GLN E 151 16.37 30.87 -34.30
CA GLN E 151 16.56 32.10 -33.54
C GLN E 151 16.61 31.80 -32.04
N GLU E 152 15.54 31.16 -31.54
CA GLU E 152 15.35 30.95 -30.11
C GLU E 152 16.37 29.93 -29.57
N MET E 153 16.89 29.08 -30.47
CA MET E 153 17.91 28.09 -30.13
C MET E 153 19.26 28.78 -29.92
N GLU E 154 19.54 29.84 -30.70
CA GLU E 154 20.75 30.64 -30.51
C GLU E 154 20.74 31.30 -29.13
N LYS E 155 19.61 31.91 -28.75
CA LYS E 155 19.56 32.59 -27.45
C LYS E 155 19.73 31.55 -26.36
N PHE E 156 19.16 30.36 -26.59
CA PHE E 156 19.09 29.29 -25.62
C PHE E 156 20.45 28.64 -25.40
N LYS E 157 21.25 28.53 -26.47
CA LYS E 157 22.48 27.75 -26.43
C LYS E 157 23.38 28.15 -25.26
N GLN E 158 23.21 29.35 -24.67
CA GLN E 158 24.18 29.88 -23.74
C GLN E 158 23.67 29.92 -22.29
N THR E 159 22.46 29.41 -22.02
CA THR E 159 21.90 29.42 -20.67
C THR E 159 21.93 28.04 -19.97
N PRO E 160 22.23 26.86 -20.61
CA PRO E 160 22.14 25.58 -19.91
C PRO E 160 23.23 25.20 -18.91
N MET E 161 24.24 26.05 -18.70
CA MET E 161 25.50 25.62 -18.11
C MET E 161 25.41 25.55 -16.57
N LYS E 162 24.80 26.54 -15.90
CA LYS E 162 24.58 26.47 -14.46
C LYS E 162 23.84 25.18 -14.07
N THR E 163 22.94 24.68 -14.95
CA THR E 163 22.19 23.45 -14.70
C THR E 163 23.08 22.22 -14.91
N LEU E 164 23.85 22.20 -16.00
CA LEU E 164 24.60 21.01 -16.41
C LEU E 164 25.77 20.76 -15.46
N LYS E 165 26.33 21.86 -14.95
CA LYS E 165 27.42 21.84 -13.99
C LYS E 165 26.89 21.29 -12.68
N ALA E 166 25.80 21.88 -12.15
CA ALA E 166 25.24 21.46 -10.87
C ALA E 166 24.79 19.99 -10.94
N LEU E 167 24.36 19.56 -12.13
CA LEU E 167 23.96 18.18 -12.37
C LEU E 167 25.14 17.24 -12.18
N GLN E 168 26.34 17.72 -12.50
CA GLN E 168 27.56 16.88 -12.38
C GLN E 168 28.00 16.81 -10.91
N GLU E 169 27.85 17.90 -10.18
CA GLU E 169 28.30 17.93 -8.76
C GLU E 169 27.44 16.91 -8.01
N LEU E 170 26.16 16.85 -8.35
CA LEU E 170 25.26 15.85 -7.80
C LEU E 170 25.78 14.43 -8.10
N LYS E 171 25.97 14.15 -9.40
CA LYS E 171 26.48 12.86 -9.86
C LYS E 171 27.75 12.46 -9.09
N ALA E 172 28.69 13.40 -8.97
CA ALA E 172 29.96 13.16 -8.30
C ALA E 172 29.75 12.96 -6.80
N ASP E 173 28.91 13.81 -6.20
CA ASP E 173 28.69 13.81 -4.76
C ASP E 173 27.96 12.55 -4.30
N VAL E 174 27.08 12.01 -5.16
CA VAL E 174 26.36 10.79 -4.81
C VAL E 174 27.34 9.63 -4.91
N ARG E 175 28.21 9.67 -5.93
CA ARG E 175 29.25 8.64 -6.09
C ARG E 175 30.13 8.54 -4.83
N ASP E 176 30.40 9.71 -4.22
CA ASP E 176 31.17 9.79 -3.00
C ASP E 176 30.43 9.16 -1.82
N HIS E 177 29.08 9.10 -1.87
CA HIS E 177 28.32 8.64 -0.72
C HIS E 177 27.88 7.18 -0.87
N LEU E 178 28.21 6.54 -1.99
CA LEU E 178 27.77 5.20 -2.32
C LEU E 178 28.09 4.20 -1.21
N ASP E 179 29.23 4.39 -0.53
CA ASP E 179 29.64 3.45 0.51
C ASP E 179 28.82 3.64 1.80
N LEU E 180 27.90 4.63 1.83
CA LEU E 180 26.99 4.83 2.96
C LEU E 180 25.65 4.11 2.75
N ILE E 181 25.49 3.43 1.60
CA ILE E 181 24.22 2.80 1.24
C ILE E 181 24.24 1.34 1.69
N TYR E 182 23.25 0.96 2.49
CA TYR E 182 23.12 -0.43 2.91
C TYR E 182 21.80 -1.07 2.46
N ALA E 183 20.86 -0.26 1.93
CA ALA E 183 19.52 -0.74 1.65
C ALA E 183 19.57 -1.67 0.46
N PRO E 184 18.71 -2.71 0.39
CA PRO E 184 18.78 -3.63 -0.75
C PRO E 184 18.72 -2.79 -2.02
N THR E 185 19.58 -3.15 -2.99
CA THR E 185 19.75 -2.36 -4.18
C THR E 185 19.84 -3.24 -5.41
N PHE E 186 18.97 -2.92 -6.39
CA PHE E 186 18.95 -3.52 -7.71
C PHE E 186 19.55 -2.52 -8.70
N VAL E 187 20.61 -2.94 -9.41
CA VAL E 187 21.22 -2.10 -10.43
C VAL E 187 20.84 -2.66 -11.79
N VAL E 188 20.11 -1.84 -12.55
CA VAL E 188 19.65 -2.16 -13.90
C VAL E 188 20.53 -1.37 -14.86
N GLN E 189 20.96 -1.99 -15.96
CA GLN E 189 21.76 -1.24 -16.93
C GLN E 189 21.61 -1.84 -18.33
N ALA E 190 21.31 -0.95 -19.29
CA ALA E 190 21.37 -1.25 -20.70
C ALA E 190 22.83 -1.38 -21.12
N ARG E 191 23.16 -2.49 -21.80
CA ARG E 191 24.49 -2.73 -22.27
C ARG E 191 24.92 -1.60 -23.21
N HIS E 192 24.26 -1.52 -24.37
CA HIS E 192 24.56 -0.58 -25.42
C HIS E 192 23.84 0.73 -25.13
N ASP E 193 24.35 1.44 -24.11
CA ASP E 193 23.79 2.68 -23.62
C ASP E 193 24.53 3.85 -24.27
N GLU E 194 23.80 4.70 -25.00
CA GLU E 194 24.44 5.74 -25.79
C GLU E 194 24.46 7.06 -25.02
N MET E 195 23.89 7.09 -23.81
CA MET E 195 23.85 8.32 -23.05
C MET E 195 24.90 8.33 -21.93
N ILE E 196 25.18 7.18 -21.30
CA ILE E 196 26.06 7.13 -20.14
C ILE E 196 27.15 6.09 -20.37
N ASN E 197 28.16 6.10 -19.48
CA ASN E 197 29.20 5.08 -19.45
C ASN E 197 28.66 3.87 -18.67
N PRO E 198 28.31 2.75 -19.36
CA PRO E 198 27.54 1.68 -18.75
C PRO E 198 28.19 1.02 -17.53
N ASP E 199 29.53 1.05 -17.47
CA ASP E 199 30.30 0.55 -16.34
C ASP E 199 30.03 1.39 -15.09
N SER E 200 29.26 2.48 -15.23
CA SER E 200 28.66 3.17 -14.10
C SER E 200 27.93 2.19 -13.18
N ALA E 201 27.31 1.14 -13.77
CA ALA E 201 26.57 0.13 -13.03
C ALA E 201 27.50 -0.72 -12.15
N ASN E 202 28.69 -1.06 -12.64
CA ASN E 202 29.66 -1.77 -11.82
C ASN E 202 30.11 -0.89 -10.64
N ILE E 203 30.35 0.42 -10.89
CA ILE E 203 30.68 1.33 -9.82
C ILE E 203 29.62 1.27 -8.71
N ILE E 204 28.33 1.34 -9.07
CA ILE E 204 27.27 1.37 -8.07
C ILE E 204 27.27 0.03 -7.33
N TYR E 205 27.15 -1.06 -8.08
CA TYR E 205 27.10 -2.38 -7.50
C TYR E 205 28.30 -2.59 -6.57
N ASN E 206 29.52 -2.35 -7.09
CA ASN E 206 30.74 -2.71 -6.40
C ASN E 206 30.88 -1.92 -5.10
N GLU E 207 30.48 -0.63 -5.10
CA GLU E 207 30.94 0.30 -4.08
C GLU E 207 29.91 0.53 -2.96
N ILE E 208 28.72 -0.09 -3.05
CA ILE E 208 27.71 0.06 -2.02
C ILE E 208 27.98 -0.99 -0.95
N GLU E 209 27.60 -0.69 0.29
CA GLU E 209 27.77 -1.63 1.39
C GLU E 209 26.55 -2.55 1.54
N SER E 210 25.58 -2.47 0.63
CA SER E 210 24.33 -3.23 0.78
C SER E 210 24.61 -4.74 0.76
N PRO E 211 24.20 -5.48 1.83
CA PRO E 211 24.25 -6.95 1.81
C PRO E 211 23.33 -7.60 0.78
N VAL E 212 22.13 -7.04 0.58
CA VAL E 212 21.25 -7.49 -0.48
C VAL E 212 21.51 -6.64 -1.72
N LYS E 213 21.90 -7.30 -2.83
CA LYS E 213 22.13 -6.60 -4.08
C LYS E 213 22.26 -7.56 -5.25
N GLN E 214 21.89 -7.05 -6.42
CA GLN E 214 21.94 -7.77 -7.66
C GLN E 214 22.09 -6.74 -8.76
N ILE E 215 22.61 -7.17 -9.90
CA ILE E 215 22.86 -6.31 -11.04
C ILE E 215 22.38 -7.12 -12.22
N LYS E 216 21.67 -6.50 -13.17
CA LYS E 216 21.29 -7.22 -14.37
C LYS E 216 21.60 -6.35 -15.59
N TRP E 217 22.07 -7.02 -16.66
CA TRP E 217 22.39 -6.37 -17.93
C TRP E 217 21.36 -6.71 -18.99
N TYR E 218 20.88 -5.67 -19.68
CA TYR E 218 19.87 -5.81 -20.71
C TYR E 218 20.52 -5.53 -22.06
N GLU E 219 20.52 -6.57 -22.91
CA GLU E 219 21.39 -6.63 -24.06
C GLU E 219 20.76 -5.94 -25.27
N GLN E 220 19.43 -5.78 -25.27
CA GLN E 220 18.75 -5.19 -26.41
C GLN E 220 17.91 -3.99 -25.98
N SER E 221 18.48 -3.16 -25.09
CA SER E 221 17.85 -1.93 -24.61
C SER E 221 18.85 -0.79 -24.81
N GLY E 222 18.34 0.41 -25.07
CA GLY E 222 19.09 1.65 -25.02
C GLY E 222 18.87 2.33 -23.67
N HIS E 223 19.39 3.55 -23.50
CA HIS E 223 19.34 4.24 -22.22
C HIS E 223 17.93 4.22 -21.62
N VAL E 224 16.91 4.58 -22.42
CA VAL E 224 15.56 4.73 -21.88
C VAL E 224 14.89 3.35 -21.85
N ILE E 225 15.31 2.56 -20.85
CA ILE E 225 14.98 1.14 -20.75
C ILE E 225 13.49 0.93 -20.49
N THR E 226 12.91 1.83 -19.69
CA THR E 226 11.52 1.69 -19.30
C THR E 226 10.59 1.78 -20.50
N LEU E 227 11.04 2.44 -21.58
CA LEU E 227 10.21 2.64 -22.77
C LEU E 227 10.68 1.77 -23.94
N ASP E 228 11.79 1.03 -23.79
CA ASP E 228 12.36 0.27 -24.89
C ASP E 228 11.72 -1.12 -24.90
N GLN E 229 12.26 -2.02 -25.74
CA GLN E 229 11.60 -3.25 -26.14
C GLN E 229 11.78 -4.38 -25.11
N GLU E 230 12.44 -4.12 -23.96
CA GLU E 230 12.61 -5.12 -22.92
C GLU E 230 11.90 -4.72 -21.63
N LYS E 231 10.90 -3.83 -21.71
CA LYS E 231 10.27 -3.28 -20.52
C LYS E 231 9.51 -4.33 -19.72
N ASP E 232 9.01 -5.39 -20.38
CA ASP E 232 8.20 -6.39 -19.71
C ASP E 232 9.06 -7.33 -18.87
N GLN E 233 10.29 -7.57 -19.31
CA GLN E 233 11.30 -8.30 -18.57
C GLN E 233 11.70 -7.45 -17.36
N LEU E 234 12.00 -6.16 -17.61
CA LEU E 234 12.36 -5.25 -16.54
C LEU E 234 11.26 -5.15 -15.50
N HIS E 235 10.00 -5.21 -15.94
CA HIS E 235 8.88 -5.12 -15.02
C HIS E 235 8.94 -6.32 -14.09
N GLU E 236 9.18 -7.49 -14.68
CA GLU E 236 9.20 -8.76 -13.95
C GLU E 236 10.39 -8.81 -12.99
N ASP E 237 11.58 -8.42 -13.45
CA ASP E 237 12.76 -8.38 -12.59
C ASP E 237 12.52 -7.45 -11.41
N ILE E 238 11.91 -6.28 -11.66
CA ILE E 238 11.67 -5.29 -10.63
C ILE E 238 10.71 -5.87 -9.59
N TYR E 239 9.67 -6.55 -10.09
CA TYR E 239 8.66 -7.17 -9.27
C TYR E 239 9.26 -8.26 -8.39
N ALA E 240 10.10 -9.12 -9.00
CA ALA E 240 10.75 -10.23 -8.29
C ALA E 240 11.58 -9.65 -7.15
N PHE E 241 12.29 -8.55 -7.45
CA PHE E 241 13.11 -7.84 -6.47
C PHE E 241 12.27 -7.29 -5.31
N LEU E 242 11.17 -6.61 -5.59
CA LEU E 242 10.35 -6.00 -4.53
C LEU E 242 9.78 -7.05 -3.59
N GLU E 243 9.41 -8.21 -4.15
CA GLU E 243 8.77 -9.28 -3.39
C GLU E 243 9.76 -9.94 -2.44
N SER E 244 11.05 -9.92 -2.83
CA SER E 244 12.14 -10.46 -2.02
C SER E 244 12.36 -9.64 -0.73
N LEU E 245 11.99 -8.36 -0.75
CA LEU E 245 12.07 -7.50 0.42
C LEU E 245 11.02 -7.92 1.46
N ASP E 246 11.24 -7.49 2.71
CA ASP E 246 10.51 -8.04 3.84
C ASP E 246 9.12 -7.44 3.96
N TRP E 247 9.03 -6.12 3.80
CA TRP E 247 7.77 -5.40 3.93
C TRP E 247 7.09 -5.78 5.25
N LEU E 248 7.83 -5.75 6.35
CA LEU E 248 7.26 -6.00 7.66
C LEU E 248 6.12 -5.01 7.96
N GLU E 249 5.05 -5.54 8.57
CA GLU E 249 3.83 -4.79 8.79
C GLU E 249 3.89 -4.03 10.10
N HIS E 250 3.60 -2.72 10.02
CA HIS E 250 3.21 -1.93 11.17
C HIS E 250 1.73 -1.60 11.03
N HIS E 251 0.88 -2.34 11.77
CA HIS E 251 -0.54 -2.04 11.89
C HIS E 251 -0.79 -1.09 13.06
N HIS E 252 -1.92 -0.37 12.99
CA HIS E 252 -2.27 0.67 13.95
C HIS E 252 -3.64 0.35 14.56
N HIS E 253 -3.86 0.79 15.80
CA HIS E 253 -5.15 0.64 16.46
C HIS E 253 -6.18 1.57 15.81
N HIS E 254 -5.92 2.89 15.81
CA HIS E 254 -6.74 3.86 15.11
C HIS E 254 -6.01 4.28 13.83
N MET F 1 -60.28 -26.53 -15.83
CA MET F 1 -61.73 -26.68 -15.56
C MET F 1 -62.11 -28.15 -15.36
N MET F 2 -61.13 -29.07 -15.28
CA MET F 2 -61.44 -30.50 -15.33
C MET F 2 -60.60 -31.25 -14.30
N LYS F 3 -61.27 -32.04 -13.47
CA LYS F 3 -60.63 -32.85 -12.44
C LYS F 3 -60.08 -34.10 -13.14
N ILE F 4 -58.93 -34.64 -12.69
CA ILE F 4 -58.33 -35.83 -13.30
C ILE F 4 -58.80 -37.06 -12.54
N VAL F 5 -59.27 -38.10 -13.25
CA VAL F 5 -59.78 -39.25 -12.50
C VAL F 5 -58.59 -40.14 -12.16
N PRO F 6 -58.35 -40.39 -10.86
CA PRO F 6 -57.16 -41.11 -10.40
C PRO F 6 -57.18 -42.54 -10.92
N PRO F 7 -56.02 -43.20 -11.06
CA PRO F 7 -56.01 -44.63 -11.36
C PRO F 7 -56.23 -45.46 -10.11
N LYS F 8 -56.43 -46.77 -10.34
CA LYS F 8 -56.88 -47.69 -9.32
C LYS F 8 -55.94 -48.90 -9.32
N PRO F 9 -55.75 -49.56 -8.16
CA PRO F 9 -55.17 -50.90 -8.13
C PRO F 9 -55.94 -51.92 -8.96
N PHE F 10 -55.32 -53.09 -9.15
CA PHE F 10 -55.99 -54.21 -9.79
C PHE F 10 -55.58 -55.51 -9.10
N PHE F 11 -56.51 -56.47 -9.12
CA PHE F 11 -56.34 -57.81 -8.57
C PHE F 11 -56.94 -58.78 -9.58
N PHE F 12 -56.07 -59.55 -10.23
CA PHE F 12 -56.46 -60.52 -11.24
C PHE F 12 -56.38 -61.93 -10.65
N GLU F 13 -57.53 -62.45 -10.16
CA GLU F 13 -57.57 -63.74 -9.49
C GLU F 13 -57.49 -64.86 -10.54
N ALA F 14 -56.51 -65.74 -10.36
CA ALA F 14 -56.35 -66.92 -11.22
C ALA F 14 -55.81 -68.05 -10.33
N GLY F 15 -54.59 -68.53 -10.60
CA GLY F 15 -54.07 -69.74 -9.97
C GLY F 15 -53.65 -69.53 -8.51
N GLU F 16 -53.02 -70.58 -7.94
CA GLU F 16 -52.65 -70.62 -6.53
C GLU F 16 -51.35 -69.84 -6.32
N ARG F 17 -50.59 -69.59 -7.40
CA ARG F 17 -49.32 -68.88 -7.35
C ARG F 17 -49.52 -67.39 -7.65
N ALA F 18 -49.01 -66.54 -6.73
CA ALA F 18 -49.29 -65.12 -6.72
C ALA F 18 -48.03 -64.30 -7.06
N VAL F 19 -48.24 -63.21 -7.80
CA VAL F 19 -47.20 -62.26 -8.16
C VAL F 19 -47.67 -60.87 -7.75
N LEU F 20 -46.86 -60.19 -6.93
CA LEU F 20 -47.02 -58.77 -6.64
C LEU F 20 -46.31 -57.98 -7.74
N LEU F 21 -46.95 -56.93 -8.24
CA LEU F 21 -46.46 -56.18 -9.39
C LEU F 21 -46.34 -54.72 -9.00
N LEU F 22 -45.12 -54.16 -9.14
CA LEU F 22 -44.78 -52.85 -8.58
C LEU F 22 -44.36 -51.87 -9.69
N HIS F 23 -45.01 -50.69 -9.71
CA HIS F 23 -44.84 -49.71 -10.78
C HIS F 23 -43.66 -48.81 -10.44
N GLY F 24 -43.22 -48.05 -11.45
CA GLY F 24 -42.14 -47.08 -11.31
C GLY F 24 -42.57 -45.71 -10.76
N PHE F 25 -41.60 -44.82 -10.64
CA PHE F 25 -41.79 -43.53 -9.99
C PHE F 25 -42.60 -42.63 -10.93
N THR F 26 -43.62 -41.94 -10.38
CA THR F 26 -44.57 -41.09 -11.10
C THR F 26 -45.56 -41.83 -12.01
N GLY F 27 -45.36 -43.14 -12.27
CA GLY F 27 -46.30 -43.96 -13.00
C GLY F 27 -47.38 -44.51 -12.08
N ASN F 28 -48.07 -45.57 -12.54
CA ASN F 28 -49.12 -46.23 -11.77
C ASN F 28 -49.25 -47.68 -12.23
N SER F 29 -50.34 -48.35 -11.82
CA SER F 29 -50.55 -49.74 -12.16
C SER F 29 -50.59 -49.95 -13.67
N ALA F 30 -50.98 -48.92 -14.45
CA ALA F 30 -50.94 -49.01 -15.91
C ALA F 30 -49.58 -49.55 -16.39
N ASP F 31 -48.49 -49.27 -15.66
CA ASP F 31 -47.13 -49.63 -16.05
C ASP F 31 -46.90 -51.15 -16.14
N VAL F 32 -47.65 -51.91 -15.33
CA VAL F 32 -47.47 -53.35 -15.21
C VAL F 32 -48.75 -54.10 -15.61
N ARG F 33 -49.73 -53.43 -16.20
CA ARG F 33 -51.06 -54.02 -16.34
C ARG F 33 -51.03 -55.12 -17.42
N MET F 34 -50.34 -54.86 -18.53
CA MET F 34 -50.27 -55.82 -19.63
C MET F 34 -49.58 -57.10 -19.15
N LEU F 35 -48.52 -56.96 -18.34
CA LEU F 35 -47.86 -58.10 -17.73
C LEU F 35 -48.86 -58.90 -16.90
N GLY F 36 -49.51 -58.25 -15.93
CA GLY F 36 -50.55 -58.89 -15.12
C GLY F 36 -51.57 -59.67 -15.96
N ARG F 37 -51.96 -59.13 -17.12
CA ARG F 37 -52.89 -59.76 -18.04
C ARG F 37 -52.30 -61.04 -18.63
N PHE F 38 -51.01 -61.01 -18.95
CA PHE F 38 -50.32 -62.14 -19.56
C PHE F 38 -50.06 -63.24 -18.53
N LEU F 39 -49.69 -62.84 -17.32
CA LEU F 39 -49.51 -63.78 -16.24
C LEU F 39 -50.85 -64.43 -15.89
N GLU F 40 -51.92 -63.62 -15.88
CA GLU F 40 -53.26 -64.10 -15.55
C GLU F 40 -53.70 -65.12 -16.60
N SER F 41 -53.28 -64.92 -17.85
CA SER F 41 -53.62 -65.83 -18.94
C SER F 41 -52.83 -67.14 -18.88
N LYS F 42 -51.86 -67.24 -17.95
CA LYS F 42 -51.19 -68.50 -17.65
C LYS F 42 -51.45 -68.88 -16.19
N GLY F 43 -52.54 -68.36 -15.61
CA GLY F 43 -53.08 -68.90 -14.38
C GLY F 43 -52.37 -68.39 -13.13
N TYR F 44 -51.56 -67.32 -13.28
CA TYR F 44 -50.92 -66.68 -12.15
C TYR F 44 -51.79 -65.53 -11.65
N THR F 45 -52.08 -65.55 -10.35
CA THR F 45 -52.69 -64.41 -9.66
C THR F 45 -51.70 -63.24 -9.63
N CYS F 46 -52.21 -62.00 -9.77
CA CYS F 46 -51.39 -60.81 -9.84
C CYS F 46 -52.11 -59.66 -9.13
N HIS F 47 -51.48 -59.03 -8.12
CA HIS F 47 -51.99 -57.79 -7.53
C HIS F 47 -50.99 -56.66 -7.68
N ALA F 48 -51.49 -55.48 -8.04
CA ALA F 48 -50.65 -54.33 -8.34
C ALA F 48 -51.19 -53.14 -7.57
N PRO F 49 -50.53 -52.70 -6.48
CA PRO F 49 -51.04 -51.58 -5.68
C PRO F 49 -50.58 -50.31 -6.37
N ILE F 50 -51.02 -49.17 -5.83
CA ILE F 50 -50.57 -47.86 -6.29
C ILE F 50 -49.95 -47.12 -5.10
N TYR F 51 -48.78 -46.53 -5.34
CA TYR F 51 -48.05 -45.83 -4.30
C TYR F 51 -48.79 -44.53 -4.01
N LYS F 52 -48.90 -44.20 -2.73
CA LYS F 52 -49.45 -42.93 -2.30
C LYS F 52 -48.79 -41.79 -3.06
N GLY F 53 -49.58 -40.80 -3.48
CA GLY F 53 -49.08 -39.62 -4.17
C GLY F 53 -48.97 -39.79 -5.69
N HIS F 54 -49.31 -40.97 -6.19
CA HIS F 54 -49.18 -41.26 -7.62
C HIS F 54 -50.57 -41.23 -8.26
N GLY F 55 -50.63 -40.72 -9.50
CA GLY F 55 -51.85 -40.62 -10.27
C GLY F 55 -52.75 -39.47 -9.82
N VAL F 56 -52.16 -38.57 -9.03
CA VAL F 56 -52.86 -37.48 -8.39
C VAL F 56 -52.12 -36.18 -8.76
N PRO F 57 -52.53 -34.98 -8.26
CA PRO F 57 -51.77 -33.76 -8.54
C PRO F 57 -50.30 -33.82 -8.14
N PRO F 58 -49.36 -33.25 -8.94
CA PRO F 58 -47.95 -33.20 -8.57
C PRO F 58 -47.80 -32.63 -7.15
N GLU F 59 -48.59 -31.61 -6.83
CA GLU F 59 -48.51 -30.93 -5.54
C GLU F 59 -48.63 -31.93 -4.39
N GLU F 60 -49.34 -33.05 -4.61
CA GLU F 60 -49.52 -34.08 -3.58
C GLU F 60 -48.39 -35.12 -3.63
N LEU F 61 -47.85 -35.37 -4.82
CA LEU F 61 -46.79 -36.35 -4.98
C LEU F 61 -45.60 -35.95 -4.12
N VAL F 62 -45.22 -34.67 -4.21
CA VAL F 62 -44.04 -34.18 -3.53
C VAL F 62 -44.28 -34.01 -2.03
N HIS F 63 -45.45 -34.44 -1.52
CA HIS F 63 -45.67 -34.53 -0.09
C HIS F 63 -45.67 -35.97 0.37
N THR F 64 -45.15 -36.87 -0.49
CA THR F 64 -44.99 -38.29 -0.17
C THR F 64 -43.54 -38.68 -0.47
N GLY F 65 -43.09 -39.76 0.18
CA GLY F 65 -41.77 -40.32 -0.04
C GLY F 65 -41.81 -41.85 -0.01
N PRO F 66 -40.65 -42.52 -0.16
CA PRO F 66 -40.55 -43.98 0.05
C PRO F 66 -41.07 -44.55 1.38
N ASP F 67 -41.01 -43.78 2.47
CA ASP F 67 -41.62 -44.25 3.71
C ASP F 67 -43.11 -44.50 3.47
N ASP F 68 -43.75 -43.62 2.70
CA ASP F 68 -45.14 -43.76 2.31
C ASP F 68 -45.30 -44.92 1.32
N TRP F 69 -44.55 -44.87 0.21
CA TRP F 69 -44.73 -45.83 -0.87
C TRP F 69 -44.46 -47.25 -0.39
N TRP F 70 -43.52 -47.40 0.53
CA TRP F 70 -43.15 -48.70 1.06
C TRP F 70 -44.34 -49.36 1.74
N GLN F 71 -45.15 -48.57 2.45
CA GLN F 71 -46.29 -49.07 3.19
C GLN F 71 -47.34 -49.62 2.20
N ASP F 72 -47.46 -48.99 1.03
CA ASP F 72 -48.33 -49.50 -0.02
C ASP F 72 -47.79 -50.79 -0.60
N VAL F 73 -46.49 -51.00 -0.50
CA VAL F 73 -45.88 -52.22 -1.00
C VAL F 73 -46.19 -53.33 0.00
N MET F 74 -45.91 -53.03 1.26
CA MET F 74 -46.18 -53.94 2.36
C MET F 74 -47.66 -54.35 2.36
N ASN F 75 -48.55 -53.36 2.34
CA ASN F 75 -50.00 -53.59 2.34
C ASN F 75 -50.42 -54.41 1.12
N GLY F 76 -49.71 -54.29 0.00
CA GLY F 76 -50.01 -55.03 -1.22
C GLY F 76 -49.61 -56.50 -1.14
N TYR F 77 -48.47 -56.78 -0.50
CA TYR F 77 -48.04 -58.13 -0.18
C TYR F 77 -49.01 -58.80 0.80
N GLU F 78 -49.41 -58.04 1.84
CA GLU F 78 -50.26 -58.53 2.92
C GLU F 78 -51.69 -58.77 2.41
N PHE F 79 -52.08 -58.02 1.39
CA PHE F 79 -53.32 -58.27 0.66
C PHE F 79 -53.30 -59.67 0.09
N LEU F 80 -52.21 -60.03 -0.62
CA LEU F 80 -52.07 -61.36 -1.19
C LEU F 80 -52.00 -62.43 -0.10
N LYS F 81 -51.40 -62.11 1.06
CA LYS F 81 -51.28 -63.07 2.16
C LYS F 81 -52.63 -63.28 2.87
N ASN F 82 -53.56 -62.33 2.75
CA ASN F 82 -54.85 -62.41 3.43
C ASN F 82 -55.93 -62.98 2.52
N LYS F 83 -55.60 -63.26 1.26
CA LYS F 83 -56.42 -64.08 0.38
C LYS F 83 -56.02 -65.55 0.51
N GLY F 84 -55.06 -65.84 1.40
CA GLY F 84 -54.56 -67.19 1.58
C GLY F 84 -53.73 -67.65 0.39
N TYR F 85 -52.94 -66.72 -0.18
CA TYR F 85 -51.78 -67.10 -0.97
C TYR F 85 -50.60 -67.06 -0.03
N GLU F 86 -49.95 -68.22 0.14
CA GLU F 86 -48.93 -68.41 1.16
C GLU F 86 -47.54 -68.26 0.54
N LYS F 87 -47.49 -68.11 -0.79
CA LYS F 87 -46.25 -68.09 -1.52
C LYS F 87 -46.37 -67.09 -2.68
N ILE F 88 -45.59 -66.00 -2.59
CA ILE F 88 -45.73 -64.81 -3.43
C ILE F 88 -44.41 -64.51 -4.14
N ALA F 89 -44.48 -64.28 -5.46
CA ALA F 89 -43.40 -63.69 -6.23
C ALA F 89 -43.65 -62.18 -6.40
N VAL F 90 -42.62 -61.47 -6.89
CA VAL F 90 -42.68 -60.01 -7.02
C VAL F 90 -41.91 -59.58 -8.27
N ALA F 91 -42.49 -58.62 -8.99
CA ALA F 91 -41.83 -58.04 -10.14
C ALA F 91 -42.21 -56.57 -10.27
N GLY F 92 -41.18 -55.70 -10.28
CA GLY F 92 -41.39 -54.26 -10.32
C GLY F 92 -40.51 -53.58 -11.35
N LEU F 93 -41.04 -52.49 -11.93
CA LEU F 93 -40.36 -51.64 -12.89
C LEU F 93 -39.67 -50.49 -12.15
N SER F 94 -38.35 -50.34 -12.40
CA SER F 94 -37.55 -49.19 -12.00
C SER F 94 -37.55 -49.03 -10.47
N LEU F 95 -38.15 -47.95 -9.95
CA LEU F 95 -38.46 -47.86 -8.52
C LEU F 95 -39.16 -49.12 -8.02
N GLY F 96 -40.17 -49.60 -8.76
CA GLY F 96 -40.81 -50.86 -8.42
C GLY F 96 -39.81 -52.01 -8.28
N GLY F 97 -38.80 -52.05 -9.18
CA GLY F 97 -37.73 -53.04 -9.14
C GLY F 97 -36.81 -52.93 -7.92
N VAL F 98 -36.67 -51.73 -7.35
CA VAL F 98 -35.94 -51.52 -6.11
C VAL F 98 -36.73 -52.01 -4.90
N PHE F 99 -38.02 -51.68 -4.85
CA PHE F 99 -38.85 -52.14 -3.75
C PHE F 99 -38.93 -53.66 -3.81
N SER F 100 -38.71 -54.25 -4.99
CA SER F 100 -38.76 -55.70 -5.15
C SER F 100 -37.61 -56.35 -4.37
N LEU F 101 -36.38 -55.93 -4.72
CA LEU F 101 -35.16 -56.28 -4.02
C LEU F 101 -35.30 -56.07 -2.52
N LYS F 102 -35.83 -54.90 -2.11
CA LYS F 102 -35.99 -54.62 -0.69
C LYS F 102 -36.87 -55.67 -0.03
N LEU F 103 -38.01 -55.95 -0.65
CA LEU F 103 -38.92 -56.99 -0.23
C LEU F 103 -38.18 -58.34 -0.16
N GLY F 104 -37.22 -58.51 -1.08
CA GLY F 104 -36.45 -59.75 -1.23
C GLY F 104 -35.60 -60.12 -0.03
N TYR F 105 -35.32 -59.18 0.88
CA TYR F 105 -34.57 -59.51 2.08
C TYR F 105 -35.33 -59.02 3.32
N THR F 106 -36.63 -58.79 3.16
CA THR F 106 -37.44 -58.34 4.28
C THR F 106 -38.54 -59.37 4.61
N VAL F 107 -39.09 -60.04 3.58
CA VAL F 107 -40.14 -61.02 3.79
C VAL F 107 -39.91 -62.23 2.88
N PRO F 108 -40.60 -63.37 3.15
CA PRO F 108 -40.52 -64.53 2.28
C PRO F 108 -41.02 -64.19 0.88
N ILE F 109 -40.15 -64.42 -0.12
CA ILE F 109 -40.44 -64.13 -1.51
C ILE F 109 -39.96 -65.29 -2.37
N GLU F 110 -40.84 -65.81 -3.23
CA GLU F 110 -40.51 -66.98 -4.06
C GLU F 110 -39.47 -66.62 -5.11
N GLY F 111 -39.51 -65.37 -5.60
CA GLY F 111 -38.72 -64.93 -6.73
C GLY F 111 -38.81 -63.41 -6.95
N ILE F 112 -37.84 -62.86 -7.68
CA ILE F 112 -37.71 -61.42 -7.88
C ILE F 112 -37.43 -61.14 -9.36
N VAL F 113 -38.26 -60.31 -9.99
CA VAL F 113 -37.94 -59.74 -11.29
C VAL F 113 -37.79 -58.22 -11.07
N THR F 114 -36.61 -57.69 -11.42
CA THR F 114 -36.32 -56.26 -11.31
C THR F 114 -35.97 -55.74 -12.70
N MET F 115 -36.74 -54.74 -13.14
CA MET F 115 -36.70 -54.24 -14.50
C MET F 115 -36.19 -52.80 -14.45
N CYS F 116 -34.96 -52.62 -14.91
CA CYS F 116 -34.38 -51.28 -15.10
C CYS F 116 -34.34 -50.49 -13.78
N ALA F 117 -34.02 -51.16 -12.67
CA ALA F 117 -33.86 -50.52 -11.37
C ALA F 117 -32.57 -49.73 -11.36
N PRO F 118 -32.59 -48.46 -10.88
CA PRO F 118 -31.39 -47.62 -10.81
C PRO F 118 -30.54 -47.94 -9.59
N MET F 119 -29.21 -47.98 -9.82
CA MET F 119 -28.27 -48.21 -8.73
C MET F 119 -27.20 -47.12 -8.65
N TYR F 120 -27.22 -46.11 -9.52
CA TYR F 120 -26.15 -45.12 -9.49
C TYR F 120 -26.75 -43.72 -9.55
N ILE F 121 -26.30 -42.89 -10.52
CA ILE F 121 -26.32 -41.44 -10.36
C ILE F 121 -27.14 -40.76 -11.44
N LYS F 122 -27.24 -41.34 -12.66
CA LYS F 122 -28.00 -40.71 -13.73
C LYS F 122 -29.45 -40.52 -13.30
N SER F 123 -29.96 -41.47 -12.51
CA SER F 123 -31.31 -41.45 -11.98
C SER F 123 -31.62 -40.22 -11.12
N GLU F 124 -30.60 -39.48 -10.64
CA GLU F 124 -30.82 -38.33 -9.79
C GLU F 124 -31.43 -37.19 -10.60
N GLU F 125 -30.87 -36.93 -11.78
CA GLU F 125 -31.31 -35.85 -12.64
C GLU F 125 -32.54 -36.28 -13.45
N THR F 126 -32.58 -37.52 -13.94
CA THR F 126 -33.71 -37.92 -14.78
C THR F 126 -34.98 -38.02 -13.95
N SER F 127 -34.86 -38.29 -12.64
CA SER F 127 -36.02 -38.37 -11.76
C SER F 127 -36.60 -36.97 -11.50
N TYR F 128 -35.73 -35.97 -11.54
CA TYR F 128 -36.16 -34.58 -11.39
C TYR F 128 -36.91 -34.16 -12.66
N GLU F 129 -36.32 -34.40 -13.83
CA GLU F 129 -36.97 -34.14 -15.11
C GLU F 129 -38.33 -34.83 -15.19
N LEU F 130 -38.40 -36.06 -14.68
CA LEU F 130 -39.57 -36.91 -14.72
C LEU F 130 -40.69 -36.35 -13.85
N VAL F 131 -40.35 -35.73 -12.71
CA VAL F 131 -41.35 -35.15 -11.83
C VAL F 131 -41.98 -33.93 -12.49
N LEU F 132 -41.12 -33.08 -13.08
CA LEU F 132 -41.54 -31.95 -13.92
C LEU F 132 -42.42 -32.39 -15.07
N GLU F 133 -41.96 -33.40 -15.81
CA GLU F 133 -42.68 -33.94 -16.96
C GLU F 133 -44.07 -34.42 -16.56
N TYR F 134 -44.20 -35.18 -15.46
CA TYR F 134 -45.50 -35.62 -14.97
C TYR F 134 -46.38 -34.42 -14.64
N ALA F 135 -45.83 -33.44 -13.92
CA ALA F 135 -46.59 -32.28 -13.45
C ALA F 135 -47.14 -31.47 -14.62
N ARG F 136 -46.40 -31.42 -15.74
CA ARG F 136 -46.81 -30.63 -16.89
C ARG F 136 -47.97 -31.34 -17.58
N GLU F 137 -47.82 -32.63 -17.85
CA GLU F 137 -48.82 -33.41 -18.56
C GLU F 137 -50.13 -33.50 -17.77
N TYR F 138 -50.04 -33.55 -16.43
CA TYR F 138 -51.22 -33.55 -15.57
C TYR F 138 -51.96 -32.22 -15.70
N LYS F 139 -51.23 -31.09 -15.56
CA LYS F 139 -51.79 -29.76 -15.72
C LYS F 139 -52.46 -29.63 -17.08
N LYS F 140 -51.83 -30.18 -18.13
CA LYS F 140 -52.33 -30.06 -19.49
C LYS F 140 -53.68 -30.74 -19.61
N ARG F 141 -53.77 -31.94 -19.00
CA ARG F 141 -54.95 -32.78 -19.10
C ARG F 141 -56.05 -32.20 -18.21
N GLU F 142 -55.67 -31.44 -17.18
CA GLU F 142 -56.64 -30.69 -16.41
C GLU F 142 -57.32 -29.66 -17.32
N GLY F 143 -56.63 -29.30 -18.42
CA GLY F 143 -57.17 -28.40 -19.42
C GLY F 143 -56.65 -26.97 -19.27
N LYS F 144 -55.53 -26.79 -18.56
CA LYS F 144 -55.04 -25.44 -18.29
C LYS F 144 -54.29 -24.93 -19.52
N SER F 145 -54.27 -23.59 -19.66
CA SER F 145 -53.57 -22.87 -20.73
C SER F 145 -52.05 -22.97 -20.53
N GLU F 146 -51.29 -22.80 -21.62
CA GLU F 146 -49.83 -22.76 -21.57
C GLU F 146 -49.29 -21.83 -20.45
N GLU F 147 -50.10 -20.83 -20.05
CA GLU F 147 -49.66 -19.76 -19.16
C GLU F 147 -49.84 -20.14 -17.69
N GLN F 148 -51.03 -20.62 -17.32
CA GLN F 148 -51.25 -21.19 -15.99
C GLN F 148 -50.19 -22.24 -15.71
N ILE F 149 -49.86 -23.07 -16.71
CA ILE F 149 -48.90 -24.15 -16.55
C ILE F 149 -47.52 -23.57 -16.20
N GLU F 150 -46.98 -22.68 -17.05
CA GLU F 150 -45.75 -21.95 -16.77
C GLU F 150 -45.72 -21.41 -15.34
N GLN F 151 -46.79 -20.72 -14.94
CA GLN F 151 -46.87 -20.08 -13.64
C GLN F 151 -46.89 -21.13 -12.53
N GLU F 152 -47.70 -22.18 -12.74
CA GLU F 152 -47.81 -23.25 -11.77
C GLU F 152 -46.48 -24.02 -11.70
N MET F 153 -45.78 -24.15 -12.83
CA MET F 153 -44.55 -24.92 -12.90
C MET F 153 -43.41 -24.16 -12.23
N GLU F 154 -43.53 -22.82 -12.14
CA GLU F 154 -42.52 -21.98 -11.51
C GLU F 154 -42.50 -22.25 -10.00
N LYS F 155 -43.68 -22.41 -9.40
CA LYS F 155 -43.74 -22.75 -7.97
C LYS F 155 -43.36 -24.22 -7.77
N PHE F 156 -43.86 -25.13 -8.60
CA PHE F 156 -43.62 -26.57 -8.39
C PHE F 156 -42.12 -26.90 -8.51
N LYS F 157 -41.47 -26.32 -9.51
CA LYS F 157 -40.05 -26.62 -9.79
C LYS F 157 -39.24 -26.67 -8.50
N GLN F 158 -39.65 -25.91 -7.48
CA GLN F 158 -38.83 -25.81 -6.26
C GLN F 158 -39.34 -26.71 -5.16
N THR F 159 -40.43 -27.43 -5.39
CA THR F 159 -41.03 -28.24 -4.32
C THR F 159 -40.63 -29.73 -4.28
N PRO F 160 -40.04 -30.36 -5.33
CA PRO F 160 -39.87 -31.82 -5.31
C PRO F 160 -38.64 -32.37 -4.58
N MET F 161 -37.92 -31.54 -3.82
CA MET F 161 -36.61 -31.92 -3.31
C MET F 161 -36.68 -32.98 -2.20
N LYS F 162 -37.58 -32.80 -1.24
CA LYS F 162 -37.65 -33.74 -0.13
C LYS F 162 -37.84 -35.16 -0.67
N THR F 163 -38.80 -35.35 -1.59
CA THR F 163 -39.10 -36.69 -2.08
C THR F 163 -37.95 -37.21 -2.96
N LEU F 164 -37.33 -36.32 -3.74
CA LEU F 164 -36.26 -36.73 -4.63
C LEU F 164 -35.06 -37.22 -3.81
N LYS F 165 -34.79 -36.56 -2.71
CA LYS F 165 -33.62 -36.93 -1.88
C LYS F 165 -33.94 -38.25 -1.16
N ALA F 166 -35.19 -38.42 -0.74
CA ALA F 166 -35.62 -39.67 -0.08
C ALA F 166 -35.50 -40.83 -1.07
N LEU F 167 -35.81 -40.58 -2.34
CA LEU F 167 -35.69 -41.63 -3.39
C LEU F 167 -34.22 -42.04 -3.53
N GLN F 168 -33.32 -41.07 -3.49
CA GLN F 168 -31.87 -41.37 -3.63
C GLN F 168 -31.42 -42.19 -2.41
N GLU F 169 -31.96 -41.88 -1.25
CA GLU F 169 -31.58 -42.59 0.00
C GLU F 169 -32.04 -44.04 -0.08
N LEU F 170 -33.21 -44.27 -0.65
CA LEU F 170 -33.74 -45.62 -0.80
C LEU F 170 -32.80 -46.45 -1.68
N LYS F 171 -32.41 -45.93 -2.86
CA LYS F 171 -31.48 -46.62 -3.76
C LYS F 171 -30.21 -47.08 -3.04
N ALA F 172 -29.54 -46.15 -2.34
CA ALA F 172 -28.28 -46.39 -1.66
C ALA F 172 -28.46 -47.49 -0.61
N ASP F 173 -29.58 -47.41 0.11
CA ASP F 173 -29.88 -48.35 1.18
C ASP F 173 -30.14 -49.75 0.62
N VAL F 174 -30.97 -49.87 -0.42
CA VAL F 174 -31.20 -51.18 -1.00
C VAL F 174 -29.92 -51.68 -1.65
N ARG F 175 -29.19 -50.78 -2.33
CA ARG F 175 -27.89 -51.16 -2.88
C ARG F 175 -27.00 -51.74 -1.80
N ASP F 176 -26.98 -51.08 -0.63
CA ASP F 176 -26.13 -51.46 0.50
C ASP F 176 -26.61 -52.77 1.12
N HIS F 177 -27.83 -53.23 0.79
CA HIS F 177 -28.41 -54.45 1.36
C HIS F 177 -28.52 -55.59 0.34
N LEU F 178 -28.10 -55.38 -0.92
CA LEU F 178 -28.20 -56.40 -1.97
C LEU F 178 -27.58 -57.74 -1.57
N ASP F 179 -26.55 -57.74 -0.72
CA ASP F 179 -25.84 -58.97 -0.39
C ASP F 179 -26.64 -59.82 0.61
N LEU F 180 -27.75 -59.29 1.14
CA LEU F 180 -28.65 -60.06 2.00
C LEU F 180 -29.74 -60.81 1.20
N ILE F 181 -29.71 -60.72 -0.14
CA ILE F 181 -30.77 -61.25 -0.97
C ILE F 181 -30.40 -62.65 -1.46
N TYR F 182 -31.24 -63.64 -1.09
CA TYR F 182 -31.00 -65.03 -1.42
C TYR F 182 -32.08 -65.57 -2.35
N ALA F 183 -33.31 -65.04 -2.29
CA ALA F 183 -34.38 -65.59 -3.12
C ALA F 183 -33.97 -65.48 -4.59
N PRO F 184 -34.38 -66.43 -5.46
CA PRO F 184 -33.99 -66.42 -6.88
C PRO F 184 -34.37 -65.13 -7.60
N THR F 185 -33.53 -64.66 -8.53
CA THR F 185 -33.66 -63.32 -9.05
C THR F 185 -33.34 -63.26 -10.54
N PHE F 186 -34.22 -62.55 -11.27
CA PHE F 186 -34.11 -62.23 -12.69
C PHE F 186 -33.86 -60.73 -12.84
N VAL F 187 -32.72 -60.37 -13.41
CA VAL F 187 -32.38 -58.98 -13.62
C VAL F 187 -32.65 -58.66 -15.09
N VAL F 188 -33.54 -57.67 -15.29
CA VAL F 188 -34.02 -57.24 -16.61
C VAL F 188 -33.51 -55.83 -16.85
N GLN F 189 -32.84 -55.59 -17.99
CA GLN F 189 -32.34 -54.26 -18.27
C GLN F 189 -32.42 -53.96 -19.77
N ALA F 190 -32.95 -52.77 -20.09
CA ALA F 190 -32.94 -52.25 -21.44
C ALA F 190 -31.57 -51.62 -21.68
N ARG F 191 -30.96 -51.99 -22.82
CA ARG F 191 -29.61 -51.59 -23.16
C ARG F 191 -29.51 -50.07 -23.21
N HIS F 192 -30.39 -49.46 -24.02
CA HIS F 192 -30.33 -48.03 -24.32
C HIS F 192 -31.27 -47.29 -23.36
N ASP F 193 -30.94 -47.35 -22.07
CA ASP F 193 -31.78 -46.79 -21.02
C ASP F 193 -31.32 -45.36 -20.79
N GLU F 194 -32.23 -44.40 -21.00
CA GLU F 194 -31.91 -42.98 -20.89
C GLU F 194 -32.30 -42.41 -19.53
N MET F 195 -32.81 -43.25 -18.62
CA MET F 195 -33.23 -42.79 -17.29
C MET F 195 -32.17 -43.14 -16.23
N ILE F 196 -31.52 -44.32 -16.35
CA ILE F 196 -30.56 -44.78 -15.35
C ILE F 196 -29.23 -45.14 -16.00
N ASN F 197 -28.24 -45.47 -15.16
CA ASN F 197 -26.99 -46.07 -15.58
C ASN F 197 -27.22 -47.59 -15.75
N PRO F 198 -27.27 -48.13 -16.99
CA PRO F 198 -27.66 -49.53 -17.20
C PRO F 198 -26.78 -50.58 -16.53
N ASP F 199 -25.54 -50.18 -16.18
CA ASP F 199 -24.62 -51.06 -15.45
C ASP F 199 -25.12 -51.31 -14.02
N SER F 200 -26.07 -50.52 -13.54
CA SER F 200 -26.95 -50.88 -12.44
C SER F 200 -27.35 -52.36 -12.48
N ALA F 201 -27.57 -52.91 -13.67
CA ALA F 201 -28.05 -54.28 -13.81
C ALA F 201 -26.97 -55.30 -13.40
N ASN F 202 -25.73 -55.06 -13.83
CA ASN F 202 -24.58 -55.85 -13.41
C ASN F 202 -24.36 -55.70 -11.90
N ILE F 203 -24.63 -54.52 -11.33
CA ILE F 203 -24.52 -54.33 -9.89
C ILE F 203 -25.47 -55.28 -9.17
N ILE F 204 -26.73 -55.32 -9.57
CA ILE F 204 -27.68 -56.11 -8.82
C ILE F 204 -27.26 -57.58 -8.95
N TYR F 205 -26.96 -58.00 -10.18
CA TYR F 205 -26.69 -59.39 -10.48
C TYR F 205 -25.45 -59.87 -9.72
N ASN F 206 -24.42 -59.02 -9.65
CA ASN F 206 -23.16 -59.39 -9.04
C ASN F 206 -23.26 -59.49 -7.52
N GLU F 207 -23.98 -58.56 -6.89
CA GLU F 207 -23.85 -58.29 -5.48
C GLU F 207 -24.92 -59.00 -4.62
N ILE F 208 -25.98 -59.55 -5.25
CA ILE F 208 -26.89 -60.45 -4.55
C ILE F 208 -26.21 -61.81 -4.29
N GLU F 209 -26.68 -62.53 -3.28
CA GLU F 209 -26.13 -63.83 -2.90
C GLU F 209 -27.00 -64.97 -3.42
N SER F 210 -28.10 -64.66 -4.12
CA SER F 210 -29.03 -65.68 -4.62
C SER F 210 -28.28 -66.80 -5.36
N PRO F 211 -28.37 -68.07 -4.92
CA PRO F 211 -27.84 -69.18 -5.71
C PRO F 211 -28.41 -69.26 -7.12
N VAL F 212 -29.72 -68.98 -7.27
CA VAL F 212 -30.33 -68.98 -8.60
C VAL F 212 -30.50 -67.53 -9.06
N LYS F 213 -29.97 -67.21 -10.24
CA LYS F 213 -30.10 -65.86 -10.76
C LYS F 213 -29.84 -65.86 -12.26
N GLN F 214 -30.34 -64.81 -12.92
CA GLN F 214 -30.11 -64.61 -14.35
C GLN F 214 -30.30 -63.13 -14.67
N ILE F 215 -29.74 -62.73 -15.80
CA ILE F 215 -29.77 -61.36 -16.26
C ILE F 215 -29.98 -61.40 -17.77
N LYS F 216 -30.80 -60.48 -18.28
CA LYS F 216 -30.95 -60.35 -19.71
C LYS F 216 -30.95 -58.87 -20.05
N TRP F 217 -30.25 -58.55 -21.13
CA TRP F 217 -30.35 -57.23 -21.72
C TRP F 217 -31.28 -57.33 -22.92
N TYR F 218 -32.11 -56.27 -23.09
CA TYR F 218 -33.00 -56.13 -24.23
C TYR F 218 -32.46 -55.02 -25.13
N GLU F 219 -32.15 -55.37 -26.39
CA GLU F 219 -31.30 -54.52 -27.22
C GLU F 219 -32.10 -53.36 -27.84
N GLN F 220 -33.44 -53.46 -27.87
CA GLN F 220 -34.26 -52.51 -28.62
C GLN F 220 -35.40 -51.95 -27.75
N SER F 221 -35.15 -51.76 -26.45
CA SER F 221 -36.12 -51.21 -25.52
C SER F 221 -35.54 -50.01 -24.79
N GLY F 222 -36.41 -49.14 -24.27
CA GLY F 222 -36.03 -48.03 -23.42
C GLY F 222 -36.34 -48.38 -21.98
N HIS F 223 -36.26 -47.39 -21.07
CA HIS F 223 -36.38 -47.64 -19.65
C HIS F 223 -37.69 -48.37 -19.31
N VAL F 224 -38.81 -47.79 -19.76
CA VAL F 224 -40.16 -48.28 -19.48
C VAL F 224 -40.40 -49.50 -20.35
N ILE F 225 -39.74 -50.61 -19.98
CA ILE F 225 -39.56 -51.74 -20.87
C ILE F 225 -40.90 -52.46 -21.06
N THR F 226 -41.74 -52.43 -20.02
CA THR F 226 -43.01 -53.15 -19.99
C THR F 226 -43.93 -52.69 -21.12
N LEU F 227 -43.76 -51.43 -21.57
CA LEU F 227 -44.64 -50.80 -22.55
C LEU F 227 -43.93 -50.58 -23.89
N ASP F 228 -42.69 -51.03 -24.06
CA ASP F 228 -41.96 -50.76 -25.29
C ASP F 228 -42.20 -51.94 -26.24
N GLN F 229 -41.37 -52.06 -27.31
CA GLN F 229 -41.66 -52.92 -28.44
C GLN F 229 -41.26 -54.39 -28.23
N GLU F 230 -40.60 -54.72 -27.11
CA GLU F 230 -40.21 -56.11 -26.81
C GLU F 230 -40.98 -56.67 -25.61
N LYS F 231 -42.14 -56.08 -25.30
CA LYS F 231 -42.91 -56.47 -24.14
C LYS F 231 -43.36 -57.94 -24.22
N ASP F 232 -43.45 -58.51 -25.44
CA ASP F 232 -43.94 -59.88 -25.62
C ASP F 232 -42.84 -60.88 -25.26
N GLN F 233 -41.69 -60.70 -25.92
CA GLN F 233 -40.46 -61.35 -25.54
C GLN F 233 -40.24 -61.28 -24.03
N LEU F 234 -40.45 -60.09 -23.44
CA LEU F 234 -40.22 -59.87 -22.00
C LEU F 234 -41.20 -60.66 -21.16
N HIS F 235 -42.50 -60.64 -21.53
CA HIS F 235 -43.54 -61.39 -20.84
C HIS F 235 -43.19 -62.88 -20.79
N GLU F 236 -42.78 -63.42 -21.95
CA GLU F 236 -42.43 -64.85 -22.06
C GLU F 236 -41.28 -65.21 -21.13
N ASP F 237 -40.30 -64.30 -21.05
CA ASP F 237 -39.11 -64.48 -20.24
C ASP F 237 -39.43 -64.46 -18.75
N ILE F 238 -40.51 -63.75 -18.34
CA ILE F 238 -40.88 -63.71 -16.94
C ILE F 238 -41.62 -65.01 -16.57
N TYR F 239 -42.55 -65.42 -17.45
CA TYR F 239 -43.22 -66.70 -17.38
C TYR F 239 -42.18 -67.80 -17.21
N ALA F 240 -41.27 -67.87 -18.18
CA ALA F 240 -40.12 -68.75 -18.12
C ALA F 240 -39.51 -68.73 -16.73
N PHE F 241 -39.02 -67.56 -16.30
CA PHE F 241 -38.34 -67.46 -15.02
C PHE F 241 -39.24 -68.06 -13.94
N LEU F 242 -40.46 -67.55 -13.86
CA LEU F 242 -41.40 -67.89 -12.79
C LEU F 242 -41.66 -69.39 -12.75
N GLU F 243 -41.70 -70.01 -13.94
CA GLU F 243 -42.04 -71.42 -14.06
C GLU F 243 -40.88 -72.26 -13.56
N SER F 244 -39.64 -71.78 -13.79
CA SER F 244 -38.45 -72.49 -13.34
C SER F 244 -38.38 -72.57 -11.81
N LEU F 245 -39.29 -71.92 -11.07
CA LEU F 245 -39.23 -71.89 -9.62
C LEU F 245 -39.94 -73.12 -9.05
N ASP F 246 -39.70 -73.38 -7.76
CA ASP F 246 -40.21 -74.57 -7.09
C ASP F 246 -41.70 -74.41 -6.81
N TRP F 247 -42.02 -73.37 -6.03
CA TRP F 247 -43.39 -73.10 -5.64
C TRP F 247 -43.92 -74.20 -4.70
N LEU F 248 -43.00 -74.92 -4.03
CA LEU F 248 -43.36 -76.07 -3.21
C LEU F 248 -42.97 -75.78 -1.76
N MET G 1 32.77 -4.69 -25.70
CA MET G 1 33.73 -3.68 -25.22
C MET G 1 33.00 -2.65 -24.36
N MET G 2 33.70 -2.00 -23.44
CA MET G 2 33.06 -1.03 -22.52
C MET G 2 34.16 -0.25 -21.79
N LYS G 3 34.12 1.07 -21.88
CA LYS G 3 35.10 1.90 -21.13
C LYS G 3 35.00 1.56 -19.65
N ILE G 4 36.10 1.68 -18.92
CA ILE G 4 36.06 1.44 -17.47
C ILE G 4 36.27 2.73 -16.67
N VAL G 5 35.47 2.91 -15.61
CA VAL G 5 35.45 4.14 -14.83
C VAL G 5 36.58 4.11 -13.80
N PRO G 6 37.55 5.06 -13.87
CA PRO G 6 38.71 5.02 -13.00
C PRO G 6 38.33 5.45 -11.59
N PRO G 7 38.98 4.90 -10.54
CA PRO G 7 38.73 5.29 -9.17
C PRO G 7 39.10 6.75 -9.02
N LYS G 8 38.66 7.34 -7.92
CA LYS G 8 38.92 8.78 -7.70
C LYS G 8 39.47 8.93 -6.29
N PRO G 9 40.29 9.97 -6.03
CA PRO G 9 40.81 10.20 -4.70
C PRO G 9 39.67 10.43 -3.72
N PHE G 10 39.99 10.53 -2.43
CA PHE G 10 38.92 10.86 -1.47
C PHE G 10 39.42 11.87 -0.44
N PHE G 11 38.50 12.60 0.20
CA PHE G 11 38.84 13.54 1.25
C PHE G 11 37.70 13.53 2.26
N PHE G 12 37.99 12.97 3.44
CA PHE G 12 36.97 12.86 4.52
C PHE G 12 37.33 13.90 5.59
N GLU G 13 36.71 15.08 5.50
CA GLU G 13 37.02 16.19 6.44
C GLU G 13 36.38 15.95 7.81
N ALA G 14 37.17 15.98 8.87
CA ALA G 14 36.63 15.90 10.24
C ALA G 14 37.29 17.04 10.99
N GLY G 15 38.60 16.95 11.22
CA GLY G 15 39.21 17.98 12.08
C GLY G 15 40.71 18.02 12.12
N GLU G 16 41.27 18.66 13.15
CA GLU G 16 42.74 18.90 13.23
C GLU G 16 43.57 17.71 12.78
N ARG G 17 43.45 16.57 13.45
CA ARG G 17 44.34 15.43 13.14
C ARG G 17 44.09 14.93 11.72
N ALA G 18 45.08 15.13 10.84
CA ALA G 18 44.98 14.62 9.48
C ALA G 18 45.76 13.32 9.35
N VAL G 19 45.34 12.45 8.42
CA VAL G 19 46.07 11.24 8.07
C VAL G 19 46.01 11.07 6.55
N LEU G 20 47.19 11.13 5.92
CA LEU G 20 47.34 10.75 4.53
C LEU G 20 47.23 9.23 4.44
N LEU G 21 46.50 8.71 3.42
CA LEU G 21 46.28 7.29 3.25
C LEU G 21 46.74 6.84 1.86
N LEU G 22 47.68 5.89 1.87
CA LEU G 22 48.42 5.51 0.67
C LEU G 22 48.05 4.07 0.34
N HIS G 23 47.69 3.83 -0.92
CA HIS G 23 47.11 2.56 -1.34
C HIS G 23 48.24 1.65 -1.81
N GLY G 24 47.86 0.42 -2.22
CA GLY G 24 48.79 -0.60 -2.67
C GLY G 24 49.00 -0.54 -4.18
N PHE G 25 50.05 -1.23 -4.63
CA PHE G 25 50.42 -1.31 -6.04
C PHE G 25 49.36 -2.09 -6.82
N THR G 26 49.03 -1.55 -8.01
CA THR G 26 47.88 -1.88 -8.85
C THR G 26 46.54 -1.51 -8.19
N GLY G 27 46.55 -1.05 -6.93
CA GLY G 27 45.33 -0.74 -6.22
C GLY G 27 44.81 0.66 -6.51
N ASN G 28 43.97 1.17 -5.60
CA ASN G 28 43.43 2.52 -5.63
C ASN G 28 42.90 2.81 -4.23
N SER G 29 42.25 3.96 -4.05
CA SER G 29 41.89 4.46 -2.72
C SER G 29 40.95 3.51 -1.97
N ALA G 30 40.27 2.62 -2.71
CA ALA G 30 39.36 1.64 -2.15
C ALA G 30 40.06 0.73 -1.12
N ASP G 31 41.38 0.53 -1.31
CA ASP G 31 42.18 -0.24 -0.37
C ASP G 31 42.10 0.37 1.03
N VAL G 32 41.94 1.69 1.11
CA VAL G 32 41.97 2.38 2.38
C VAL G 32 40.69 3.19 2.60
N ARG G 33 39.62 2.84 1.89
CA ARG G 33 38.40 3.65 2.01
C ARG G 33 37.69 3.34 3.31
N MET G 34 37.70 2.07 3.71
CA MET G 34 37.01 1.68 4.93
C MET G 34 37.74 2.23 6.15
N LEU G 35 39.09 2.12 6.14
CA LEU G 35 39.95 2.69 7.17
C LEU G 35 39.76 4.20 7.25
N GLY G 36 39.65 4.86 6.09
CA GLY G 36 39.28 6.26 6.04
C GLY G 36 37.95 6.55 6.71
N ARG G 37 36.90 5.79 6.33
CA ARG G 37 35.60 5.97 6.95
C ARG G 37 35.72 5.79 8.46
N PHE G 38 36.45 4.76 8.89
CA PHE G 38 36.61 4.46 10.31
C PHE G 38 37.30 5.61 11.05
N LEU G 39 38.40 6.13 10.48
CA LEU G 39 39.13 7.23 11.11
C LEU G 39 38.27 8.48 11.13
N GLU G 40 37.55 8.76 10.03
CA GLU G 40 36.61 9.87 9.95
C GLU G 40 35.58 9.82 11.07
N SER G 41 34.99 8.64 11.28
CA SER G 41 34.08 8.37 12.40
C SER G 41 34.69 8.70 13.76
N LYS G 42 36.03 8.64 13.86
CA LYS G 42 36.75 8.85 15.12
C LYS G 42 37.21 10.30 15.23
N GLY G 43 37.07 11.08 14.15
CA GLY G 43 37.32 12.52 14.19
C GLY G 43 38.63 12.92 13.51
N TYR G 44 39.19 12.03 12.67
CA TYR G 44 40.38 12.30 11.88
C TYR G 44 40.00 12.65 10.44
N THR G 45 40.42 13.83 9.98
CA THR G 45 40.44 14.15 8.56
C THR G 45 41.35 13.16 7.82
N CYS G 46 40.87 12.63 6.69
CA CYS G 46 41.66 11.70 5.88
C CYS G 46 41.68 12.16 4.42
N HIS G 47 42.78 11.87 3.72
CA HIS G 47 42.87 12.04 2.27
C HIS G 47 43.65 10.86 1.69
N ALA G 48 43.18 10.36 0.55
CA ALA G 48 43.77 9.20 -0.08
C ALA G 48 43.88 9.45 -1.58
N PRO G 49 45.06 9.82 -2.12
CA PRO G 49 45.25 9.94 -3.57
C PRO G 49 45.41 8.61 -4.30
N ILE G 50 45.41 8.71 -5.64
CA ILE G 50 45.66 7.61 -6.56
C ILE G 50 46.99 7.88 -7.24
N TYR G 51 47.83 6.85 -7.30
CA TYR G 51 49.06 6.92 -8.07
C TYR G 51 48.68 7.02 -9.55
N LYS G 52 49.48 7.75 -10.32
CA LYS G 52 49.31 7.81 -11.77
C LYS G 52 49.45 6.39 -12.33
N GLY G 53 48.61 6.06 -13.33
CA GLY G 53 48.65 4.79 -14.02
C GLY G 53 47.79 3.71 -13.36
N HIS G 54 47.21 4.05 -12.19
CA HIS G 54 46.51 3.09 -11.35
C HIS G 54 45.00 3.30 -11.48
N GLY G 55 44.30 2.22 -11.86
CA GLY G 55 42.84 2.22 -11.98
C GLY G 55 42.40 2.48 -13.41
N VAL G 56 43.29 2.08 -14.33
CA VAL G 56 43.21 2.41 -15.75
C VAL G 56 43.75 1.20 -16.52
N PRO G 57 43.81 1.20 -17.88
CA PRO G 57 44.27 0.02 -18.59
C PRO G 57 45.67 -0.35 -18.11
N PRO G 58 46.06 -1.64 -18.19
CA PRO G 58 47.43 -2.06 -17.88
C PRO G 58 48.52 -1.36 -18.71
N GLU G 59 48.22 -1.14 -20.01
CA GLU G 59 49.14 -0.52 -20.96
C GLU G 59 49.62 0.83 -20.44
N GLU G 60 48.75 1.53 -19.71
CA GLU G 60 48.99 2.86 -19.18
C GLU G 60 49.83 2.78 -17.91
N LEU G 61 49.73 1.65 -17.18
CA LEU G 61 50.44 1.46 -15.92
C LEU G 61 51.91 1.14 -16.18
N VAL G 62 52.19 0.35 -17.24
CA VAL G 62 53.54 -0.10 -17.57
C VAL G 62 54.39 1.03 -18.17
N HIS G 63 53.80 2.23 -18.20
CA HIS G 63 54.52 3.43 -18.65
C HIS G 63 54.62 4.36 -17.43
N THR G 64 54.38 3.81 -16.25
CA THR G 64 54.48 4.61 -15.00
C THR G 64 55.42 3.90 -14.02
N GLY G 65 55.94 4.63 -13.03
CA GLY G 65 56.81 4.03 -12.02
C GLY G 65 56.85 4.85 -10.76
N PRO G 66 57.62 4.44 -9.73
CA PRO G 66 57.64 5.18 -8.46
C PRO G 66 57.87 6.69 -8.46
N ASP G 67 58.62 7.20 -9.45
CA ASP G 67 58.91 8.62 -9.53
C ASP G 67 57.62 9.44 -9.68
N ASP G 68 56.68 8.93 -10.50
CA ASP G 68 55.37 9.53 -10.69
C ASP G 68 54.52 9.36 -9.42
N TRP G 69 54.45 8.10 -8.95
CA TRP G 69 53.69 7.72 -7.77
C TRP G 69 54.09 8.57 -6.56
N TRP G 70 55.39 8.87 -6.48
CA TRP G 70 55.94 9.65 -5.38
C TRP G 70 55.38 11.07 -5.39
N GLN G 71 55.27 11.68 -6.58
CA GLN G 71 54.71 13.01 -6.72
C GLN G 71 53.27 13.03 -6.20
N ASP G 72 52.48 11.99 -6.55
CA ASP G 72 51.11 11.85 -6.06
C ASP G 72 51.11 11.75 -4.54
N VAL G 73 52.13 11.13 -3.94
CA VAL G 73 52.22 11.02 -2.49
C VAL G 73 52.53 12.39 -1.88
N MET G 74 53.39 13.16 -2.56
CA MET G 74 53.69 14.52 -2.13
C MET G 74 52.47 15.42 -2.29
N ASN G 75 51.87 15.39 -3.50
CA ASN G 75 50.68 16.17 -3.81
C ASN G 75 49.60 15.91 -2.76
N GLY G 76 49.52 14.63 -2.31
CA GLY G 76 48.65 14.24 -1.20
C GLY G 76 49.01 14.98 0.09
N TYR G 77 50.30 14.96 0.45
CA TYR G 77 50.76 15.59 1.67
C TYR G 77 50.47 17.10 1.62
N GLU G 78 50.78 17.72 0.46
CA GLU G 78 50.78 19.18 0.35
C GLU G 78 49.34 19.70 0.27
N PHE G 79 48.50 19.03 -0.55
CA PHE G 79 47.05 19.26 -0.62
C PHE G 79 46.42 19.35 0.78
N LEU G 80 46.91 18.53 1.71
CA LEU G 80 46.35 18.38 3.05
C LEU G 80 46.84 19.51 3.95
N LYS G 81 48.10 19.95 3.75
CA LYS G 81 48.69 21.07 4.49
C LYS G 81 48.08 22.39 3.99
N ASN G 82 47.96 22.52 2.66
CA ASN G 82 47.38 23.71 2.04
C ASN G 82 45.99 23.98 2.60
N LYS G 83 45.23 22.92 2.90
CA LYS G 83 43.89 23.02 3.47
C LYS G 83 43.95 23.41 4.95
N GLY G 84 45.14 23.36 5.55
CA GLY G 84 45.36 23.97 6.86
C GLY G 84 45.80 22.96 7.92
N TYR G 85 46.13 21.73 7.50
CA TYR G 85 46.40 20.67 8.45
C TYR G 85 47.88 20.66 8.78
N GLU G 86 48.19 21.13 10.01
CA GLU G 86 49.55 21.42 10.43
C GLU G 86 50.28 20.12 10.81
N LYS G 87 49.53 19.13 11.31
CA LYS G 87 50.11 17.85 11.68
C LYS G 87 49.44 16.76 10.86
N ILE G 88 50.28 15.93 10.22
CA ILE G 88 49.86 14.86 9.34
C ILE G 88 50.56 13.56 9.77
N ALA G 89 49.77 12.52 10.10
CA ALA G 89 50.28 11.14 10.15
C ALA G 89 50.10 10.50 8.77
N VAL G 90 50.55 9.25 8.60
CA VAL G 90 50.43 8.58 7.32
C VAL G 90 50.26 7.09 7.54
N ALA G 91 49.32 6.50 6.80
CA ALA G 91 49.07 5.08 6.82
C ALA G 91 49.11 4.60 5.38
N GLY G 92 49.79 3.45 5.18
CA GLY G 92 50.05 2.93 3.84
C GLY G 92 49.98 1.40 3.79
N LEU G 93 49.56 0.89 2.63
CA LEU G 93 49.34 -0.54 2.43
C LEU G 93 50.28 -1.05 1.34
N SER G 94 51.19 -1.98 1.71
CA SER G 94 52.17 -2.58 0.82
C SER G 94 53.08 -1.50 0.23
N LEU G 95 53.10 -1.37 -1.11
CA LEU G 95 53.76 -0.23 -1.76
C LEU G 95 53.45 1.07 -1.02
N GLY G 96 52.21 1.22 -0.52
CA GLY G 96 51.77 2.42 0.16
C GLY G 96 52.44 2.62 1.51
N GLY G 97 52.81 1.51 2.18
CA GLY G 97 53.57 1.56 3.42
C GLY G 97 55.03 1.96 3.21
N VAL G 98 55.63 1.46 2.11
CA VAL G 98 56.93 1.93 1.65
C VAL G 98 56.93 3.47 1.62
N PHE G 99 55.95 4.08 0.94
CA PHE G 99 55.94 5.52 0.74
C PHE G 99 55.71 6.25 2.06
N SER G 100 54.93 5.65 2.98
CA SER G 100 54.75 6.20 4.32
C SER G 100 56.10 6.35 5.00
N LEU G 101 56.95 5.33 4.83
CA LEU G 101 58.28 5.28 5.43
C LEU G 101 59.16 6.39 4.86
N LYS G 102 59.25 6.46 3.52
CA LYS G 102 60.02 7.48 2.82
C LYS G 102 59.59 8.87 3.29
N LEU G 103 58.27 9.09 3.32
CA LEU G 103 57.71 10.33 3.85
C LEU G 103 58.25 10.62 5.25
N GLY G 104 58.54 9.56 6.02
CA GLY G 104 58.97 9.67 7.41
C GLY G 104 60.33 10.35 7.58
N TYR G 105 61.20 10.19 6.58
CA TYR G 105 62.49 10.84 6.58
C TYR G 105 62.56 11.89 5.47
N THR G 106 61.40 12.39 5.01
CA THR G 106 61.38 13.39 3.93
C THR G 106 60.67 14.67 4.37
N VAL G 107 59.59 14.57 5.13
CA VAL G 107 58.89 15.76 5.60
C VAL G 107 58.39 15.50 7.02
N PRO G 108 57.88 16.53 7.72
CA PRO G 108 57.31 16.34 9.07
C PRO G 108 56.08 15.42 9.10
N ILE G 109 56.20 14.34 9.88
CA ILE G 109 55.19 13.29 9.96
C ILE G 109 54.94 13.00 11.44
N GLU G 110 53.71 13.22 11.89
CA GLU G 110 53.36 13.01 13.29
C GLU G 110 53.48 11.51 13.63
N GLY G 111 53.18 10.65 12.65
CA GLY G 111 53.06 9.21 12.88
C GLY G 111 53.05 8.40 11.59
N ILE G 112 53.50 7.13 11.68
CA ILE G 112 53.62 6.26 10.52
C ILE G 112 52.94 4.93 10.85
N VAL G 113 52.11 4.44 9.91
CA VAL G 113 51.62 3.08 9.97
C VAL G 113 51.94 2.40 8.63
N THR G 114 52.61 1.25 8.70
CA THR G 114 53.11 0.57 7.52
C THR G 114 52.54 -0.85 7.53
N MET G 115 51.63 -1.11 6.59
CA MET G 115 50.86 -2.34 6.56
C MET G 115 51.36 -3.20 5.41
N CYS G 116 52.15 -4.21 5.76
CA CYS G 116 52.58 -5.27 4.85
C CYS G 116 53.57 -4.73 3.81
N ALA G 117 54.57 -3.97 4.31
CA ALA G 117 55.55 -3.28 3.49
C ALA G 117 56.66 -4.25 3.05
N PRO G 118 56.91 -4.43 1.74
CA PRO G 118 57.89 -5.41 1.26
C PRO G 118 59.32 -4.89 1.41
N MET G 119 60.23 -5.76 1.82
CA MET G 119 61.66 -5.35 1.98
C MET G 119 62.55 -6.42 1.37
N TYR G 120 61.99 -7.44 0.74
CA TYR G 120 62.86 -8.54 0.25
C TYR G 120 62.62 -8.86 -1.22
N ILE G 121 62.42 -10.13 -1.58
CA ILE G 121 62.40 -10.49 -3.03
C ILE G 121 61.17 -11.32 -3.46
N LYS G 122 60.36 -11.77 -2.50
CA LYS G 122 59.10 -12.47 -2.86
C LYS G 122 58.23 -11.47 -3.62
N SER G 123 58.37 -10.17 -3.32
CA SER G 123 57.62 -9.09 -4.00
C SER G 123 57.85 -9.15 -5.51
N GLU G 124 59.05 -9.49 -5.94
CA GLU G 124 59.38 -9.64 -7.37
C GLU G 124 58.46 -10.67 -8.03
N GLU G 125 58.62 -11.97 -7.79
CA GLU G 125 57.79 -12.95 -8.49
C GLU G 125 56.30 -12.60 -8.39
N THR G 126 55.86 -11.86 -7.34
CA THR G 126 54.44 -11.66 -7.05
C THR G 126 53.92 -10.27 -7.46
N SER G 127 54.80 -9.27 -7.61
CA SER G 127 54.37 -8.00 -8.16
C SER G 127 54.17 -8.13 -9.67
N TYR G 128 54.90 -9.08 -10.30
CA TYR G 128 54.73 -9.39 -11.71
C TYR G 128 53.46 -10.20 -11.89
N GLU G 129 53.18 -11.12 -10.95
CA GLU G 129 51.94 -11.87 -10.96
C GLU G 129 50.75 -10.91 -10.80
N LEU G 130 50.87 -9.98 -9.84
CA LEU G 130 49.80 -9.06 -9.53
C LEU G 130 49.49 -8.14 -10.71
N VAL G 131 50.51 -7.72 -11.47
CA VAL G 131 50.31 -6.87 -12.63
C VAL G 131 49.64 -7.69 -13.74
N LEU G 132 50.03 -8.96 -13.87
CA LEU G 132 49.42 -9.87 -14.84
C LEU G 132 47.91 -9.98 -14.57
N GLU G 133 47.53 -10.02 -13.29
CA GLU G 133 46.16 -10.33 -12.93
C GLU G 133 45.29 -9.06 -12.96
N TYR G 134 45.83 -7.91 -12.56
CA TYR G 134 45.12 -6.66 -12.77
C TYR G 134 44.78 -6.48 -14.25
N ALA G 135 45.62 -7.03 -15.13
CA ALA G 135 45.33 -6.98 -16.57
C ALA G 135 44.10 -7.82 -16.89
N ARG G 136 44.14 -9.13 -16.62
CA ARG G 136 43.06 -10.04 -16.97
C ARG G 136 41.72 -9.50 -16.47
N GLU G 137 41.65 -9.10 -15.18
CA GLU G 137 40.41 -8.65 -14.56
C GLU G 137 39.89 -7.36 -15.20
N TYR G 138 40.79 -6.45 -15.62
CA TYR G 138 40.40 -5.26 -16.37
C TYR G 138 39.79 -5.67 -17.71
N LYS G 139 40.49 -6.54 -18.46
CA LYS G 139 40.10 -6.96 -19.80
C LYS G 139 38.72 -7.65 -19.77
N LYS G 140 38.47 -8.45 -18.72
CA LYS G 140 37.16 -9.05 -18.49
C LYS G 140 36.16 -7.96 -18.17
N ARG G 141 36.48 -7.07 -17.22
CA ARG G 141 35.50 -6.10 -16.74
C ARG G 141 35.04 -5.20 -17.88
N GLU G 142 35.89 -5.01 -18.91
CA GLU G 142 35.46 -4.27 -20.10
C GLU G 142 34.81 -5.22 -21.12
N GLY G 143 34.78 -6.52 -20.82
CA GLY G 143 33.92 -7.44 -21.52
C GLY G 143 34.49 -7.87 -22.88
N LYS G 144 35.80 -8.09 -22.93
CA LYS G 144 36.43 -8.61 -24.14
C LYS G 144 36.31 -10.12 -24.15
N SER G 145 36.39 -10.71 -25.36
CA SER G 145 36.30 -12.16 -25.55
C SER G 145 37.60 -12.82 -25.10
N GLU G 146 37.59 -14.15 -25.01
CA GLU G 146 38.65 -14.92 -24.40
C GLU G 146 39.89 -14.93 -25.31
N GLU G 147 39.68 -14.84 -26.64
CA GLU G 147 40.77 -14.72 -27.62
C GLU G 147 41.47 -13.38 -27.48
N GLN G 148 40.67 -12.31 -27.43
CA GLN G 148 41.20 -10.94 -27.43
C GLN G 148 42.02 -10.68 -26.18
N ILE G 149 41.65 -11.30 -25.04
CA ILE G 149 42.41 -11.19 -23.81
C ILE G 149 43.82 -11.76 -24.02
N GLU G 150 43.88 -13.04 -24.42
CA GLU G 150 45.12 -13.80 -24.53
C GLU G 150 46.04 -13.22 -25.61
N GLN G 151 45.43 -12.63 -26.65
CA GLN G 151 46.16 -12.03 -27.75
C GLN G 151 46.83 -10.72 -27.30
N GLU G 152 46.17 -10.00 -26.40
CA GLU G 152 46.69 -8.78 -25.81
C GLU G 152 47.60 -9.08 -24.61
N MET G 153 47.42 -10.27 -24.02
CA MET G 153 48.18 -10.67 -22.84
C MET G 153 49.60 -11.07 -23.21
N GLU G 154 49.80 -11.71 -24.39
CA GLU G 154 51.13 -12.10 -24.82
C GLU G 154 51.97 -10.85 -25.05
N LYS G 155 51.33 -9.77 -25.57
CA LYS G 155 52.02 -8.52 -25.85
C LYS G 155 52.29 -7.76 -24.56
N PHE G 156 51.41 -7.92 -23.58
CA PHE G 156 51.60 -7.21 -22.29
C PHE G 156 52.61 -7.98 -21.47
N LYS G 157 52.69 -9.29 -21.71
CA LYS G 157 53.57 -10.15 -20.89
C LYS G 157 54.96 -9.55 -20.77
N GLN G 158 55.45 -8.86 -21.80
CA GLN G 158 56.87 -8.40 -21.76
C GLN G 158 56.97 -6.89 -21.57
N THR G 159 55.86 -6.20 -21.31
CA THR G 159 55.89 -4.71 -21.24
C THR G 159 56.15 -4.19 -19.82
N PRO G 160 55.89 -4.94 -18.73
CA PRO G 160 56.00 -4.39 -17.38
C PRO G 160 57.35 -4.57 -16.68
N MET G 161 58.44 -4.13 -17.33
CA MET G 161 59.77 -4.46 -16.86
C MET G 161 60.45 -3.24 -16.25
N LYS G 162 60.33 -2.08 -16.90
CA LYS G 162 60.89 -0.85 -16.33
C LYS G 162 60.20 -0.49 -15.02
N THR G 163 58.88 -0.74 -14.94
CA THR G 163 58.06 -0.30 -13.83
C THR G 163 58.34 -1.15 -12.60
N LEU G 164 58.39 -2.48 -12.81
CA LEU G 164 58.73 -3.44 -11.76
C LEU G 164 60.18 -3.27 -11.33
N LYS G 165 61.08 -2.91 -12.26
CA LYS G 165 62.49 -2.82 -11.94
C LYS G 165 62.73 -1.53 -11.17
N ALA G 166 61.97 -0.47 -11.48
CA ALA G 166 62.06 0.77 -10.72
C ALA G 166 61.47 0.59 -9.32
N LEU G 167 60.49 -0.32 -9.22
CA LEU G 167 59.87 -0.73 -7.97
C LEU G 167 60.88 -1.40 -7.04
N GLN G 168 61.69 -2.32 -7.59
CA GLN G 168 62.82 -2.93 -6.90
C GLN G 168 63.71 -1.87 -6.25
N GLU G 169 64.19 -0.91 -7.06
CA GLU G 169 65.13 0.09 -6.59
C GLU G 169 64.54 0.88 -5.43
N LEU G 170 63.24 1.22 -5.55
CA LEU G 170 62.55 1.99 -4.53
C LEU G 170 62.52 1.19 -3.22
N LYS G 171 62.17 -0.08 -3.34
CA LYS G 171 62.13 -0.98 -2.19
C LYS G 171 63.51 -1.02 -1.54
N ALA G 172 64.56 -1.11 -2.38
CA ALA G 172 65.93 -1.23 -1.90
C ALA G 172 66.41 0.09 -1.28
N ASP G 173 66.11 1.21 -1.95
CA ASP G 173 66.60 2.53 -1.56
C ASP G 173 65.94 3.02 -0.25
N VAL G 174 64.63 2.81 -0.13
CA VAL G 174 63.91 3.13 1.08
C VAL G 174 64.47 2.29 2.22
N ARG G 175 64.80 1.02 1.94
CA ARG G 175 65.32 0.13 2.97
C ARG G 175 66.64 0.69 3.52
N ASP G 176 67.54 1.16 2.65
CA ASP G 176 68.76 1.80 3.11
C ASP G 176 68.47 2.89 4.13
N HIS G 177 67.41 3.68 3.89
CA HIS G 177 67.21 4.94 4.60
C HIS G 177 66.35 4.79 5.86
N LEU G 178 66.11 3.55 6.34
CA LEU G 178 65.23 3.32 7.46
C LEU G 178 65.79 3.92 8.75
N ASP G 179 67.13 3.96 8.89
CA ASP G 179 67.78 4.50 10.08
C ASP G 179 67.66 6.03 10.14
N LEU G 180 67.21 6.67 9.05
CA LEU G 180 66.91 8.09 9.04
C LEU G 180 65.54 8.40 9.65
N ILE G 181 64.68 7.37 9.84
CA ILE G 181 63.33 7.54 10.36
C ILE G 181 63.39 7.61 11.89
N TYR G 182 62.82 8.69 12.45
CA TYR G 182 62.78 8.95 13.88
C TYR G 182 61.34 9.08 14.39
N ALA G 183 60.38 9.30 13.48
CA ALA G 183 59.00 9.57 13.87
C ALA G 183 58.36 8.28 14.35
N PRO G 184 57.36 8.32 15.27
CA PRO G 184 56.73 7.11 15.79
C PRO G 184 56.12 6.21 14.71
N THR G 185 56.44 4.91 14.77
CA THR G 185 56.10 4.01 13.67
C THR G 185 55.38 2.77 14.19
N PHE G 186 54.32 2.37 13.47
CA PHE G 186 53.54 1.19 13.77
C PHE G 186 53.65 0.26 12.57
N VAL G 187 54.42 -0.81 12.73
CA VAL G 187 54.53 -1.84 11.72
C VAL G 187 53.43 -2.86 11.98
N VAL G 188 52.56 -3.08 10.99
CA VAL G 188 51.60 -4.17 11.07
C VAL G 188 51.97 -5.15 9.96
N GLN G 189 51.74 -6.44 10.22
CA GLN G 189 52.06 -7.48 9.25
C GLN G 189 51.02 -8.62 9.35
N ALA G 190 50.63 -9.13 8.17
CA ALA G 190 49.88 -10.36 8.07
C ALA G 190 50.86 -11.55 8.11
N ARG G 191 50.65 -12.45 9.08
CA ARG G 191 51.49 -13.63 9.28
C ARG G 191 51.53 -14.50 8.02
N HIS G 192 50.34 -14.74 7.43
CA HIS G 192 50.18 -15.61 6.27
C HIS G 192 50.12 -14.75 5.01
N ASP G 193 51.23 -14.07 4.72
CA ASP G 193 51.35 -13.23 3.55
C ASP G 193 51.78 -14.12 2.38
N GLU G 194 50.97 -14.18 1.32
CA GLU G 194 51.33 -14.99 0.16
C GLU G 194 52.11 -14.15 -0.86
N MET G 195 52.30 -12.87 -0.53
CA MET G 195 52.74 -11.85 -1.47
C MET G 195 54.14 -11.34 -1.14
N ILE G 196 54.47 -11.14 0.16
CA ILE G 196 55.77 -10.63 0.58
C ILE G 196 56.46 -11.61 1.55
N ASN G 197 57.78 -11.41 1.74
CA ASN G 197 58.54 -12.03 2.83
C ASN G 197 58.15 -11.35 4.14
N PRO G 198 57.34 -12.03 4.98
CA PRO G 198 56.73 -11.35 6.12
C PRO G 198 57.72 -10.88 7.17
N ASP G 199 58.99 -11.28 7.05
CA ASP G 199 60.03 -10.82 7.96
C ASP G 199 60.41 -9.37 7.62
N SER G 200 60.02 -8.92 6.42
CA SER G 200 60.12 -7.51 6.06
C SER G 200 59.70 -6.64 7.26
N ALA G 201 58.78 -7.14 8.08
CA ALA G 201 58.21 -6.38 9.17
C ALA G 201 59.23 -6.22 10.28
N ASN G 202 59.99 -7.29 10.57
CA ASN G 202 61.02 -7.24 11.59
C ASN G 202 62.10 -6.23 11.18
N ILE G 203 62.63 -6.39 9.95
CA ILE G 203 63.62 -5.48 9.35
C ILE G 203 63.26 -4.03 9.68
N ILE G 204 62.09 -3.59 9.18
CA ILE G 204 61.64 -2.23 9.35
C ILE G 204 61.66 -1.90 10.83
N TYR G 205 61.14 -2.81 11.67
CA TYR G 205 60.94 -2.52 13.08
C TYR G 205 62.28 -2.42 13.82
N ASN G 206 63.27 -3.25 13.41
CA ASN G 206 64.59 -3.29 14.00
C ASN G 206 65.50 -2.15 13.48
N GLU G 207 65.44 -1.85 12.17
CA GLU G 207 66.41 -0.98 11.51
C GLU G 207 66.06 0.52 11.55
N ILE G 208 64.83 0.89 11.95
CA ILE G 208 64.50 2.30 12.12
C ILE G 208 65.08 2.77 13.45
N GLU G 209 65.03 4.08 13.70
CA GLU G 209 65.54 4.65 14.94
C GLU G 209 64.41 5.13 15.87
N SER G 210 63.15 5.13 15.40
CA SER G 210 62.07 5.72 16.17
C SER G 210 62.17 5.30 17.64
N PRO G 211 62.16 6.24 18.61
CA PRO G 211 61.98 5.88 20.02
C PRO G 211 60.65 5.17 20.32
N VAL G 212 59.53 5.77 19.91
CA VAL G 212 58.22 5.16 20.11
C VAL G 212 57.88 4.34 18.87
N LYS G 213 57.98 3.01 18.98
CA LYS G 213 57.61 2.13 17.88
C LYS G 213 56.98 0.86 18.44
N GLN G 214 56.13 0.21 17.64
CA GLN G 214 55.50 -1.04 18.03
C GLN G 214 55.17 -1.85 16.78
N ILE G 215 55.27 -3.17 16.90
CA ILE G 215 54.95 -4.06 15.75
C ILE G 215 53.81 -4.97 16.19
N LYS G 216 52.98 -5.40 15.24
CA LYS G 216 51.82 -6.28 15.55
C LYS G 216 51.63 -7.28 14.42
N TRP G 217 51.42 -8.55 14.78
CA TRP G 217 51.18 -9.59 13.76
C TRP G 217 49.70 -9.96 13.72
N TYR G 218 49.15 -10.18 12.53
CA TYR G 218 47.75 -10.54 12.36
C TYR G 218 47.67 -11.97 11.84
N GLU G 219 47.00 -12.82 12.61
CA GLU G 219 47.14 -14.26 12.46
C GLU G 219 46.22 -14.79 11.35
N GLN G 220 45.03 -14.18 11.17
CA GLN G 220 44.04 -14.70 10.23
C GLN G 220 43.96 -13.82 8.98
N SER G 221 45.03 -13.09 8.65
CA SER G 221 44.98 -12.14 7.54
C SER G 221 45.87 -12.63 6.40
N GLY G 222 45.56 -12.10 5.20
CA GLY G 222 46.43 -12.18 4.04
C GLY G 222 47.06 -10.82 3.76
N HIS G 223 47.78 -10.72 2.63
CA HIS G 223 48.53 -9.52 2.27
C HIS G 223 47.68 -8.26 2.48
N VAL G 224 46.48 -8.25 1.88
CA VAL G 224 45.64 -7.06 1.76
C VAL G 224 44.75 -6.93 3.00
N ILE G 225 45.41 -6.59 4.11
CA ILE G 225 44.90 -6.81 5.45
C ILE G 225 43.69 -5.92 5.73
N THR G 226 43.68 -4.73 5.11
CA THR G 226 42.62 -3.74 5.24
C THR G 226 41.23 -4.26 4.84
N LEU G 227 41.19 -5.27 3.94
CA LEU G 227 39.96 -5.80 3.38
C LEU G 227 39.55 -7.12 4.05
N ASP G 228 40.54 -7.87 4.54
CA ASP G 228 40.34 -9.23 5.01
C ASP G 228 39.58 -9.24 6.35
N GLN G 229 39.45 -10.44 6.93
CA GLN G 229 38.51 -10.73 8.00
C GLN G 229 38.89 -10.02 9.29
N GLU G 230 40.13 -9.53 9.38
CA GLU G 230 40.58 -8.84 10.58
C GLU G 230 40.59 -7.32 10.39
N LYS G 231 39.92 -6.78 9.37
CA LYS G 231 39.97 -5.34 9.13
C LYS G 231 39.63 -4.56 10.40
N ASP G 232 38.77 -5.12 11.25
CA ASP G 232 38.09 -4.39 12.32
C ASP G 232 39.03 -4.12 13.49
N GLN G 233 39.78 -5.16 13.92
CA GLN G 233 40.80 -5.09 14.96
C GLN G 233 41.92 -4.12 14.53
N LEU G 234 42.27 -4.17 13.24
CA LEU G 234 43.27 -3.30 12.65
C LEU G 234 42.91 -1.84 12.87
N HIS G 235 41.63 -1.51 12.63
CA HIS G 235 41.13 -0.15 12.78
C HIS G 235 41.41 0.37 14.20
N GLU G 236 41.01 -0.42 15.20
CA GLU G 236 41.16 -0.09 16.62
C GLU G 236 42.64 -0.01 17.00
N ASP G 237 43.47 -0.85 16.37
CA ASP G 237 44.91 -0.83 16.53
C ASP G 237 45.48 0.46 15.92
N ILE G 238 45.04 0.84 14.70
CA ILE G 238 45.47 2.13 14.15
C ILE G 238 44.89 3.27 14.99
N TYR G 239 43.71 3.09 15.58
CA TYR G 239 43.14 4.18 16.36
C TYR G 239 43.91 4.32 17.67
N ALA G 240 44.35 3.19 18.24
CA ALA G 240 45.02 3.20 19.52
C ALA G 240 46.41 3.83 19.37
N PHE G 241 47.11 3.50 18.27
CA PHE G 241 48.38 4.10 17.94
C PHE G 241 48.27 5.63 17.79
N LEU G 242 47.33 6.08 16.95
CA LEU G 242 47.13 7.49 16.64
C LEU G 242 46.78 8.29 17.90
N GLU G 243 46.00 7.69 18.81
CA GLU G 243 45.50 8.43 19.97
C GLU G 243 46.62 8.63 20.99
N SER G 244 47.72 7.89 20.84
CA SER G 244 48.86 7.94 21.74
C SER G 244 49.87 9.00 21.31
N LEU G 245 49.73 9.58 20.11
CA LEU G 245 50.66 10.58 19.61
C LEU G 245 50.38 11.94 20.27
N ASP G 246 51.25 12.93 20.01
CA ASP G 246 51.26 14.18 20.77
C ASP G 246 50.21 15.16 20.23
N TRP G 247 50.30 15.43 18.91
CA TRP G 247 49.41 16.37 18.25
C TRP G 247 49.55 17.74 18.95
N MET H 1 11.04 61.89 25.16
CA MET H 1 11.02 63.24 24.52
C MET H 1 11.97 63.20 23.32
N MET H 2 11.45 63.42 22.12
CA MET H 2 12.15 62.98 20.91
C MET H 2 11.45 63.48 19.64
N LYS H 3 12.15 64.36 18.90
CA LYS H 3 11.77 64.79 17.56
C LYS H 3 11.40 63.58 16.69
N ILE H 4 10.22 63.68 16.02
CA ILE H 4 9.72 62.63 15.15
C ILE H 4 10.04 62.95 13.67
N VAL H 5 10.44 61.91 12.93
CA VAL H 5 10.86 62.06 11.55
C VAL H 5 9.62 62.12 10.66
N PRO H 6 9.55 63.09 9.70
CA PRO H 6 8.40 63.21 8.80
C PRO H 6 8.58 62.23 7.64
N PRO H 7 7.50 61.53 7.22
CA PRO H 7 7.52 60.74 5.99
C PRO H 7 7.87 61.63 4.79
N LYS H 8 8.22 60.99 3.68
CA LYS H 8 8.64 61.74 2.52
C LYS H 8 7.88 61.25 1.28
N PRO H 9 7.75 62.08 0.22
CA PRO H 9 7.21 61.58 -1.04
C PRO H 9 8.08 60.47 -1.65
N PHE H 10 7.67 59.90 -2.78
CA PHE H 10 8.51 58.95 -3.50
C PHE H 10 8.25 59.08 -4.99
N PHE H 11 9.26 58.72 -5.80
CA PHE H 11 9.16 58.78 -7.25
C PHE H 11 9.88 57.57 -7.81
N PHE H 12 9.12 56.54 -8.19
CA PHE H 12 9.67 55.30 -8.71
C PHE H 12 9.69 55.36 -10.24
N GLU H 13 10.89 55.31 -10.85
CA GLU H 13 10.99 55.43 -12.30
C GLU H 13 10.93 54.04 -12.95
N ALA H 14 10.11 53.95 -14.00
CA ALA H 14 9.87 52.70 -14.71
C ALA H 14 9.66 53.02 -16.20
N GLY H 15 8.44 52.81 -16.72
CA GLY H 15 8.14 53.08 -18.11
C GLY H 15 7.55 54.47 -18.31
N GLU H 16 6.97 54.70 -19.50
CA GLU H 16 6.39 55.99 -19.85
C GLU H 16 5.02 56.16 -19.20
N ARG H 17 4.40 55.06 -18.75
CA ARG H 17 3.07 55.13 -18.14
C ARG H 17 3.20 55.59 -16.68
N ALA H 18 2.55 56.72 -16.36
CA ALA H 18 2.65 57.36 -15.06
C ALA H 18 1.37 57.19 -14.27
N VAL H 19 1.46 57.24 -12.93
CA VAL H 19 0.32 57.05 -12.05
C VAL H 19 0.50 57.87 -10.78
N LEU H 20 -0.25 58.95 -10.62
CA LEU H 20 -0.30 59.65 -9.35
C LEU H 20 -0.98 58.75 -8.32
N LEU H 21 -0.46 58.75 -7.08
CA LEU H 21 -0.93 57.89 -6.01
C LEU H 21 -1.09 58.73 -4.75
N LEU H 22 -2.33 58.77 -4.22
CA LEU H 22 -2.71 59.72 -3.18
C LEU H 22 -3.18 58.97 -1.94
N HIS H 23 -2.72 59.45 -0.79
CA HIS H 23 -2.91 58.78 0.48
C HIS H 23 -4.16 59.32 1.19
N GLY H 24 -4.39 58.84 2.42
CA GLY H 24 -5.60 59.12 3.17
C GLY H 24 -5.43 60.22 4.21
N PHE H 25 -6.55 60.65 4.80
CA PHE H 25 -6.53 61.69 5.81
C PHE H 25 -5.83 61.17 7.06
N THR H 26 -4.80 61.91 7.50
CA THR H 26 -3.89 61.59 8.61
C THR H 26 -2.82 60.58 8.22
N GLY H 27 -2.93 59.96 7.04
CA GLY H 27 -1.94 58.99 6.57
C GLY H 27 -0.76 59.69 5.88
N ASN H 28 -0.03 58.93 5.06
CA ASN H 28 1.06 59.45 4.26
C ASN H 28 1.33 58.45 3.13
N SER H 29 2.38 58.68 2.32
CA SER H 29 2.57 57.91 1.10
C SER H 29 2.93 56.45 1.39
N ALA H 30 3.14 56.11 2.67
CA ALA H 30 3.20 54.72 3.11
C ALA H 30 1.90 54.01 2.75
N ASP H 31 0.76 54.71 2.93
CA ASP H 31 -0.57 54.20 2.64
C ASP H 31 -0.62 53.60 1.22
N VAL H 32 0.18 54.12 0.29
CA VAL H 32 0.12 53.62 -1.08
C VAL H 32 1.49 53.14 -1.57
N ARG H 33 2.43 52.87 -0.65
CA ARG H 33 3.81 52.62 -1.05
C ARG H 33 3.96 51.21 -1.65
N MET H 34 3.31 50.23 -1.02
CA MET H 34 3.38 48.84 -1.49
C MET H 34 2.72 48.72 -2.86
N LEU H 35 1.55 49.38 -3.01
CA LEU H 35 0.90 49.60 -4.30
C LEU H 35 1.91 50.17 -5.29
N GLY H 36 2.66 51.20 -4.86
CA GLY H 36 3.67 51.85 -5.69
C GLY H 36 4.75 50.88 -6.17
N ARG H 37 5.21 49.99 -5.27
CA ARG H 37 6.25 49.02 -5.60
C ARG H 37 5.70 48.01 -6.62
N PHE H 38 4.48 47.52 -6.40
CA PHE H 38 3.89 46.58 -7.33
C PHE H 38 3.96 47.16 -8.74
N LEU H 39 3.56 48.44 -8.87
CA LEU H 39 3.33 49.05 -10.16
C LEU H 39 4.66 49.38 -10.82
N GLU H 40 5.62 49.83 -10.01
CA GLU H 40 6.98 49.97 -10.49
C GLU H 40 7.38 48.68 -11.20
N SER H 41 7.18 47.53 -10.52
CA SER H 41 7.68 46.25 -11.00
C SER H 41 6.98 45.80 -12.29
N LYS H 42 5.83 46.39 -12.64
CA LYS H 42 5.14 46.05 -13.88
C LYS H 42 5.42 47.09 -14.97
N GLY H 43 6.22 48.11 -14.67
CA GLY H 43 6.65 49.05 -15.71
C GLY H 43 5.98 50.41 -15.60
N TYR H 44 5.10 50.58 -14.61
CA TYR H 44 4.37 51.82 -14.39
C TYR H 44 5.12 52.68 -13.38
N THR H 45 5.52 53.88 -13.84
CA THR H 45 6.02 54.95 -13.00
C THR H 45 4.98 55.34 -11.96
N CYS H 46 5.44 55.84 -10.80
CA CYS H 46 4.58 56.26 -9.72
C CYS H 46 5.17 57.44 -8.97
N HIS H 47 4.30 58.34 -8.50
CA HIS H 47 4.69 59.45 -7.64
C HIS H 47 3.59 59.65 -6.60
N ALA H 48 4.01 59.93 -5.36
CA ALA H 48 3.09 60.00 -4.24
C ALA H 48 3.46 61.16 -3.34
N PRO H 49 2.80 62.35 -3.47
CA PRO H 49 3.08 63.49 -2.62
C PRO H 49 2.55 63.27 -1.21
N ILE H 50 2.95 64.15 -0.29
CA ILE H 50 2.37 64.15 1.04
C ILE H 50 1.60 65.45 1.24
N TYR H 51 0.48 65.31 1.93
CA TYR H 51 -0.43 66.41 2.17
C TYR H 51 0.22 67.32 3.21
N LYS H 52 0.19 68.63 2.94
CA LYS H 52 0.52 69.61 3.95
C LYS H 52 -0.25 69.25 5.22
N GLY H 53 0.44 69.23 6.37
CA GLY H 53 -0.16 68.96 7.68
C GLY H 53 0.01 67.51 8.12
N HIS H 54 0.47 66.66 7.19
CA HIS H 54 0.50 65.22 7.36
C HIS H 54 1.94 64.74 7.57
N GLY H 55 2.14 63.93 8.62
CA GLY H 55 3.44 63.37 8.95
C GLY H 55 4.18 64.20 10.00
N VAL H 56 3.51 65.29 10.43
CA VAL H 56 4.06 66.27 11.36
C VAL H 56 3.09 66.34 12.55
N PRO H 57 3.39 67.11 13.62
CA PRO H 57 2.63 66.97 14.87
C PRO H 57 1.18 67.37 14.63
N PRO H 58 0.25 66.98 15.53
CA PRO H 58 -1.18 67.12 15.26
C PRO H 58 -1.65 68.57 15.21
N GLU H 59 -0.98 69.43 15.99
CA GLU H 59 -1.33 70.84 16.08
C GLU H 59 -1.09 71.51 14.73
N GLU H 60 -0.08 71.04 13.98
CA GLU H 60 0.23 71.57 12.66
C GLU H 60 -0.84 71.12 11.66
N LEU H 61 -1.34 69.88 11.80
CA LEU H 61 -2.32 69.32 10.87
C LEU H 61 -3.60 70.15 10.88
N VAL H 62 -4.00 70.65 12.06
CA VAL H 62 -5.28 71.32 12.23
C VAL H 62 -5.17 72.83 11.98
N HIS H 63 -4.13 73.20 11.23
CA HIS H 63 -3.98 74.59 10.75
C HIS H 63 -3.95 74.42 9.23
N THR H 64 -4.20 73.20 8.77
CA THR H 64 -4.18 72.89 7.32
C THR H 64 -5.53 72.32 6.90
N GLY H 65 -5.82 72.33 5.60
CA GLY H 65 -7.13 71.86 5.15
C GLY H 65 -7.14 71.54 3.67
N PRO H 66 -8.26 71.06 3.12
CA PRO H 66 -8.33 70.66 1.72
C PRO H 66 -7.82 71.61 0.63
N ASP H 67 -7.85 72.93 0.90
CA ASP H 67 -7.26 73.93 0.01
C ASP H 67 -5.76 73.65 -0.20
N ASP H 68 -5.05 73.35 0.90
CA ASP H 68 -3.63 73.05 0.89
C ASP H 68 -3.36 71.68 0.27
N TRP H 69 -4.08 70.63 0.75
CA TRP H 69 -3.85 69.26 0.33
C TRP H 69 -4.08 69.15 -1.19
N TRP H 70 -5.08 69.89 -1.67
CA TRP H 70 -5.41 69.92 -3.08
C TRP H 70 -4.22 70.44 -3.91
N GLN H 71 -3.48 71.42 -3.35
CA GLN H 71 -2.32 71.99 -4.03
C GLN H 71 -1.18 70.96 -4.06
N ASP H 72 -1.04 70.21 -2.96
CA ASP H 72 -0.17 69.05 -2.93
C ASP H 72 -0.53 68.08 -4.07
N VAL H 73 -1.84 67.79 -4.22
CA VAL H 73 -2.33 66.87 -5.24
C VAL H 73 -2.04 67.42 -6.63
N MET H 74 -2.33 68.71 -6.82
CA MET H 74 -2.04 69.39 -8.07
C MET H 74 -0.53 69.33 -8.36
N ASN H 75 0.29 69.84 -7.42
CA ASN H 75 1.74 69.84 -7.57
C ASN H 75 2.25 68.41 -7.77
N GLY H 76 1.54 67.43 -7.20
CA GLY H 76 1.74 66.02 -7.53
C GLY H 76 1.61 65.78 -9.04
N TYR H 77 0.46 66.19 -9.60
CA TYR H 77 0.18 66.03 -11.01
C TYR H 77 1.21 66.81 -11.86
N GLU H 78 1.57 68.03 -11.40
CA GLU H 78 2.48 68.92 -12.11
C GLU H 78 3.88 68.31 -12.16
N PHE H 79 4.32 67.77 -11.01
CA PHE H 79 5.61 67.10 -10.86
C PHE H 79 5.76 66.04 -11.95
N LEU H 80 4.67 65.36 -12.31
CA LEU H 80 4.75 64.25 -13.25
C LEU H 80 4.74 64.73 -14.70
N LYS H 81 4.13 65.89 -14.95
CA LYS H 81 4.07 66.47 -16.30
C LYS H 81 5.40 67.14 -16.65
N ASN H 82 6.04 67.76 -15.66
CA ASN H 82 7.32 68.46 -15.84
C ASN H 82 8.42 67.49 -16.23
N LYS H 83 8.41 66.27 -15.67
CA LYS H 83 9.37 65.23 -16.03
C LYS H 83 9.07 64.69 -17.44
N GLY H 84 7.97 65.14 -18.04
CA GLY H 84 7.68 64.90 -19.45
C GLY H 84 6.83 63.66 -19.69
N TYR H 85 5.96 63.33 -18.72
CA TYR H 85 5.08 62.17 -18.85
C TYR H 85 3.77 62.65 -19.46
N GLU H 86 3.38 61.98 -20.56
CA GLU H 86 2.28 62.41 -21.41
C GLU H 86 0.95 62.17 -20.71
N LYS H 87 0.57 60.88 -20.57
CA LYS H 87 -0.72 60.47 -20.03
C LYS H 87 -0.52 59.87 -18.63
N ILE H 88 -1.32 60.35 -17.67
CA ILE H 88 -1.23 59.99 -16.26
C ILE H 88 -2.55 59.35 -15.80
N ALA H 89 -2.47 58.25 -15.04
CA ALA H 89 -3.61 57.76 -14.27
C ALA H 89 -3.48 58.17 -12.81
N VAL H 90 -4.53 57.94 -12.02
CA VAL H 90 -4.52 58.34 -10.62
C VAL H 90 -5.30 57.31 -9.82
N ALA H 91 -4.89 57.15 -8.56
CA ALA H 91 -5.39 56.14 -7.66
C ALA H 91 -5.18 56.67 -6.26
N GLY H 92 -6.16 56.50 -5.38
CA GLY H 92 -6.03 57.10 -4.07
C GLY H 92 -6.92 56.40 -3.06
N LEU H 93 -6.58 56.58 -1.79
CA LEU H 93 -7.20 55.86 -0.71
C LEU H 93 -8.00 56.88 0.11
N SER H 94 -9.27 56.56 0.43
CA SER H 94 -10.12 57.36 1.30
C SER H 94 -10.15 58.81 0.75
N LEU H 95 -9.85 59.81 1.59
CA LEU H 95 -9.76 61.19 1.15
C LEU H 95 -9.03 61.30 -0.20
N GLY H 96 -8.04 60.44 -0.43
CA GLY H 96 -7.23 60.52 -1.64
C GLY H 96 -8.02 60.05 -2.86
N GLY H 97 -8.97 59.14 -2.63
CA GLY H 97 -9.95 58.76 -3.63
C GLY H 97 -10.82 59.96 -4.06
N VAL H 98 -11.27 60.76 -3.09
CA VAL H 98 -12.02 61.97 -3.40
C VAL H 98 -11.19 62.83 -4.34
N PHE H 99 -9.95 63.15 -3.91
CA PHE H 99 -9.04 63.94 -4.74
C PHE H 99 -8.79 63.23 -6.07
N SER H 100 -8.78 61.90 -6.07
CA SER H 100 -8.64 61.17 -7.32
C SER H 100 -9.77 61.54 -8.28
N LEU H 101 -10.97 61.77 -7.73
CA LEU H 101 -12.14 62.08 -8.54
C LEU H 101 -12.14 63.55 -8.96
N LYS H 102 -11.87 64.46 -8.01
CA LYS H 102 -11.76 65.89 -8.31
C LYS H 102 -10.80 66.12 -9.45
N LEU H 103 -9.78 65.27 -9.53
CA LEU H 103 -8.76 65.38 -10.55
C LEU H 103 -9.34 64.98 -11.90
N GLY H 104 -10.41 64.17 -11.87
CA GLY H 104 -10.96 63.56 -13.06
C GLY H 104 -11.67 64.57 -13.95
N TYR H 105 -12.15 65.65 -13.32
CA TYR H 105 -12.84 66.72 -14.03
C TYR H 105 -12.12 68.07 -13.90
N THR H 106 -10.85 68.07 -13.45
CA THR H 106 -10.05 69.29 -13.41
C THR H 106 -8.95 69.27 -14.46
N VAL H 107 -8.41 68.09 -14.80
CA VAL H 107 -7.29 67.98 -15.71
C VAL H 107 -7.41 66.67 -16.50
N PRO H 108 -6.68 66.52 -17.62
CA PRO H 108 -6.67 65.25 -18.36
C PRO H 108 -6.15 64.12 -17.47
N ILE H 109 -6.88 63.00 -17.49
CA ILE H 109 -6.61 61.81 -16.70
C ILE H 109 -6.85 60.59 -17.60
N GLU H 110 -5.94 59.62 -17.55
CA GLU H 110 -6.05 58.40 -18.34
C GLU H 110 -7.04 57.43 -17.67
N GLY H 111 -7.02 57.39 -16.33
CA GLY H 111 -7.91 56.53 -15.57
C GLY H 111 -7.91 56.88 -14.08
N ILE H 112 -9.00 56.54 -13.39
CA ILE H 112 -9.14 56.82 -11.97
C ILE H 112 -9.32 55.50 -11.22
N VAL H 113 -8.61 55.32 -10.09
CA VAL H 113 -9.00 54.35 -9.09
C VAL H 113 -9.31 55.10 -7.80
N THR H 114 -10.49 54.85 -7.23
CA THR H 114 -10.86 55.40 -5.94
C THR H 114 -11.08 54.21 -5.00
N MET H 115 -10.35 54.22 -3.87
CA MET H 115 -10.36 53.11 -2.94
C MET H 115 -10.98 53.62 -1.65
N CYS H 116 -12.22 53.22 -1.40
CA CYS H 116 -12.88 53.46 -0.13
C CYS H 116 -13.09 54.96 0.11
N ALA H 117 -13.56 55.68 -0.91
CA ALA H 117 -13.85 57.11 -0.76
C ALA H 117 -15.17 57.35 -0.03
N PRO H 118 -15.24 58.26 0.98
CA PRO H 118 -16.50 58.61 1.65
C PRO H 118 -17.36 59.58 0.85
N MET H 119 -18.70 59.44 0.99
CA MET H 119 -19.65 60.30 0.27
C MET H 119 -20.82 60.68 1.16
N TYR H 120 -20.83 60.26 2.43
CA TYR H 120 -21.97 60.49 3.28
C TYR H 120 -21.48 60.87 4.68
N ILE H 121 -22.18 60.44 5.73
CA ILE H 121 -22.13 61.13 7.03
C ILE H 121 -21.25 60.36 8.03
N LYS H 122 -21.04 59.05 7.85
CA LYS H 122 -20.34 58.27 8.86
C LYS H 122 -18.92 58.81 8.99
N SER H 123 -18.32 59.12 7.83
CA SER H 123 -16.98 59.68 7.75
C SER H 123 -16.84 60.96 8.59
N GLU H 124 -17.94 61.69 8.84
CA GLU H 124 -17.86 62.88 9.67
C GLU H 124 -17.30 62.54 11.04
N GLU H 125 -17.98 61.63 11.77
CA GLU H 125 -17.66 61.37 13.17
C GLU H 125 -16.37 60.56 13.29
N THR H 126 -16.19 59.56 12.43
CA THR H 126 -15.01 58.70 12.47
C THR H 126 -13.74 59.52 12.21
N SER H 127 -13.84 60.55 11.36
CA SER H 127 -12.69 61.33 10.96
C SER H 127 -12.26 62.25 12.10
N TYR H 128 -13.20 62.57 13.01
CA TYR H 128 -12.85 63.19 14.27
C TYR H 128 -11.99 62.21 15.06
N GLU H 129 -12.48 60.96 15.16
CA GLU H 129 -11.87 59.93 15.97
C GLU H 129 -10.48 59.58 15.45
N LEU H 130 -10.36 59.54 14.11
CA LEU H 130 -9.09 59.29 13.44
C LEU H 130 -8.06 60.36 13.80
N VAL H 131 -8.46 61.63 13.69
CA VAL H 131 -7.62 62.76 14.06
C VAL H 131 -7.09 62.53 15.47
N LEU H 132 -7.99 62.29 16.44
CA LEU H 132 -7.64 62.05 17.84
C LEU H 132 -6.65 60.90 17.98
N GLU H 133 -6.78 59.85 17.15
CA GLU H 133 -5.91 58.68 17.20
C GLU H 133 -4.48 59.07 16.81
N TYR H 134 -4.33 59.75 15.66
CA TYR H 134 -3.04 60.22 15.18
C TYR H 134 -2.33 61.05 16.25
N ALA H 135 -3.10 61.91 16.92
CA ALA H 135 -2.63 62.72 18.03
C ALA H 135 -1.98 61.83 19.09
N ARG H 136 -2.77 61.03 19.82
CA ARG H 136 -2.24 60.19 20.90
C ARG H 136 -0.97 59.45 20.45
N GLU H 137 -1.02 58.79 19.29
CA GLU H 137 0.06 57.92 18.80
C GLU H 137 1.32 58.72 18.46
N TYR H 138 1.15 59.97 17.97
CA TYR H 138 2.26 60.88 17.82
C TYR H 138 2.90 61.15 19.17
N LYS H 139 2.11 61.65 20.14
CA LYS H 139 2.59 62.00 21.48
C LYS H 139 3.31 60.82 22.14
N LYS H 140 2.85 59.59 21.88
CA LYS H 140 3.46 58.41 22.48
C LYS H 140 4.80 58.11 21.82
N ARG H 141 4.86 58.23 20.48
CA ARG H 141 6.08 57.97 19.71
C ARG H 141 7.16 58.99 20.08
N GLU H 142 6.76 60.21 20.50
CA GLU H 142 7.72 61.21 20.96
C GLU H 142 7.90 61.08 22.47
N GLY H 143 7.90 59.83 22.95
CA GLY H 143 8.30 59.46 24.30
C GLY H 143 7.72 60.34 25.41
N LYS H 144 6.42 60.60 25.37
CA LYS H 144 5.78 61.35 26.45
C LYS H 144 5.07 60.38 27.39
N SER H 145 4.80 60.82 28.63
CA SER H 145 4.15 60.02 29.66
C SER H 145 2.63 60.07 29.49
N GLU H 146 1.88 59.49 30.44
CA GLU H 146 0.42 59.52 30.39
C GLU H 146 -0.08 60.95 30.58
N GLU H 147 0.33 61.59 31.67
CA GLU H 147 -0.19 62.89 32.08
C GLU H 147 0.26 63.98 31.12
N GLN H 148 1.45 63.79 30.54
CA GLN H 148 1.94 64.63 29.46
C GLN H 148 0.91 64.65 28.31
N ILE H 149 0.49 63.45 27.88
CA ILE H 149 -0.39 63.29 26.72
C ILE H 149 -1.79 63.81 27.05
N GLU H 150 -2.36 63.36 28.18
CA GLU H 150 -3.73 63.64 28.58
C GLU H 150 -4.02 65.14 28.70
N GLN H 151 -2.97 65.95 28.92
CA GLN H 151 -3.10 67.39 29.09
C GLN H 151 -2.84 68.14 27.77
N GLU H 152 -2.09 67.52 26.84
CA GLU H 152 -1.97 68.03 25.48
C GLU H 152 -3.21 67.69 24.66
N MET H 153 -3.85 66.53 24.95
CA MET H 153 -5.03 66.06 24.25
C MET H 153 -6.25 66.87 24.66
N GLU H 154 -6.32 67.28 25.93
CA GLU H 154 -7.39 68.13 26.42
C GLU H 154 -7.42 69.45 25.66
N LYS H 155 -6.24 70.04 25.42
CA LYS H 155 -6.12 71.24 24.61
C LYS H 155 -6.46 70.95 23.14
N PHE H 156 -6.21 69.73 22.68
CA PHE H 156 -6.40 69.45 21.22
C PHE H 156 -7.83 68.96 20.96
N LYS H 157 -8.59 68.68 22.01
CA LYS H 157 -9.95 68.12 21.81
C LYS H 157 -10.78 69.10 21.00
N GLN H 158 -10.66 70.40 21.27
CA GLN H 158 -11.54 71.39 20.57
C GLN H 158 -10.76 72.11 19.48
N THR H 159 -9.55 71.65 19.17
CA THR H 159 -8.77 72.27 18.08
C THR H 159 -9.19 71.75 16.71
N PRO H 160 -9.63 70.48 16.53
CA PRO H 160 -9.92 69.95 15.20
C PRO H 160 -11.38 70.05 14.76
N MET H 161 -11.80 71.21 14.27
CA MET H 161 -13.19 71.34 13.75
C MET H 161 -13.10 72.12 12.43
N LYS H 162 -12.38 73.24 12.46
CA LYS H 162 -12.23 74.04 11.26
C LYS H 162 -11.80 73.17 10.08
N THR H 163 -10.98 72.14 10.31
CA THR H 163 -10.46 71.33 9.20
C THR H 163 -11.39 70.15 8.89
N LEU H 164 -12.19 69.70 9.87
CA LEU H 164 -13.15 68.62 9.65
C LEU H 164 -14.34 69.14 8.84
N LYS H 165 -14.73 70.40 9.06
CA LYS H 165 -15.83 70.98 8.29
C LYS H 165 -15.44 71.05 6.81
N ALA H 166 -14.25 71.59 6.51
CA ALA H 166 -13.83 71.82 5.14
C ALA H 166 -13.60 70.49 4.42
N LEU H 167 -13.32 69.44 5.21
CA LEU H 167 -13.20 68.09 4.70
C LEU H 167 -14.58 67.61 4.23
N GLN H 168 -15.62 67.87 5.04
CA GLN H 168 -17.01 67.58 4.69
C GLN H 168 -17.45 68.38 3.45
N GLU H 169 -17.13 69.68 3.43
CA GLU H 169 -17.45 70.55 2.31
C GLU H 169 -16.77 70.05 1.03
N LEU H 170 -15.64 69.35 1.17
CA LEU H 170 -14.95 68.79 0.02
C LEU H 170 -15.63 67.51 -0.45
N LYS H 171 -16.07 66.70 0.52
CA LYS H 171 -16.90 65.52 0.29
C LYS H 171 -18.11 65.90 -0.58
N ALA H 172 -19.02 66.69 0.03
CA ALA H 172 -20.25 67.21 -0.57
C ALA H 172 -20.00 67.82 -1.95
N ASP H 173 -18.98 68.70 -2.04
CA ASP H 173 -18.63 69.43 -3.26
C ASP H 173 -18.21 68.48 -4.38
N VAL H 174 -17.49 67.40 -4.07
CA VAL H 174 -17.02 66.52 -5.12
C VAL H 174 -18.17 65.62 -5.57
N ARG H 175 -19.08 65.30 -4.64
CA ARG H 175 -20.25 64.54 -5.01
C ARG H 175 -21.06 65.28 -6.08
N ASP H 176 -21.33 66.58 -5.83
CA ASP H 176 -22.05 67.48 -6.72
C ASP H 176 -21.47 67.53 -8.13
N HIS H 177 -20.21 67.10 -8.32
CA HIS H 177 -19.52 67.29 -9.60
C HIS H 177 -19.23 65.93 -10.23
N LEU H 178 -19.81 64.85 -9.70
CA LEU H 178 -19.49 63.51 -10.15
C LEU H 178 -19.84 63.30 -11.62
N ASP H 179 -20.83 64.06 -12.12
CA ASP H 179 -21.45 63.78 -13.41
C ASP H 179 -20.62 64.43 -14.53
N LEU H 180 -19.50 65.06 -14.15
CA LEU H 180 -18.57 65.71 -15.07
C LEU H 180 -17.39 64.79 -15.40
N ILE H 181 -17.27 63.69 -14.65
CA ILE H 181 -16.18 62.74 -14.84
C ILE H 181 -16.56 61.79 -15.97
N TYR H 182 -15.74 61.77 -17.03
CA TYR H 182 -15.95 60.91 -18.18
C TYR H 182 -14.86 59.84 -18.26
N ALA H 183 -13.71 60.08 -17.59
CA ALA H 183 -12.53 59.25 -17.72
C ALA H 183 -12.74 57.89 -17.04
N PRO H 184 -12.18 56.80 -17.61
CA PRO H 184 -12.35 55.46 -17.06
C PRO H 184 -12.06 55.39 -15.56
N THR H 185 -13.01 54.86 -14.79
CA THR H 185 -12.97 54.89 -13.34
C THR H 185 -13.15 53.47 -12.81
N PHE H 186 -12.49 53.17 -11.68
CA PHE H 186 -12.63 51.89 -11.00
C PHE H 186 -12.83 52.15 -9.52
N VAL H 187 -14.05 51.86 -9.06
CA VAL H 187 -14.45 52.03 -7.68
C VAL H 187 -14.06 50.78 -6.89
N VAL H 188 -13.09 50.93 -5.98
CA VAL H 188 -12.68 49.87 -5.07
C VAL H 188 -13.34 50.17 -3.73
N GLN H 189 -13.80 49.15 -3.01
CA GLN H 189 -14.45 49.40 -1.73
C GLN H 189 -14.52 48.13 -0.89
N ALA H 190 -14.28 48.33 0.41
CA ALA H 190 -14.23 47.24 1.37
C ALA H 190 -15.60 47.08 2.01
N ARG H 191 -16.13 45.85 2.03
CA ARG H 191 -17.48 45.62 2.52
C ARG H 191 -17.58 46.03 3.99
N HIS H 192 -16.60 45.63 4.79
CA HIS H 192 -16.61 45.85 6.24
C HIS H 192 -15.80 47.10 6.55
N ASP H 193 -16.32 48.24 6.08
CA ASP H 193 -15.69 49.54 6.26
C ASP H 193 -16.32 50.20 7.47
N GLU H 194 -15.49 50.51 8.48
CA GLU H 194 -15.94 51.05 9.76
C GLU H 194 -15.70 52.55 9.80
N MET H 195 -15.14 53.12 8.72
CA MET H 195 -14.74 54.52 8.68
C MET H 195 -15.73 55.36 7.86
N ILE H 196 -16.18 54.86 6.69
CA ILE H 196 -17.17 55.51 5.84
C ILE H 196 -18.43 54.65 5.75
N ASN H 197 -19.48 55.21 5.10
CA ASN H 197 -20.66 54.44 4.69
C ASN H 197 -20.36 53.71 3.39
N PRO H 198 -20.27 52.38 3.35
CA PRO H 198 -19.70 51.71 2.17
C PRO H 198 -20.42 52.01 0.85
N ASP H 199 -21.75 52.25 0.96
CA ASP H 199 -22.64 52.52 -0.18
C ASP H 199 -22.12 53.70 -1.01
N SER H 200 -21.36 54.60 -0.36
CA SER H 200 -20.61 55.63 -1.03
C SER H 200 -20.02 55.16 -2.36
N ALA H 201 -19.58 53.91 -2.43
CA ALA H 201 -18.98 53.40 -3.65
C ALA H 201 -20.03 53.25 -4.75
N ASN H 202 -21.28 52.89 -4.39
CA ASN H 202 -22.34 52.78 -5.39
C ASN H 202 -22.60 54.14 -6.07
N ILE H 203 -22.60 55.19 -5.23
CA ILE H 203 -22.77 56.57 -5.66
C ILE H 203 -21.76 56.90 -6.76
N ILE H 204 -20.46 56.64 -6.50
CA ILE H 204 -19.42 56.95 -7.47
C ILE H 204 -19.83 56.26 -8.77
N TYR H 205 -20.08 54.95 -8.68
CA TYR H 205 -20.31 54.14 -9.85
C TYR H 205 -21.50 54.65 -10.66
N ASN H 206 -22.55 55.12 -9.95
CA ASN H 206 -23.85 55.40 -10.55
C ASN H 206 -23.91 56.81 -11.15
N GLU H 207 -23.21 57.76 -10.53
CA GLU H 207 -23.39 59.17 -10.80
C GLU H 207 -22.28 59.74 -11.68
N ILE H 208 -21.19 58.99 -11.85
CA ILE H 208 -20.17 59.37 -12.83
C ILE H 208 -20.77 59.10 -14.20
N GLU H 209 -20.29 59.84 -15.21
CA GLU H 209 -20.82 59.73 -16.55
C GLU H 209 -19.88 58.88 -17.42
N SER H 210 -19.00 58.10 -16.80
CA SER H 210 -17.92 57.45 -17.54
C SER H 210 -18.47 56.28 -18.36
N PRO H 211 -18.27 56.26 -19.70
CA PRO H 211 -18.50 55.06 -20.51
C PRO H 211 -17.88 53.77 -19.96
N VAL H 212 -16.58 53.81 -19.66
CA VAL H 212 -15.88 52.65 -19.10
C VAL H 212 -15.85 52.76 -17.57
N LYS H 213 -16.52 51.82 -16.88
CA LYS H 213 -16.58 51.84 -15.42
C LYS H 213 -16.64 50.40 -14.91
N GLN H 214 -16.53 50.24 -13.58
CA GLN H 214 -16.24 48.95 -12.97
C GLN H 214 -16.27 49.11 -11.46
N ILE H 215 -16.76 48.08 -10.75
CA ILE H 215 -16.82 48.13 -9.29
C ILE H 215 -16.53 46.75 -8.71
N LYS H 216 -15.76 46.73 -7.62
CA LYS H 216 -15.33 45.53 -6.92
C LYS H 216 -15.47 45.75 -5.41
N TRP H 217 -16.24 44.87 -4.77
CA TRP H 217 -16.27 44.80 -3.32
C TRP H 217 -15.16 43.86 -2.85
N TYR H 218 -14.59 44.16 -1.67
CA TYR H 218 -13.65 43.26 -1.01
C TYR H 218 -14.21 42.88 0.36
N GLU H 219 -14.40 41.56 0.56
CA GLU H 219 -15.23 41.01 1.63
C GLU H 219 -14.42 40.82 2.92
N GLN H 220 -13.10 40.68 2.75
CA GLN H 220 -12.18 40.38 3.84
C GLN H 220 -11.21 41.54 4.04
N SER H 221 -11.66 42.77 3.77
CA SER H 221 -10.82 43.97 3.86
C SER H 221 -11.54 45.06 4.64
N GLY H 222 -10.77 45.77 5.47
CA GLY H 222 -11.26 46.92 6.22
C GLY H 222 -10.97 48.23 5.48
N HIS H 223 -11.29 49.36 6.13
CA HIS H 223 -11.22 50.67 5.48
C HIS H 223 -9.91 50.85 4.72
N VAL H 224 -8.77 50.53 5.35
CA VAL H 224 -7.44 50.88 4.85
C VAL H 224 -6.96 49.75 3.92
N ILE H 225 -7.57 49.69 2.74
CA ILE H 225 -7.64 48.47 1.97
C ILE H 225 -6.26 48.12 1.40
N THR H 226 -5.37 49.11 1.27
CA THR H 226 -4.05 48.87 0.68
C THR H 226 -3.11 48.19 1.67
N LEU H 227 -3.38 48.30 2.98
CA LEU H 227 -2.55 47.69 4.02
C LEU H 227 -3.21 46.42 4.57
N ASP H 228 -4.41 46.05 4.14
CA ASP H 228 -5.06 44.88 4.71
C ASP H 228 -4.70 43.65 3.87
N GLN H 229 -5.39 42.52 4.12
CA GLN H 229 -4.93 41.20 3.73
C GLN H 229 -5.19 40.87 2.25
N GLU H 230 -5.95 41.73 1.55
CA GLU H 230 -6.26 41.45 0.16
C GLU H 230 -5.52 42.42 -0.76
N LYS H 231 -4.38 42.95 -0.30
CA LYS H 231 -3.61 43.92 -1.07
C LYS H 231 -2.98 43.24 -2.29
N ASP H 232 -2.78 41.91 -2.22
CA ASP H 232 -2.18 41.16 -3.32
C ASP H 232 -3.15 41.14 -4.49
N GLN H 233 -4.40 40.77 -4.21
CA GLN H 233 -5.48 40.85 -5.18
C GLN H 233 -5.56 42.28 -5.71
N LEU H 234 -5.85 43.21 -4.80
CA LEU H 234 -6.07 44.61 -5.09
C LEU H 234 -5.09 45.13 -6.14
N HIS H 235 -3.81 44.78 -5.97
CA HIS H 235 -2.76 45.17 -6.88
C HIS H 235 -3.02 44.59 -8.27
N GLU H 236 -3.38 43.29 -8.31
CA GLU H 236 -3.62 42.59 -9.57
C GLU H 236 -4.79 43.26 -10.29
N ASP H 237 -5.88 43.42 -9.54
CA ASP H 237 -7.09 44.08 -10.00
C ASP H 237 -6.74 45.44 -10.62
N ILE H 238 -5.89 46.22 -9.92
CA ILE H 238 -5.55 47.58 -10.35
C ILE H 238 -4.64 47.54 -11.56
N TYR H 239 -3.77 46.52 -11.66
CA TYR H 239 -2.89 46.37 -12.81
C TYR H 239 -3.73 45.99 -14.03
N ALA H 240 -4.71 45.09 -13.82
CA ALA H 240 -5.65 44.66 -14.84
C ALA H 240 -6.46 45.85 -15.37
N PHE H 241 -6.93 46.72 -14.46
CA PHE H 241 -7.66 47.93 -14.84
C PHE H 241 -6.82 48.90 -15.68
N LEU H 242 -5.53 49.05 -15.36
CA LEU H 242 -4.66 49.99 -16.08
C LEU H 242 -4.34 49.45 -17.48
N GLU H 243 -3.92 48.18 -17.55
CA GLU H 243 -3.64 47.49 -18.81
C GLU H 243 -4.81 47.59 -19.78
N SER H 244 -6.05 47.63 -19.25
CA SER H 244 -7.24 47.65 -20.07
C SER H 244 -7.35 48.93 -20.90
N LEU H 245 -6.86 50.06 -20.35
CA LEU H 245 -7.03 51.37 -20.97
C LEU H 245 -6.23 51.46 -22.28
N ASP H 246 -6.38 52.59 -22.98
CA ASP H 246 -5.75 52.80 -24.28
C ASP H 246 -4.24 53.06 -24.09
N TRP H 247 -3.92 54.22 -23.49
CA TRP H 247 -2.56 54.66 -23.20
C TRP H 247 -1.87 55.25 -24.44
N LEU H 248 -1.99 54.56 -25.61
CA LEU H 248 -1.23 54.96 -26.78
C LEU H 248 -1.63 56.39 -27.19
N MET I 1 56.87 65.90 12.86
CA MET I 1 56.85 65.92 14.35
C MET I 1 56.70 64.49 14.86
N MET I 2 55.62 63.81 14.43
CA MET I 2 55.41 62.40 14.74
C MET I 2 54.30 61.86 13.84
N LYS I 3 54.66 60.92 12.96
CA LYS I 3 53.70 60.25 12.07
C LYS I 3 52.70 59.49 12.95
N ILE I 4 51.49 59.24 12.39
CA ILE I 4 50.42 58.52 13.05
C ILE I 4 50.29 57.13 12.41
N VAL I 5 50.30 56.09 13.25
CA VAL I 5 50.18 54.72 12.80
C VAL I 5 48.70 54.45 12.50
N PRO I 6 48.34 54.11 11.23
CA PRO I 6 46.95 53.79 10.88
C PRO I 6 46.49 52.46 11.47
N PRO I 7 45.24 52.35 11.98
CA PRO I 7 44.70 51.05 12.38
C PRO I 7 44.58 50.14 11.16
N LYS I 8 44.25 48.86 11.40
CA LYS I 8 44.17 47.88 10.32
C LYS I 8 42.79 47.21 10.35
N PRO I 9 42.34 46.60 9.23
CA PRO I 9 41.24 45.63 9.27
C PRO I 9 41.60 44.44 10.14
N PHE I 10 40.60 43.71 10.64
CA PHE I 10 40.84 42.54 11.47
C PHE I 10 39.98 41.36 11.01
N PHE I 11 40.49 40.14 11.25
CA PHE I 11 39.84 38.90 10.86
C PHE I 11 39.98 37.87 11.98
N PHE I 12 38.86 37.31 12.44
CA PHE I 12 38.82 36.47 13.64
C PHE I 12 38.20 35.10 13.34
N GLU I 13 39.01 34.10 12.94
CA GLU I 13 38.49 32.78 12.59
C GLU I 13 37.88 32.10 13.82
N ALA I 14 36.65 31.62 13.63
CA ALA I 14 36.07 30.56 14.45
C ALA I 14 35.14 29.72 13.55
N GLY I 15 35.49 29.62 12.26
CA GLY I 15 34.73 28.87 11.27
C GLY I 15 33.23 29.17 11.25
N GLU I 16 32.48 28.25 10.61
CA GLU I 16 31.02 28.11 10.64
C GLU I 16 30.28 29.39 10.23
N ARG I 17 29.50 29.98 11.14
CA ARG I 17 28.65 31.14 10.84
C ARG I 17 29.49 32.43 10.98
N ALA I 18 29.31 33.36 10.03
CA ALA I 18 30.12 34.58 9.95
C ALA I 18 29.32 35.83 10.31
N VAL I 19 30.04 36.96 10.43
CA VAL I 19 29.48 38.29 10.63
C VAL I 19 30.44 39.29 9.98
N LEU I 20 29.92 40.21 9.17
CA LEU I 20 30.70 41.33 8.66
C LEU I 20 30.46 42.53 9.59
N LEU I 21 31.52 43.30 9.91
CA LEU I 21 31.46 44.32 10.95
C LEU I 21 31.95 45.68 10.44
N LEU I 22 31.00 46.64 10.43
CA LEU I 22 31.16 47.92 9.75
C LEU I 22 31.12 49.04 10.79
N HIS I 23 32.02 50.02 10.64
CA HIS I 23 32.26 51.02 11.66
C HIS I 23 31.58 52.32 11.27
N GLY I 24 31.57 53.26 12.24
CA GLY I 24 30.96 54.58 12.09
C GLY I 24 31.88 55.56 11.37
N PHE I 25 31.33 56.75 11.09
CA PHE I 25 32.01 57.76 10.30
C PHE I 25 33.13 58.40 11.13
N THR I 26 34.29 58.62 10.48
CA THR I 26 35.53 59.12 11.08
C THR I 26 36.16 58.12 12.04
N GLY I 27 35.52 56.96 12.26
CA GLY I 27 36.03 55.94 13.15
C GLY I 27 36.75 54.85 12.35
N ASN I 28 37.00 53.71 13.01
CA ASN I 28 37.82 52.63 12.45
C ASN I 28 37.37 51.31 13.09
N SER I 29 38.06 50.22 12.76
CA SER I 29 37.76 48.88 13.26
C SER I 29 37.77 48.78 14.80
N ALA I 30 38.38 49.74 15.50
CA ALA I 30 38.29 49.81 16.95
C ALA I 30 36.82 49.80 17.41
N ASP I 31 35.97 50.45 16.60
CA ASP I 31 34.57 50.68 16.92
C ASP I 31 33.82 49.37 17.16
N VAL I 32 34.29 48.25 16.57
CA VAL I 32 33.52 47.01 16.55
C VAL I 32 34.31 45.82 17.10
N ARG I 33 35.54 46.06 17.57
CA ARG I 33 36.52 45.01 17.80
C ARG I 33 36.21 44.27 19.09
N MET I 34 35.75 44.99 20.12
CA MET I 34 35.32 44.38 21.37
C MET I 34 34.11 43.46 21.14
N LEU I 35 33.20 43.86 20.24
CA LEU I 35 32.09 43.02 19.79
C LEU I 35 32.59 41.84 18.97
N GLY I 36 33.51 42.12 18.03
CA GLY I 36 34.22 41.07 17.29
C GLY I 36 34.80 39.95 18.17
N ARG I 37 35.35 40.30 19.34
CA ARG I 37 36.03 39.35 20.21
C ARG I 37 35.03 38.49 21.00
N PHE I 38 33.85 39.07 21.28
CA PHE I 38 32.78 38.35 21.95
C PHE I 38 32.15 37.33 21.00
N LEU I 39 31.94 37.73 19.74
CA LEU I 39 31.38 36.85 18.72
C LEU I 39 32.36 35.72 18.37
N GLU I 40 33.66 36.01 18.42
CA GLU I 40 34.70 35.00 18.22
C GLU I 40 34.66 33.95 19.32
N SER I 41 34.46 34.39 20.58
CA SER I 41 34.44 33.47 21.71
C SER I 41 33.08 32.79 21.89
N LYS I 42 32.10 33.13 21.03
CA LYS I 42 30.82 32.42 21.00
C LYS I 42 30.71 31.55 19.74
N GLY I 43 31.70 31.59 18.84
CA GLY I 43 31.80 30.64 17.74
C GLY I 43 31.82 31.32 16.37
N TYR I 44 31.47 32.61 16.32
CA TYR I 44 31.29 33.31 15.04
C TYR I 44 32.63 33.89 14.56
N THR I 45 33.04 33.45 13.36
CA THR I 45 33.96 34.19 12.50
C THR I 45 33.46 35.63 12.37
N CYS I 46 34.40 36.60 12.30
CA CYS I 46 34.09 38.02 12.16
C CYS I 46 35.15 38.69 11.25
N HIS I 47 34.73 39.70 10.47
CA HIS I 47 35.64 40.58 9.76
C HIS I 47 35.13 42.01 9.94
N ALA I 48 36.05 42.97 9.98
CA ALA I 48 35.70 44.36 10.16
C ALA I 48 36.67 45.23 9.39
N PRO I 49 36.38 45.61 8.12
CA PRO I 49 37.30 46.44 7.34
C PRO I 49 37.25 47.91 7.76
N ILE I 50 38.13 48.72 7.16
CA ILE I 50 38.17 50.15 7.41
C ILE I 50 38.02 50.89 6.08
N TYR I 51 37.11 51.89 6.07
CA TYR I 51 36.74 52.60 4.86
C TYR I 51 37.89 53.49 4.42
N LYS I 52 38.06 53.67 3.11
CA LYS I 52 39.13 54.50 2.58
C LYS I 52 39.10 55.86 3.26
N GLY I 53 40.30 56.40 3.52
CA GLY I 53 40.47 57.73 4.10
C GLY I 53 40.17 57.80 5.60
N HIS I 54 39.77 56.68 6.21
CA HIS I 54 39.57 56.64 7.66
C HIS I 54 40.85 56.21 8.35
N GLY I 55 41.04 56.71 9.59
CA GLY I 55 42.19 56.43 10.43
C GLY I 55 43.50 57.02 9.89
N VAL I 56 43.38 58.07 9.07
CA VAL I 56 44.52 58.72 8.42
C VAL I 56 44.30 60.23 8.54
N PRO I 57 45.15 61.11 7.93
CA PRO I 57 44.97 62.56 8.04
C PRO I 57 43.59 63.07 7.61
N PRO I 58 43.05 64.14 8.25
CA PRO I 58 41.74 64.67 7.87
C PRO I 58 41.66 65.18 6.43
N GLU I 59 42.80 65.59 5.86
CA GLU I 59 42.85 66.02 4.46
C GLU I 59 42.81 64.81 3.51
N GLU I 60 43.16 63.62 4.00
CA GLU I 60 43.03 62.40 3.21
C GLU I 60 41.57 61.95 3.22
N LEU I 61 40.84 62.27 4.31
CA LEU I 61 39.49 61.79 4.56
C LEU I 61 38.47 62.44 3.62
N VAL I 62 38.61 63.76 3.47
CA VAL I 62 37.64 64.59 2.78
C VAL I 62 37.83 64.53 1.27
N HIS I 63 38.90 63.87 0.79
CA HIS I 63 39.08 63.58 -0.62
C HIS I 63 38.49 62.21 -0.95
N THR I 64 37.48 61.79 -0.18
CA THR I 64 36.83 60.51 -0.39
C THR I 64 35.38 60.58 0.12
N GLY I 65 34.56 59.61 -0.30
CA GLY I 65 33.15 59.60 0.10
C GLY I 65 32.49 58.25 -0.17
N PRO I 66 31.17 58.12 0.14
CA PRO I 66 30.44 56.85 0.03
C PRO I 66 30.73 55.94 -1.16
N ASP I 67 31.06 56.52 -2.33
CA ASP I 67 31.37 55.73 -3.50
C ASP I 67 32.55 54.80 -3.22
N ASP I 68 33.53 55.28 -2.44
CA ASP I 68 34.74 54.54 -2.08
C ASP I 68 34.49 53.64 -0.87
N TRP I 69 33.83 54.21 0.16
CA TRP I 69 33.47 53.51 1.38
C TRP I 69 32.63 52.27 1.07
N TRP I 70 31.87 52.35 -0.02
CA TRP I 70 31.02 51.24 -0.45
C TRP I 70 31.87 50.07 -0.96
N GLN I 71 32.95 50.38 -1.70
CA GLN I 71 33.85 49.36 -2.21
C GLN I 71 34.48 48.55 -1.06
N ASP I 72 34.85 49.25 0.02
CA ASP I 72 35.45 48.66 1.20
C ASP I 72 34.46 47.77 1.96
N VAL I 73 33.15 48.02 1.82
CA VAL I 73 32.11 47.19 2.43
C VAL I 73 31.85 45.95 1.56
N MET I 74 31.79 46.16 0.23
CA MET I 74 31.63 45.09 -0.76
C MET I 74 32.85 44.16 -0.75
N ASN I 75 34.07 44.73 -0.78
CA ASN I 75 35.33 44.00 -0.71
C ASN I 75 35.39 43.17 0.59
N GLY I 76 34.85 43.71 1.68
CA GLY I 76 34.75 43.00 2.95
C GLY I 76 33.70 41.88 2.97
N TYR I 77 32.63 42.05 2.18
CA TYR I 77 31.69 40.97 1.92
C TYR I 77 32.38 39.88 1.09
N GLU I 78 33.02 40.30 -0.02
CA GLU I 78 33.71 39.41 -0.94
C GLU I 78 34.88 38.72 -0.25
N PHE I 79 35.55 39.43 0.66
CA PHE I 79 36.63 38.87 1.46
C PHE I 79 36.10 37.63 2.19
N LEU I 80 35.02 37.80 2.95
CA LEU I 80 34.39 36.70 3.67
C LEU I 80 33.88 35.62 2.70
N LYS I 81 33.36 36.05 1.55
CA LYS I 81 32.82 35.14 0.54
C LYS I 81 33.90 34.19 0.02
N ASN I 82 35.02 34.76 -0.45
CA ASN I 82 36.11 34.01 -1.05
C ASN I 82 36.83 33.12 -0.04
N LYS I 83 36.68 33.40 1.27
CA LYS I 83 37.10 32.47 2.32
C LYS I 83 36.12 31.29 2.38
N GLY I 84 35.04 31.37 1.59
CA GLY I 84 34.13 30.24 1.43
C GLY I 84 33.15 30.14 2.58
N TYR I 85 32.78 31.29 3.15
CA TYR I 85 31.65 31.39 4.07
C TYR I 85 30.43 31.80 3.24
N GLU I 86 29.32 31.06 3.37
CA GLU I 86 28.15 31.38 2.55
C GLU I 86 27.19 32.27 3.34
N LYS I 87 26.64 31.78 4.46
CA LYS I 87 25.72 32.61 5.24
C LYS I 87 26.49 33.68 6.02
N ILE I 88 26.28 34.96 5.65
CA ILE I 88 26.99 36.11 6.21
C ILE I 88 25.99 37.10 6.82
N ALA I 89 25.96 37.20 8.16
CA ALA I 89 25.28 38.27 8.87
C ALA I 89 26.14 39.54 8.83
N VAL I 90 25.56 40.68 9.22
CA VAL I 90 26.27 41.95 9.20
C VAL I 90 25.76 42.82 10.34
N ALA I 91 26.70 43.54 10.97
CA ALA I 91 26.41 44.50 12.01
C ALA I 91 27.26 45.75 11.76
N GLY I 92 26.65 46.92 11.91
CA GLY I 92 27.33 48.18 11.64
C GLY I 92 26.91 49.25 12.65
N LEU I 93 27.84 50.15 12.98
CA LEU I 93 27.57 51.27 13.87
C LEU I 93 27.40 52.55 13.05
N SER I 94 26.35 53.35 13.37
CA SER I 94 26.14 54.66 12.78
C SER I 94 26.09 54.55 11.26
N LEU I 95 26.99 55.25 10.55
CA LEU I 95 27.22 55.06 9.12
C LEU I 95 27.37 53.58 8.74
N GLY I 96 27.98 52.77 9.62
CA GLY I 96 28.04 51.33 9.42
C GLY I 96 26.64 50.71 9.30
N GLY I 97 25.73 51.16 10.17
CA GLY I 97 24.32 50.82 10.11
C GLY I 97 23.71 51.05 8.71
N VAL I 98 23.87 52.26 8.17
CA VAL I 98 23.39 52.61 6.83
C VAL I 98 23.96 51.63 5.81
N PHE I 99 25.22 51.22 5.97
CA PHE I 99 25.86 50.35 4.99
C PHE I 99 25.36 48.92 5.13
N SER I 100 25.11 48.48 6.37
CA SER I 100 24.46 47.19 6.61
C SER I 100 23.17 47.11 5.78
N LEU I 101 22.28 48.10 5.99
CA LEU I 101 20.93 48.11 5.42
C LEU I 101 21.03 48.07 3.89
N LYS I 102 21.86 48.95 3.33
CA LYS I 102 22.08 48.96 1.89
C LYS I 102 22.54 47.58 1.43
N LEU I 103 23.40 46.94 2.21
CA LEU I 103 23.92 45.65 1.85
C LEU I 103 22.76 44.64 1.86
N GLY I 104 21.80 44.84 2.78
CA GLY I 104 20.72 43.89 3.01
C GLY I 104 19.61 43.92 1.95
N TYR I 105 19.78 44.75 0.91
CA TYR I 105 18.95 44.69 -0.28
C TYR I 105 19.84 44.65 -1.52
N THR I 106 21.09 44.18 -1.39
CA THR I 106 22.01 44.11 -2.52
C THR I 106 22.57 42.69 -2.68
N VAL I 107 22.64 41.92 -1.57
CA VAL I 107 23.24 40.58 -1.55
C VAL I 107 22.60 39.77 -0.41
N PRO I 108 22.74 38.43 -0.39
CA PRO I 108 22.10 37.61 0.65
C PRO I 108 22.79 37.81 1.99
N ILE I 109 22.03 38.40 2.92
CA ILE I 109 22.46 38.66 4.28
C ILE I 109 21.61 37.81 5.21
N GLU I 110 22.26 36.92 5.96
CA GLU I 110 21.50 36.03 6.82
C GLU I 110 20.71 36.89 7.81
N GLY I 111 21.30 38.00 8.26
CA GLY I 111 20.65 38.91 9.19
C GLY I 111 21.32 40.28 9.23
N ILE I 112 20.63 41.26 9.85
CA ILE I 112 21.08 42.65 9.90
C ILE I 112 20.96 43.17 11.33
N VAL I 113 22.07 43.73 11.84
CA VAL I 113 22.08 44.57 13.05
C VAL I 113 22.49 45.99 12.64
N THR I 114 21.71 46.98 13.11
CA THR I 114 21.98 48.38 12.77
C THR I 114 21.97 49.19 14.07
N MET I 115 23.14 49.79 14.36
CA MET I 115 23.39 50.44 15.64
C MET I 115 23.46 51.95 15.43
N CYS I 116 22.37 52.62 15.83
CA CYS I 116 22.30 54.07 15.96
C CYS I 116 22.55 54.78 14.63
N ALA I 117 22.02 54.18 13.55
CA ALA I 117 22.20 54.73 12.21
C ALA I 117 21.34 55.97 12.03
N PRO I 118 21.82 56.96 11.26
CA PRO I 118 21.07 58.20 11.03
C PRO I 118 20.18 58.17 9.79
N MET I 119 18.97 58.74 9.94
CA MET I 119 18.02 58.78 8.83
C MET I 119 17.42 60.18 8.65
N TYR I 120 17.70 61.12 9.57
CA TYR I 120 17.17 62.48 9.49
C TYR I 120 18.30 63.50 9.29
N ILE I 121 18.20 64.68 9.93
CA ILE I 121 18.99 65.84 9.51
C ILE I 121 19.81 66.46 10.66
N LYS I 122 19.80 65.87 11.87
CA LYS I 122 20.73 66.28 12.91
C LYS I 122 22.15 65.87 12.52
N SER I 123 22.24 64.70 11.88
CA SER I 123 23.48 64.08 11.43
C SER I 123 24.19 64.89 10.34
N GLU I 124 23.51 65.89 9.76
CA GLU I 124 24.18 66.79 8.86
C GLU I 124 25.18 67.64 9.65
N GLU I 125 24.70 68.22 10.75
CA GLU I 125 25.47 69.25 11.45
C GLU I 125 26.54 68.57 12.32
N THR I 126 26.14 67.61 13.16
CA THR I 126 27.07 66.91 14.02
C THR I 126 28.18 66.24 13.19
N SER I 127 27.85 65.71 12.01
CA SER I 127 28.83 65.02 11.17
C SER I 127 29.96 65.96 10.75
N TYR I 128 29.64 67.24 10.51
CA TYR I 128 30.64 68.29 10.30
C TYR I 128 31.52 68.38 11.53
N GLU I 129 30.91 68.59 12.71
CA GLU I 129 31.62 68.82 13.95
C GLU I 129 32.43 67.60 14.37
N LEU I 130 32.00 66.40 13.95
CA LEU I 130 32.74 65.21 14.28
C LEU I 130 33.93 65.07 13.33
N VAL I 131 33.85 65.66 12.13
CA VAL I 131 34.99 65.64 11.23
C VAL I 131 36.01 66.67 11.71
N LEU I 132 35.53 67.79 12.26
CA LEU I 132 36.41 68.78 12.87
C LEU I 132 37.10 68.17 14.08
N GLU I 133 36.34 67.45 14.92
CA GLU I 133 36.85 66.89 16.16
C GLU I 133 37.94 65.84 15.88
N TYR I 134 37.69 64.90 14.96
CA TYR I 134 38.70 63.89 14.62
C TYR I 134 39.97 64.57 14.14
N ALA I 135 39.83 65.76 13.54
CA ALA I 135 40.95 66.45 12.91
C ALA I 135 41.80 67.22 13.92
N ARG I 136 41.17 67.79 14.97
CA ARG I 136 41.90 68.45 16.06
C ARG I 136 42.72 67.44 16.85
N GLU I 137 42.12 66.29 17.17
CA GLU I 137 42.73 65.24 17.97
C GLU I 137 43.86 64.53 17.22
N TYR I 138 43.71 64.38 15.90
CA TYR I 138 44.74 63.79 15.05
C TYR I 138 45.97 64.70 15.02
N LYS I 139 45.76 66.02 15.08
CA LYS I 139 46.87 66.96 15.13
C LYS I 139 47.51 66.94 16.51
N LYS I 140 46.71 66.83 17.58
CA LYS I 140 47.25 66.81 18.94
C LYS I 140 48.09 65.55 19.17
N ARG I 141 47.68 64.43 18.55
CA ARG I 141 48.47 63.21 18.55
C ARG I 141 49.86 63.49 17.96
N GLU I 142 49.91 64.14 16.78
CA GLU I 142 51.14 64.42 16.06
C GLU I 142 52.11 65.36 16.79
N GLY I 143 51.74 65.81 18.01
CA GLY I 143 52.58 66.66 18.84
C GLY I 143 52.61 68.11 18.35
N LYS I 144 51.52 68.51 17.67
CA LYS I 144 51.48 69.73 16.88
C LYS I 144 51.15 70.90 17.80
N SER I 145 51.62 72.12 17.43
CA SER I 145 51.53 73.30 18.27
C SER I 145 50.13 73.94 18.21
N GLU I 146 49.74 74.56 19.34
CA GLU I 146 48.38 75.01 19.60
C GLU I 146 47.90 75.99 18.53
N GLU I 147 48.83 76.75 17.92
CA GLU I 147 48.45 77.73 16.91
C GLU I 147 48.57 77.15 15.50
N GLN I 148 49.51 76.22 15.28
CA GLN I 148 49.68 75.65 13.94
C GLN I 148 48.61 74.58 13.72
N ILE I 149 47.97 74.14 14.81
CA ILE I 149 46.72 73.40 14.74
C ILE I 149 45.70 74.25 14.01
N GLU I 150 45.41 75.44 14.54
CA GLU I 150 44.28 76.23 14.09
C GLU I 150 44.61 76.99 12.80
N GLN I 151 45.91 77.06 12.46
CA GLN I 151 46.30 77.46 11.12
C GLN I 151 45.79 76.43 10.11
N GLU I 152 46.11 75.14 10.33
CA GLU I 152 45.74 74.07 9.40
C GLU I 152 44.24 73.81 9.41
N MET I 153 43.54 74.19 10.49
CA MET I 153 42.11 73.98 10.63
C MET I 153 41.31 74.90 9.72
N GLU I 154 41.86 76.08 9.36
CA GLU I 154 41.15 77.04 8.52
C GLU I 154 40.98 76.51 7.10
N LYS I 155 42.05 75.96 6.52
CA LYS I 155 41.94 75.32 5.21
C LYS I 155 40.89 74.23 5.28
N PHE I 156 40.77 73.64 6.47
CA PHE I 156 39.98 72.43 6.70
C PHE I 156 38.49 72.71 6.87
N LYS I 157 38.11 73.95 7.23
CA LYS I 157 36.71 74.29 7.37
C LYS I 157 36.15 74.72 6.01
N GLN I 158 36.87 74.38 4.92
CA GLN I 158 36.44 74.65 3.56
C GLN I 158 36.41 73.39 2.70
N THR I 159 37.14 72.33 3.10
CA THR I 159 37.23 71.09 2.34
C THR I 159 36.15 70.06 2.72
N PRO I 160 35.47 70.12 3.90
CA PRO I 160 34.66 68.99 4.36
C PRO I 160 33.18 69.03 3.97
N MET I 161 32.84 69.67 2.85
CA MET I 161 31.46 69.78 2.41
C MET I 161 31.16 68.66 1.42
N LYS I 162 32.04 68.47 0.42
CA LYS I 162 31.78 67.58 -0.71
C LYS I 162 31.77 66.12 -0.25
N THR I 163 32.28 65.81 0.95
CA THR I 163 32.13 64.49 1.55
C THR I 163 30.79 64.40 2.28
N LEU I 164 30.43 65.45 3.02
CA LEU I 164 29.26 65.44 3.89
C LEU I 164 27.97 65.49 3.09
N LYS I 165 28.05 65.95 1.83
CA LYS I 165 26.89 66.07 0.98
C LYS I 165 26.64 64.74 0.25
N ALA I 166 27.71 63.98 -0.03
CA ALA I 166 27.56 62.63 -0.55
C ALA I 166 27.02 61.72 0.55
N LEU I 167 27.33 62.05 1.82
CA LEU I 167 26.83 61.32 2.95
C LEU I 167 25.31 61.43 3.01
N GLN I 168 24.77 62.58 2.57
CA GLN I 168 23.34 62.81 2.48
C GLN I 168 22.74 61.88 1.44
N GLU I 169 23.28 61.99 0.22
CA GLU I 169 22.99 61.14 -0.93
C GLU I 169 22.85 59.68 -0.50
N LEU I 170 23.61 59.25 0.53
CA LEU I 170 23.63 57.88 0.98
C LEU I 170 22.51 57.59 1.98
N LYS I 171 22.27 58.49 2.95
CA LYS I 171 21.24 58.25 3.96
C LYS I 171 19.86 58.22 3.29
N ALA I 172 19.58 59.26 2.50
CA ALA I 172 18.28 59.43 1.85
C ALA I 172 18.05 58.33 0.81
N ASP I 173 19.07 58.00 -0.01
CA ASP I 173 18.97 56.89 -0.95
C ASP I 173 18.64 55.58 -0.26
N VAL I 174 19.34 55.26 0.84
CA VAL I 174 19.12 54.01 1.55
C VAL I 174 17.73 54.01 2.18
N ARG I 175 17.24 55.20 2.59
CA ARG I 175 15.92 55.33 3.18
C ARG I 175 14.82 55.07 2.14
N ASP I 176 15.07 55.47 0.88
CA ASP I 176 14.15 55.21 -0.22
C ASP I 176 14.06 53.71 -0.53
N HIS I 177 15.12 52.96 -0.19
CA HIS I 177 15.21 51.54 -0.49
C HIS I 177 14.99 50.66 0.75
N LEU I 178 14.55 51.25 1.87
CA LEU I 178 14.27 50.51 3.11
C LEU I 178 13.27 49.37 2.88
N ASP I 179 12.23 49.63 2.08
CA ASP I 179 11.09 48.74 1.94
C ASP I 179 11.43 47.54 1.05
N LEU I 180 12.66 47.51 0.50
CA LEU I 180 13.16 46.38 -0.28
C LEU I 180 13.87 45.35 0.62
N ILE I 181 13.84 45.58 1.94
CA ILE I 181 14.63 44.81 2.89
C ILE I 181 13.71 43.78 3.55
N TYR I 182 14.00 42.49 3.29
CA TYR I 182 13.25 41.38 3.85
C TYR I 182 14.05 40.65 4.92
N ALA I 183 15.39 40.79 4.87
CA ALA I 183 16.31 40.07 5.74
C ALA I 183 16.01 40.41 7.20
N PRO I 184 16.04 39.42 8.13
CA PRO I 184 15.69 39.68 9.52
C PRO I 184 16.63 40.70 10.16
N THR I 185 16.07 41.67 10.90
CA THR I 185 16.78 42.88 11.27
C THR I 185 16.64 43.16 12.75
N PHE I 186 17.78 43.49 13.38
CA PHE I 186 17.84 44.02 14.73
C PHE I 186 18.17 45.52 14.64
N VAL I 187 17.22 46.36 15.07
CA VAL I 187 17.43 47.79 15.16
C VAL I 187 17.78 48.10 16.62
N VAL I 188 19.02 48.60 16.81
CA VAL I 188 19.52 48.96 18.12
C VAL I 188 19.74 50.47 18.13
N GLN I 189 19.24 51.11 19.18
CA GLN I 189 19.28 52.55 19.28
C GLN I 189 19.48 52.95 20.74
N ALA I 190 20.37 53.91 20.95
CA ALA I 190 20.58 54.52 22.24
C ALA I 190 19.56 55.65 22.43
N ARG I 191 18.91 55.66 23.58
CA ARG I 191 17.92 56.68 23.88
C ARG I 191 18.55 58.06 23.73
N HIS I 192 19.60 58.31 24.53
CA HIS I 192 20.22 59.63 24.64
C HIS I 192 21.41 59.71 23.69
N ASP I 193 21.11 59.64 22.38
CA ASP I 193 22.10 59.67 21.30
C ASP I 193 22.21 61.10 20.78
N GLU I 194 23.34 61.77 21.03
CA GLU I 194 23.41 63.19 20.74
C GLU I 194 24.03 63.46 19.38
N MET I 195 24.04 62.45 18.49
CA MET I 195 24.64 62.60 17.17
C MET I 195 23.62 62.46 16.02
N ILE I 196 22.54 61.68 16.23
CA ILE I 196 21.39 61.70 15.33
C ILE I 196 20.08 61.57 16.13
N ASN I 197 19.03 62.19 15.56
CA ASN I 197 17.63 62.10 16.01
C ASN I 197 17.28 60.63 16.26
N PRO I 198 16.99 60.24 17.53
CA PRO I 198 16.80 58.83 17.86
C PRO I 198 15.63 58.14 17.16
N ASP I 199 14.65 58.92 16.69
CA ASP I 199 13.49 58.38 16.00
C ASP I 199 13.93 57.71 14.70
N SER I 200 15.13 58.06 14.18
CA SER I 200 15.73 57.37 13.04
C SER I 200 15.53 55.86 13.15
N ALA I 201 15.46 55.34 14.38
CA ALA I 201 15.34 53.90 14.62
C ALA I 201 13.93 53.42 14.27
N ASN I 202 12.93 54.21 14.68
CA ASN I 202 11.53 53.90 14.38
C ASN I 202 11.30 53.88 12.87
N ILE I 203 11.93 54.81 12.14
CA ILE I 203 11.84 54.87 10.70
C ILE I 203 12.37 53.58 10.06
N ILE I 204 13.45 53.02 10.59
CA ILE I 204 14.04 51.83 9.99
C ILE I 204 13.14 50.62 10.30
N TYR I 205 12.72 50.52 11.57
CA TYR I 205 11.93 49.40 12.06
C TYR I 205 10.59 49.27 11.30
N ASN I 206 10.06 50.41 10.83
CA ASN I 206 8.70 50.48 10.30
C ASN I 206 8.66 50.29 8.80
N GLU I 207 9.68 50.79 8.09
CA GLU I 207 9.60 50.90 6.64
C GLU I 207 10.30 49.71 5.96
N ILE I 208 10.99 48.87 6.73
CA ILE I 208 11.54 47.62 6.23
C ILE I 208 10.43 46.57 6.19
N GLU I 209 10.49 45.69 5.18
CA GLU I 209 9.48 44.69 4.96
C GLU I 209 9.92 43.33 5.55
N SER I 210 10.82 43.37 6.55
CA SER I 210 11.37 42.16 7.15
C SER I 210 10.29 41.49 8.00
N PRO I 211 9.89 40.23 7.71
CA PRO I 211 8.98 39.48 8.59
C PRO I 211 9.49 39.36 10.03
N VAL I 212 10.71 38.83 10.20
CA VAL I 212 11.34 38.74 11.51
C VAL I 212 12.15 40.02 11.72
N LYS I 213 11.86 40.75 12.80
CA LYS I 213 12.58 41.98 13.15
C LYS I 213 12.29 42.34 14.60
N GLN I 214 13.21 43.09 15.23
CA GLN I 214 13.02 43.59 16.59
C GLN I 214 13.71 44.94 16.75
N ILE I 215 13.44 45.63 17.87
CA ILE I 215 14.05 46.91 18.17
C ILE I 215 14.34 46.99 19.66
N LYS I 216 15.49 47.57 20.04
CA LYS I 216 15.74 47.74 21.46
C LYS I 216 16.26 49.15 21.76
N TRP I 217 15.81 49.70 22.90
CA TRP I 217 16.13 51.06 23.31
C TRP I 217 17.03 51.01 24.55
N TYR I 218 18.28 51.46 24.39
CA TYR I 218 19.28 51.40 25.45
C TYR I 218 19.28 52.71 26.21
N GLU I 219 19.06 52.62 27.53
CA GLU I 219 18.67 53.78 28.32
C GLU I 219 19.91 54.55 28.79
N GLN I 220 21.11 53.96 28.67
CA GLN I 220 22.31 54.58 29.19
C GLN I 220 23.48 54.37 28.24
N SER I 221 23.24 54.48 26.93
CA SER I 221 24.32 54.53 25.96
C SER I 221 24.24 55.84 25.18
N GLY I 222 25.35 56.20 24.52
CA GLY I 222 25.41 57.32 23.60
C GLY I 222 25.56 56.81 22.17
N HIS I 223 25.69 57.73 21.21
CA HIS I 223 25.79 57.35 19.81
C HIS I 223 26.70 56.12 19.67
N VAL I 224 27.85 56.16 20.35
CA VAL I 224 28.86 55.10 20.26
C VAL I 224 28.61 54.07 21.37
N ILE I 225 27.70 53.13 21.09
CA ILE I 225 27.10 52.24 22.08
C ILE I 225 28.00 51.00 22.30
N THR I 226 28.81 50.67 21.28
CA THR I 226 29.70 49.53 21.35
C THR I 226 30.84 49.75 22.35
N LEU I 227 31.15 51.02 22.65
CA LEU I 227 32.24 51.38 23.54
C LEU I 227 31.71 52.01 24.82
N ASP I 228 30.38 51.96 25.03
CA ASP I 228 29.76 52.66 26.15
C ASP I 228 29.53 51.63 27.25
N GLN I 229 28.75 51.99 28.29
CA GLN I 229 28.65 51.18 29.51
C GLN I 229 27.68 50.00 29.38
N GLU I 230 26.84 49.97 28.32
CA GLU I 230 25.85 48.91 28.16
C GLU I 230 26.25 47.97 27.03
N LYS I 231 27.54 47.94 26.69
CA LYS I 231 28.06 47.09 25.64
C LYS I 231 27.94 45.62 26.01
N ASP I 232 27.93 45.28 27.32
CA ASP I 232 27.83 43.90 27.76
C ASP I 232 26.49 43.28 27.38
N GLN I 233 25.40 44.01 27.68
CA GLN I 233 24.07 43.68 27.17
C GLN I 233 24.08 43.63 25.65
N LEU I 234 24.40 44.76 25.00
CA LEU I 234 24.44 44.82 23.55
C LEU I 234 25.05 43.55 22.98
N HIS I 235 26.24 43.18 23.49
CA HIS I 235 26.95 41.97 23.11
C HIS I 235 26.03 40.74 23.20
N GLU I 236 25.39 40.57 24.37
CA GLU I 236 24.51 39.44 24.62
C GLU I 236 23.35 39.44 23.64
N ASP I 237 22.74 40.61 23.45
CA ASP I 237 21.54 40.79 22.66
C ASP I 237 21.81 40.53 21.17
N ILE I 238 23.03 40.83 20.71
CA ILE I 238 23.36 40.63 19.31
C ILE I 238 23.70 39.17 19.07
N TYR I 239 24.18 38.51 20.13
CA TYR I 239 24.35 37.07 20.14
C TYR I 239 22.97 36.42 20.07
N ALA I 240 22.12 36.72 21.06
CA ALA I 240 20.78 36.13 21.15
C ALA I 240 20.10 36.24 19.78
N PHE I 241 19.98 37.47 19.26
CA PHE I 241 19.44 37.70 17.92
C PHE I 241 20.03 36.67 16.95
N LEU I 242 21.37 36.61 16.88
CA LEU I 242 22.06 35.83 15.85
C LEU I 242 21.75 34.34 15.96
N GLU I 243 21.52 33.85 17.19
CA GLU I 243 21.28 32.44 17.43
C GLU I 243 19.91 32.03 16.87
N SER I 244 18.92 32.94 16.97
CA SER I 244 17.56 32.70 16.55
C SER I 244 17.40 32.58 15.03
N LEU I 245 18.39 33.05 14.27
CA LEU I 245 18.34 32.93 12.80
C LEU I 245 18.49 31.47 12.37
N ASP I 246 18.41 31.19 11.07
CA ASP I 246 18.44 29.79 10.58
C ASP I 246 19.86 29.26 10.55
N TRP I 247 20.61 29.63 9.52
CA TRP I 247 22.02 29.18 9.39
C TRP I 247 22.06 27.69 9.03
N LEU I 248 21.03 27.19 8.35
CA LEU I 248 21.05 25.76 7.91
C LEU I 248 22.17 25.57 6.89
#